data_2EBL
#
_entry.id   2EBL
#
loop_
_entity.id
_entity.type
_entity.pdbx_description
1 polymer 'COUP transcription factor 1'
2 non-polymer 'ZINC ION'
#
_entity_poly.entity_id   1
_entity_poly.type   'polypeptide(L)'
_entity_poly.pdbx_seq_one_letter_code
;GSSGSSGIECVVCGDKSSGKHYGQFTCEGCKSFFKRSVRRNLTYTCRANRNCPIDQHHRNQCQYCRLKKCLKVGMRREAV
QRGSGPSSG
;
_entity_poly.pdbx_strand_id   A
#
loop_
_chem_comp.id
_chem_comp.type
_chem_comp.name
_chem_comp.formula
ZN non-polymer 'ZINC ION' 'Zn 2'
#
# COMPACT_ATOMS: atom_id res chain seq x y z
N GLY A 1 21.10 -6.63 13.28
CA GLY A 1 20.78 -6.12 14.60
C GLY A 1 19.68 -5.07 14.56
N SER A 2 18.68 -5.29 13.72
CA SER A 2 17.57 -4.35 13.59
C SER A 2 16.33 -4.86 14.32
N SER A 3 16.53 -5.41 15.51
CA SER A 3 15.42 -5.94 16.30
C SER A 3 14.99 -4.94 17.36
N GLY A 4 13.93 -5.28 18.10
CA GLY A 4 13.42 -4.40 19.13
C GLY A 4 12.37 -3.45 18.63
N SER A 5 11.25 -4.01 18.17
CA SER A 5 10.15 -3.19 17.65
C SER A 5 8.81 -3.66 18.22
N SER A 6 7.76 -2.91 17.93
CA SER A 6 6.42 -3.24 18.42
C SER A 6 5.54 -3.73 17.27
N GLY A 7 5.71 -5.00 16.90
CA GLY A 7 4.92 -5.57 15.83
C GLY A 7 5.49 -5.25 14.46
N ILE A 8 4.75 -5.61 13.41
CA ILE A 8 5.19 -5.36 12.04
C ILE A 8 4.94 -3.92 11.63
N GLU A 9 5.73 -3.43 10.69
CA GLU A 9 5.59 -2.07 10.21
C GLU A 9 5.12 -2.04 8.76
N CYS A 10 4.57 -0.91 8.34
CA CYS A 10 4.07 -0.75 6.97
C CYS A 10 5.22 -0.55 6.00
N VAL A 11 5.35 -1.49 5.05
CA VAL A 11 6.41 -1.42 4.05
C VAL A 11 6.19 -0.26 3.09
N VAL A 12 5.11 0.49 3.31
CA VAL A 12 4.78 1.63 2.47
C VAL A 12 5.09 2.95 3.17
N CYS A 13 4.58 3.10 4.39
CA CYS A 13 4.81 4.31 5.17
C CYS A 13 5.57 3.99 6.45
N GLY A 14 5.60 2.72 6.81
CA GLY A 14 6.30 2.31 8.02
C GLY A 14 5.35 2.12 9.19
N ASP A 15 4.17 2.72 9.11
CA ASP A 15 3.19 2.62 10.16
C ASP A 15 2.97 1.16 10.57
N LYS A 16 2.83 0.93 11.87
CA LYS A 16 2.62 -0.42 12.39
C LYS A 16 1.61 -1.17 11.54
N SER A 17 2.11 -2.08 10.69
CA SER A 17 1.24 -2.87 9.82
C SER A 17 0.16 -3.58 10.62
N SER A 18 -1.06 -3.56 10.11
CA SER A 18 -2.19 -4.19 10.78
C SER A 18 -2.33 -5.66 10.34
N GLY A 19 -1.20 -6.26 9.97
CA GLY A 19 -1.22 -7.64 9.53
C GLY A 19 -0.92 -7.79 8.06
N LYS A 20 -0.57 -9.02 7.65
CA LYS A 20 -0.26 -9.28 6.25
C LYS A 20 -1.48 -9.04 5.36
N HIS A 21 -1.49 -7.90 4.67
CA HIS A 21 -2.59 -7.56 3.78
C HIS A 21 -2.13 -7.54 2.33
N TYR A 22 -2.89 -8.22 1.47
CA TYR A 22 -2.56 -8.29 0.05
C TYR A 22 -1.24 -9.04 -0.17
N GLY A 23 -0.90 -9.91 0.77
CA GLY A 23 0.33 -10.67 0.67
C GLY A 23 1.49 -10.00 1.39
N GLN A 24 1.40 -8.69 1.57
CA GLN A 24 2.45 -7.94 2.24
C GLN A 24 1.91 -7.28 3.51
N PHE A 25 2.81 -6.99 4.44
CA PHE A 25 2.43 -6.36 5.70
C PHE A 25 2.29 -4.85 5.54
N THR A 26 1.06 -4.36 5.64
CA THR A 26 0.78 -2.94 5.50
C THR A 26 -0.20 -2.45 6.54
N CYS A 27 -0.10 -1.17 6.90
CA CYS A 27 -0.99 -0.59 7.90
C CYS A 27 -2.41 -0.44 7.34
N GLU A 28 -3.32 0.03 8.19
CA GLU A 28 -4.71 0.23 7.78
C GLU A 28 -4.83 1.41 6.82
N GLY A 29 -3.94 2.38 6.97
CA GLY A 29 -3.97 3.55 6.11
C GLY A 29 -3.71 3.21 4.66
N CYS A 30 -2.67 2.42 4.41
CA CYS A 30 -2.32 2.02 3.05
C CYS A 30 -3.14 0.81 2.61
N LYS A 31 -3.55 -0.01 3.57
CA LYS A 31 -4.34 -1.19 3.28
C LYS A 31 -5.57 -0.83 2.44
N SER A 32 -6.28 0.20 2.88
CA SER A 32 -7.48 0.65 2.17
C SER A 32 -7.12 1.49 0.95
N PHE A 33 -6.12 2.37 1.13
CA PHE A 33 -5.68 3.24 0.04
C PHE A 33 -5.27 2.41 -1.18
N PHE A 34 -4.78 1.21 -0.93
CA PHE A 34 -4.36 0.32 -2.02
C PHE A 34 -5.56 -0.26 -2.75
N LYS A 35 -6.50 -0.80 -1.98
CA LYS A 35 -7.71 -1.40 -2.54
C LYS A 35 -8.54 -0.35 -3.27
N ARG A 36 -9.03 0.62 -2.52
CA ARG A 36 -9.84 1.69 -3.09
C ARG A 36 -9.38 2.05 -4.49
N SER A 37 -8.08 1.87 -4.74
CA SER A 37 -7.50 2.17 -6.05
C SER A 37 -7.46 0.94 -6.93
N VAL A 38 -7.00 -0.17 -6.35
CA VAL A 38 -6.91 -1.43 -7.08
C VAL A 38 -8.29 -1.93 -7.49
N ARG A 39 -9.14 -2.19 -6.50
CA ARG A 39 -10.49 -2.67 -6.77
C ARG A 39 -11.23 -1.72 -7.70
N ARG A 40 -10.85 -0.45 -7.68
CA ARG A 40 -11.47 0.55 -8.53
C ARG A 40 -10.74 0.68 -9.86
N ASN A 41 -9.52 0.17 -9.90
CA ASN A 41 -8.71 0.23 -11.12
C ASN A 41 -8.34 1.66 -11.46
N LEU A 42 -7.97 2.43 -10.44
CA LEU A 42 -7.59 3.83 -10.62
C LEU A 42 -6.14 3.94 -11.10
N THR A 43 -5.72 5.16 -11.40
CA THR A 43 -4.36 5.40 -11.87
C THR A 43 -3.97 6.87 -11.70
N TYR A 44 -3.13 7.14 -10.71
CA TYR A 44 -2.68 8.50 -10.45
C TYR A 44 -1.39 8.81 -11.20
N THR A 45 -1.20 10.09 -11.53
CA THR A 45 -0.01 10.51 -12.26
C THR A 45 0.87 11.40 -11.40
N CYS A 46 1.94 10.83 -10.86
CA CYS A 46 2.86 11.57 -10.01
C CYS A 46 3.44 12.77 -10.75
N ARG A 47 3.00 13.97 -10.37
CA ARG A 47 3.47 15.19 -11.01
C ARG A 47 4.97 15.37 -10.78
N ALA A 48 5.55 14.52 -9.95
CA ALA A 48 6.98 14.57 -9.66
C ALA A 48 7.73 13.48 -10.39
N ASN A 49 9.02 13.35 -10.07
CA ASN A 49 9.86 12.33 -10.71
C ASN A 49 9.66 10.97 -10.04
N ARG A 50 8.45 10.73 -9.55
CA ARG A 50 8.13 9.47 -8.89
C ARG A 50 9.16 9.14 -7.83
N ASN A 51 9.62 10.16 -7.12
CA ASN A 51 10.61 9.97 -6.06
C ASN A 51 10.13 10.56 -4.75
N CYS A 52 8.82 10.75 -4.63
CA CYS A 52 8.22 11.31 -3.42
C CYS A 52 8.41 10.36 -2.25
N PRO A 53 8.89 10.91 -1.12
CA PRO A 53 9.13 10.13 0.10
C PRO A 53 7.83 9.67 0.76
N ILE A 54 7.47 8.41 0.56
CA ILE A 54 6.26 7.86 1.13
C ILE A 54 6.51 7.33 2.54
N ASP A 55 6.49 8.22 3.52
CA ASP A 55 6.71 7.85 4.91
C ASP A 55 5.41 7.92 5.70
N GLN A 56 5.50 7.63 6.99
CA GLN A 56 4.33 7.66 7.86
C GLN A 56 4.18 9.02 8.54
N HIS A 57 5.30 9.58 8.98
CA HIS A 57 5.29 10.89 9.64
C HIS A 57 5.19 12.01 8.61
N HIS A 58 4.24 11.88 7.70
CA HIS A 58 4.05 12.89 6.66
C HIS A 58 2.59 12.91 6.19
N ARG A 59 1.97 14.07 6.27
CA ARG A 59 0.57 14.22 5.85
C ARG A 59 0.35 13.60 4.48
N ASN A 60 -0.90 13.60 4.02
CA ASN A 60 -1.25 13.03 2.72
C ASN A 60 -0.10 13.23 1.72
N GLN A 61 0.62 12.14 1.46
CA GLN A 61 1.74 12.19 0.52
C GLN A 61 1.29 11.82 -0.88
N CYS A 62 2.22 11.85 -1.83
CA CYS A 62 1.92 11.52 -3.22
C CYS A 62 0.92 10.36 -3.30
N GLN A 63 0.21 10.28 -4.41
CA GLN A 63 -0.78 9.23 -4.61
C GLN A 63 -0.21 8.09 -5.46
N TYR A 64 0.29 8.44 -6.64
CA TYR A 64 0.87 7.45 -7.55
C TYR A 64 2.01 6.70 -6.88
N CYS A 65 2.91 7.44 -6.24
CA CYS A 65 4.04 6.84 -5.55
C CYS A 65 3.58 5.89 -4.45
N ARG A 66 2.73 6.40 -3.56
CA ARG A 66 2.21 5.61 -2.46
C ARG A 66 1.50 4.35 -2.97
N LEU A 67 0.62 4.55 -3.95
CA LEU A 67 -0.12 3.43 -4.54
C LEU A 67 0.83 2.42 -5.19
N LYS A 68 1.74 2.92 -6.01
CA LYS A 68 2.70 2.06 -6.69
C LYS A 68 3.54 1.27 -5.68
N LYS A 69 4.13 1.99 -4.73
CA LYS A 69 4.95 1.35 -3.70
C LYS A 69 4.35 0.01 -3.28
N CYS A 70 3.04 -0.11 -3.40
CA CYS A 70 2.35 -1.34 -3.02
C CYS A 70 2.77 -2.49 -3.94
N LEU A 71 2.67 -2.26 -5.25
CA LEU A 71 3.04 -3.28 -6.23
C LEU A 71 4.55 -3.52 -6.23
N LYS A 72 5.29 -2.61 -5.61
CA LYS A 72 6.74 -2.72 -5.54
C LYS A 72 7.16 -3.56 -4.33
N VAL A 73 6.76 -3.13 -3.14
CA VAL A 73 7.08 -3.85 -1.92
C VAL A 73 6.69 -5.32 -2.01
N GLY A 74 5.53 -5.57 -2.61
CA GLY A 74 5.05 -6.94 -2.75
C GLY A 74 3.55 -7.01 -2.90
N MET A 75 2.85 -6.11 -2.24
CA MET A 75 1.39 -6.08 -2.28
C MET A 75 0.88 -6.49 -3.66
N ARG A 76 0.03 -7.52 -3.69
CA ARG A 76 -0.52 -8.01 -4.95
C ARG A 76 -1.96 -7.54 -5.13
N ARG A 77 -2.32 -7.24 -6.38
CA ARG A 77 -3.66 -6.77 -6.69
C ARG A 77 -4.66 -7.91 -6.64
N GLU A 78 -4.31 -9.04 -7.25
CA GLU A 78 -5.18 -10.21 -7.28
C GLU A 78 -5.93 -10.36 -5.97
N ALA A 79 -5.21 -10.21 -4.85
CA ALA A 79 -5.81 -10.33 -3.53
C ALA A 79 -6.95 -9.33 -3.36
N VAL A 80 -6.68 -8.06 -3.65
CA VAL A 80 -7.68 -7.02 -3.53
C VAL A 80 -9.06 -7.54 -3.89
N GLN A 81 -9.12 -8.41 -4.90
CA GLN A 81 -10.38 -8.99 -5.34
C GLN A 81 -10.41 -10.49 -5.10
N ARG A 82 -11.13 -10.91 -4.07
CA ARG A 82 -11.23 -12.33 -3.73
C ARG A 82 -11.91 -13.10 -4.86
N GLY A 83 -11.65 -14.41 -4.91
CA GLY A 83 -12.25 -15.24 -5.94
C GLY A 83 -11.36 -15.38 -7.16
N SER A 84 -11.96 -15.69 -8.31
CA SER A 84 -11.22 -15.85 -9.54
C SER A 84 -10.63 -14.53 -10.00
N GLY A 85 -9.34 -14.55 -10.35
CA GLY A 85 -8.67 -13.34 -10.79
C GLY A 85 -8.11 -13.48 -12.20
N PRO A 86 -8.88 -13.01 -13.19
CA PRO A 86 -8.48 -13.07 -14.60
C PRO A 86 -7.32 -12.13 -14.92
N SER A 87 -6.78 -12.26 -16.12
CA SER A 87 -5.66 -11.41 -16.54
C SER A 87 -5.98 -10.72 -17.86
N SER A 88 -5.85 -9.40 -17.88
CA SER A 88 -6.12 -8.61 -19.08
C SER A 88 -4.83 -8.33 -19.84
N GLY A 89 -3.98 -9.34 -19.94
CA GLY A 89 -2.72 -9.18 -20.65
C GLY A 89 -1.81 -8.15 -20.00
ZN ZN B . 0.97 2.53 5.65
ZN ZN C . 5.23 10.80 -6.48
N GLY A 1 13.83 7.12 15.58
CA GLY A 1 12.58 6.42 15.33
C GLY A 1 11.52 6.74 16.36
N SER A 2 11.80 6.42 17.62
CA SER A 2 10.86 6.67 18.70
C SER A 2 9.54 5.96 18.46
N SER A 3 9.62 4.71 17.99
CA SER A 3 8.43 3.93 17.70
C SER A 3 7.84 3.36 18.99
N GLY A 4 8.69 2.82 19.84
CA GLY A 4 8.23 2.26 21.10
C GLY A 4 7.73 0.83 20.95
N SER A 5 6.71 0.66 20.11
CA SER A 5 6.13 -0.66 19.88
C SER A 5 7.09 -1.54 19.08
N SER A 6 7.13 -2.82 19.45
CA SER A 6 8.02 -3.77 18.77
C SER A 6 7.22 -4.69 17.85
N GLY A 7 6.34 -4.09 17.04
CA GLY A 7 5.53 -4.86 16.12
C GLY A 7 5.97 -4.69 14.68
N ILE A 8 5.09 -5.07 13.75
CA ILE A 8 5.39 -4.96 12.33
C ILE A 8 5.11 -3.55 11.82
N GLU A 9 5.94 -3.08 10.89
CA GLU A 9 5.78 -1.75 10.31
C GLU A 9 5.27 -1.84 8.88
N CYS A 10 4.74 -0.72 8.38
CA CYS A 10 4.21 -0.67 7.02
C CYS A 10 5.35 -0.58 6.00
N VAL A 11 5.34 -1.49 5.04
CA VAL A 11 6.36 -1.52 4.00
C VAL A 11 6.12 -0.43 2.96
N VAL A 12 5.17 0.46 3.25
CA VAL A 12 4.85 1.55 2.35
C VAL A 12 5.19 2.90 2.96
N CYS A 13 4.66 3.15 4.15
CA CYS A 13 4.89 4.39 4.85
C CYS A 13 5.70 4.16 6.12
N GLY A 14 5.75 2.91 6.57
CA GLY A 14 6.49 2.57 7.76
C GLY A 14 5.61 2.50 9.00
N ASP A 15 4.38 2.97 8.86
CA ASP A 15 3.43 2.95 9.96
C ASP A 15 3.21 1.54 10.48
N LYS A 16 3.09 1.41 11.80
CA LYS A 16 2.88 0.10 12.41
C LYS A 16 1.82 -0.71 11.65
N SER A 17 2.28 -1.67 10.86
CA SER A 17 1.38 -2.51 10.08
C SER A 17 0.36 -3.20 10.97
N SER A 18 -0.86 -3.35 10.47
CA SER A 18 -1.92 -3.99 11.23
C SER A 18 -2.06 -5.46 10.85
N GLY A 19 -0.97 -6.03 10.34
CA GLY A 19 -0.97 -7.43 9.94
C GLY A 19 -0.75 -7.61 8.45
N LYS A 20 -0.37 -8.82 8.06
CA LYS A 20 -0.12 -9.13 6.66
C LYS A 20 -1.39 -8.97 5.83
N HIS A 21 -1.40 -7.97 4.95
CA HIS A 21 -2.56 -7.72 4.09
C HIS A 21 -2.16 -7.80 2.62
N TYR A 22 -2.87 -8.67 1.88
CA TYR A 22 -2.59 -8.84 0.46
C TYR A 22 -1.20 -9.44 0.24
N GLY A 23 -0.83 -10.39 1.10
CA GLY A 23 0.46 -11.03 0.98
C GLY A 23 1.61 -10.09 1.34
N GLN A 24 1.27 -8.98 1.99
CA GLN A 24 2.27 -8.00 2.39
C GLN A 24 1.82 -7.24 3.63
N PHE A 25 2.75 -7.03 4.56
CA PHE A 25 2.44 -6.31 5.79
C PHE A 25 2.31 -4.81 5.52
N THR A 26 1.11 -4.28 5.73
CA THR A 26 0.85 -2.87 5.52
C THR A 26 -0.15 -2.32 6.54
N CYS A 27 0.01 -1.06 6.91
CA CYS A 27 -0.87 -0.43 7.88
C CYS A 27 -2.29 -0.32 7.32
N GLU A 28 -3.24 0.01 8.18
CA GLU A 28 -4.63 0.16 7.78
C GLU A 28 -4.81 1.32 6.82
N GLY A 29 -3.90 2.29 6.90
CA GLY A 29 -3.97 3.44 6.03
C GLY A 29 -3.66 3.11 4.58
N CYS A 30 -2.68 2.24 4.37
CA CYS A 30 -2.29 1.83 3.03
C CYS A 30 -3.10 0.62 2.57
N LYS A 31 -3.53 -0.20 3.53
CA LYS A 31 -4.31 -1.38 3.23
C LYS A 31 -5.58 -1.02 2.46
N SER A 32 -6.24 0.05 2.88
CA SER A 32 -7.47 0.50 2.23
C SER A 32 -7.15 1.38 1.02
N PHE A 33 -6.11 2.20 1.15
CA PHE A 33 -5.70 3.10 0.08
C PHE A 33 -5.27 2.30 -1.14
N PHE A 34 -4.65 1.14 -0.92
CA PHE A 34 -4.19 0.29 -2.01
C PHE A 34 -5.36 -0.32 -2.75
N LYS A 35 -6.35 -0.81 -2.01
CA LYS A 35 -7.53 -1.41 -2.61
C LYS A 35 -8.38 -0.37 -3.32
N ARG A 36 -8.91 0.58 -2.55
CA ARG A 36 -9.74 1.63 -3.12
C ARG A 36 -9.26 2.04 -4.51
N SER A 37 -7.95 1.91 -4.73
CA SER A 37 -7.35 2.25 -6.01
C SER A 37 -7.28 1.03 -6.92
N VAL A 38 -6.88 -0.10 -6.36
CA VAL A 38 -6.77 -1.34 -7.12
C VAL A 38 -8.15 -1.86 -7.53
N ARG A 39 -8.97 -2.18 -6.54
CA ARG A 39 -10.31 -2.69 -6.78
C ARG A 39 -11.07 -1.76 -7.73
N ARG A 40 -10.70 -0.49 -7.73
CA ARG A 40 -11.36 0.51 -8.57
C ARG A 40 -10.63 0.64 -9.91
N ASN A 41 -9.36 0.24 -9.93
CA ASN A 41 -8.56 0.31 -11.14
C ASN A 41 -8.16 1.75 -11.45
N LEU A 42 -7.95 2.53 -10.39
CA LEU A 42 -7.56 3.94 -10.54
C LEU A 42 -6.12 4.05 -11.02
N THR A 43 -5.70 5.28 -11.33
CA THR A 43 -4.35 5.52 -11.81
C THR A 43 -3.97 6.99 -11.66
N TYR A 44 -3.13 7.29 -10.67
CA TYR A 44 -2.70 8.66 -10.43
C TYR A 44 -1.45 8.99 -11.23
N THR A 45 -1.38 10.22 -11.72
CA THR A 45 -0.23 10.67 -12.51
C THR A 45 0.70 11.54 -11.68
N CYS A 46 1.87 10.99 -11.35
CA CYS A 46 2.86 11.71 -10.57
C CYS A 46 3.62 12.71 -11.42
N ARG A 47 3.14 13.95 -11.46
CA ARG A 47 3.78 14.99 -12.25
C ARG A 47 5.27 15.08 -11.94
N ALA A 48 5.67 14.49 -10.82
CA ALA A 48 7.06 14.50 -10.40
C ALA A 48 7.85 13.36 -11.05
N ASN A 49 9.09 13.17 -10.60
CA ASN A 49 9.94 12.12 -11.14
C ASN A 49 9.59 10.77 -10.52
N ARG A 50 8.32 10.59 -10.17
CA ARG A 50 7.86 9.34 -9.57
C ARG A 50 8.87 8.83 -8.54
N ASN A 51 9.55 9.76 -7.88
CA ASN A 51 10.55 9.40 -6.87
C ASN A 51 10.20 10.04 -5.53
N CYS A 52 8.96 10.46 -5.38
CA CYS A 52 8.50 11.08 -4.14
C CYS A 52 8.69 10.14 -2.95
N PRO A 53 9.31 10.65 -1.88
CA PRO A 53 9.56 9.87 -0.67
C PRO A 53 8.28 9.55 0.10
N ILE A 54 7.77 8.34 -0.09
CA ILE A 54 6.55 7.91 0.58
C ILE A 54 6.85 7.39 1.98
N ASP A 55 6.65 8.24 2.97
CA ASP A 55 6.90 7.87 4.37
C ASP A 55 5.64 8.03 5.20
N GLN A 56 5.74 7.72 6.49
CA GLN A 56 4.60 7.83 7.40
C GLN A 56 4.55 9.21 8.03
N HIS A 57 5.72 9.80 8.28
CA HIS A 57 5.80 11.12 8.89
C HIS A 57 5.49 12.20 7.86
N HIS A 58 4.41 12.01 7.12
CA HIS A 58 4.00 12.97 6.10
C HIS A 58 2.50 12.86 5.80
N ARG A 59 1.77 13.94 6.04
CA ARG A 59 0.33 13.95 5.79
C ARG A 59 0.03 13.90 4.30
N ASN A 60 0.33 14.99 3.60
CA ASN A 60 0.09 15.06 2.17
C ASN A 60 1.26 14.47 1.39
N GLN A 61 1.06 13.26 0.86
CA GLN A 61 2.09 12.59 0.09
C GLN A 61 1.57 12.22 -1.31
N CYS A 62 2.51 11.88 -2.20
CA CYS A 62 2.15 11.52 -3.56
C CYS A 62 1.18 10.33 -3.57
N GLN A 63 0.19 10.39 -4.46
CA GLN A 63 -0.80 9.33 -4.56
C GLN A 63 -0.28 8.19 -5.43
N TYR A 64 0.21 8.53 -6.63
CA TYR A 64 0.74 7.54 -7.55
C TYR A 64 1.89 6.76 -6.92
N CYS A 65 2.94 7.48 -6.54
CA CYS A 65 4.10 6.86 -5.92
C CYS A 65 3.69 5.96 -4.75
N ARG A 66 2.86 6.50 -3.86
CA ARG A 66 2.39 5.76 -2.71
C ARG A 66 1.65 4.49 -3.13
N LEU A 67 0.62 4.67 -3.96
CA LEU A 67 -0.18 3.55 -4.44
C LEU A 67 0.72 2.48 -5.08
N LYS A 68 1.60 2.93 -5.96
CA LYS A 68 2.52 2.01 -6.64
C LYS A 68 3.42 1.30 -5.64
N LYS A 69 4.02 2.07 -4.75
CA LYS A 69 4.91 1.51 -3.73
C LYS A 69 4.37 0.19 -3.20
N CYS A 70 3.05 0.02 -3.29
CA CYS A 70 2.42 -1.21 -2.82
C CYS A 70 2.78 -2.39 -3.72
N LEU A 71 2.58 -2.22 -5.03
CA LEU A 71 2.88 -3.27 -5.99
C LEU A 71 4.38 -3.58 -6.00
N LYS A 72 5.17 -2.63 -5.52
CA LYS A 72 6.62 -2.81 -5.47
C LYS A 72 7.04 -3.59 -4.23
N VAL A 73 6.59 -3.14 -3.07
CA VAL A 73 6.91 -3.80 -1.81
C VAL A 73 6.54 -5.28 -1.86
N GLY A 74 5.49 -5.59 -2.61
CA GLY A 74 5.06 -6.97 -2.73
C GLY A 74 3.56 -7.10 -2.87
N MET A 75 2.83 -6.22 -2.20
CA MET A 75 1.37 -6.24 -2.24
C MET A 75 0.88 -6.71 -3.61
N ARG A 76 -0.17 -7.52 -3.62
CA ARG A 76 -0.73 -8.04 -4.85
C ARG A 76 -2.09 -7.41 -5.14
N ARG A 77 -2.43 -7.30 -6.42
CA ARG A 77 -3.71 -6.73 -6.83
C ARG A 77 -4.79 -7.79 -6.89
N GLU A 78 -4.42 -9.00 -7.31
CA GLU A 78 -5.37 -10.10 -7.41
C GLU A 78 -6.09 -10.32 -6.08
N ALA A 79 -5.34 -10.20 -4.99
CA ALA A 79 -5.91 -10.39 -3.66
C ALA A 79 -7.02 -9.38 -3.39
N VAL A 80 -6.81 -8.14 -3.82
CA VAL A 80 -7.80 -7.08 -3.62
C VAL A 80 -9.17 -7.51 -4.13
N GLN A 81 -9.20 -8.19 -5.27
CA GLN A 81 -10.44 -8.65 -5.86
C GLN A 81 -10.52 -10.18 -5.83
N ARG A 82 -11.46 -10.70 -5.04
CA ARG A 82 -11.64 -12.15 -4.93
C ARG A 82 -12.95 -12.59 -5.56
N GLY A 83 -12.88 -13.63 -6.39
CA GLY A 83 -14.06 -14.13 -7.05
C GLY A 83 -14.56 -13.19 -8.13
N SER A 84 -13.67 -12.81 -9.04
CA SER A 84 -14.03 -11.92 -10.14
C SER A 84 -13.90 -12.61 -11.48
N GLY A 85 -14.89 -12.40 -12.34
CA GLY A 85 -14.87 -13.01 -13.66
C GLY A 85 -16.18 -12.85 -14.40
N PRO A 86 -17.01 -13.90 -14.38
CA PRO A 86 -18.32 -13.88 -15.05
C PRO A 86 -19.31 -12.96 -14.37
N SER A 87 -20.24 -12.41 -15.14
CA SER A 87 -21.25 -11.50 -14.61
C SER A 87 -22.62 -12.16 -14.61
N SER A 88 -22.92 -12.90 -13.55
CA SER A 88 -24.20 -13.58 -13.42
C SER A 88 -25.02 -13.00 -12.27
N GLY A 89 -25.85 -12.01 -12.58
CA GLY A 89 -26.67 -11.39 -11.57
C GLY A 89 -26.02 -10.16 -10.97
ZN ZN B . 1.14 2.55 5.48
ZN ZN C . 5.34 10.81 -6.99
N GLY A 1 16.94 1.73 11.86
CA GLY A 1 16.94 2.55 13.05
C GLY A 1 16.94 1.73 14.32
N SER A 2 16.26 2.23 15.36
CA SER A 2 16.20 1.54 16.63
C SER A 2 14.76 1.15 16.96
N SER A 3 14.33 0.00 16.44
CA SER A 3 12.98 -0.49 16.68
C SER A 3 12.94 -1.44 17.86
N GLY A 4 12.73 -0.89 19.06
CA GLY A 4 12.69 -1.70 20.25
C GLY A 4 11.26 -2.01 20.70
N SER A 5 10.56 -2.83 19.92
CA SER A 5 9.19 -3.19 20.22
C SER A 5 8.76 -4.44 19.45
N SER A 6 7.70 -5.09 19.92
CA SER A 6 7.20 -6.29 19.28
C SER A 6 5.98 -5.98 18.41
N GLY A 7 6.23 -5.66 17.14
CA GLY A 7 5.13 -5.34 16.25
C GLY A 7 5.61 -5.15 14.82
N ILE A 8 4.74 -5.44 13.85
CA ILE A 8 5.07 -5.30 12.45
C ILE A 8 4.88 -3.86 11.98
N GLU A 9 5.57 -3.49 10.91
CA GLU A 9 5.48 -2.14 10.37
C GLU A 9 4.96 -2.17 8.92
N CYS A 10 4.60 -1.01 8.41
CA CYS A 10 4.09 -0.89 7.05
C CYS A 10 5.24 -0.80 6.05
N VAL A 11 5.24 -1.72 5.08
CA VAL A 11 6.28 -1.74 4.06
C VAL A 11 6.08 -0.63 3.05
N VAL A 12 5.13 0.26 3.33
CA VAL A 12 4.85 1.39 2.45
C VAL A 12 5.20 2.71 3.11
N CYS A 13 4.66 2.93 4.31
CA CYS A 13 4.92 4.15 5.05
C CYS A 13 5.70 3.87 6.33
N GLY A 14 5.74 2.59 6.71
CA GLY A 14 6.46 2.21 7.92
C GLY A 14 5.55 2.14 9.13
N ASP A 15 4.33 2.62 8.99
CA ASP A 15 3.36 2.62 10.08
C ASP A 15 3.10 1.20 10.56
N LYS A 16 2.99 1.04 11.88
CA LYS A 16 2.74 -0.27 12.48
C LYS A 16 1.66 -1.02 11.71
N SER A 17 2.05 -2.04 10.96
CA SER A 17 1.11 -2.83 10.18
C SER A 17 0.14 -3.56 11.10
N SER A 18 -1.08 -3.75 10.61
CA SER A 18 -2.13 -4.43 11.38
C SER A 18 -2.09 -5.94 11.14
N GLY A 19 -1.46 -6.34 10.03
CA GLY A 19 -1.35 -7.75 9.71
C GLY A 19 -0.92 -7.98 8.28
N LYS A 20 -1.05 -9.22 7.80
CA LYS A 20 -0.66 -9.57 6.45
C LYS A 20 -1.80 -9.30 5.47
N HIS A 21 -1.95 -8.04 5.08
CA HIS A 21 -3.00 -7.64 4.14
C HIS A 21 -2.50 -7.72 2.70
N TYR A 22 -3.13 -8.59 1.91
CA TYR A 22 -2.74 -8.77 0.52
C TYR A 22 -1.37 -9.42 0.40
N GLY A 23 -1.12 -10.41 1.26
CA GLY A 23 0.15 -11.10 1.25
C GLY A 23 1.32 -10.19 1.59
N GLN A 24 1.02 -9.05 2.20
CA GLN A 24 2.04 -8.10 2.58
C GLN A 24 1.65 -7.35 3.85
N PHE A 25 2.61 -7.16 4.75
CA PHE A 25 2.37 -6.47 6.00
C PHE A 25 2.27 -4.96 5.78
N THR A 26 1.05 -4.44 5.84
CA THR A 26 0.82 -3.02 5.64
C THR A 26 -0.20 -2.48 6.63
N CYS A 27 -0.06 -1.20 7.00
CA CYS A 27 -0.97 -0.58 7.94
C CYS A 27 -2.36 -0.43 7.34
N GLU A 28 -3.33 -0.05 8.17
CA GLU A 28 -4.71 0.12 7.72
C GLU A 28 -4.82 1.31 6.78
N GLY A 29 -3.90 2.26 6.91
CA GLY A 29 -3.92 3.43 6.06
C GLY A 29 -3.64 3.10 4.60
N CYS A 30 -2.62 2.28 4.38
CA CYS A 30 -2.24 1.87 3.03
C CYS A 30 -3.08 0.70 2.55
N LYS A 31 -3.51 -0.13 3.50
CA LYS A 31 -4.33 -1.31 3.18
C LYS A 31 -5.59 -0.90 2.42
N SER A 32 -6.26 0.13 2.91
CA SER A 32 -7.49 0.61 2.28
C SER A 32 -7.16 1.49 1.08
N PHE A 33 -6.08 2.26 1.18
CA PHE A 33 -5.66 3.14 0.10
C PHE A 33 -5.26 2.34 -1.13
N PHE A 34 -4.76 1.14 -0.91
CA PHE A 34 -4.33 0.27 -2.00
C PHE A 34 -5.54 -0.31 -2.74
N LYS A 35 -6.49 -0.83 -1.98
CA LYS A 35 -7.69 -1.41 -2.56
C LYS A 35 -8.53 -0.36 -3.27
N ARG A 36 -9.02 0.62 -2.51
CA ARG A 36 -9.83 1.70 -3.07
C ARG A 36 -9.34 2.08 -4.47
N SER A 37 -8.04 1.92 -4.68
CA SER A 37 -7.43 2.26 -5.98
C SER A 37 -7.32 1.01 -6.86
N VAL A 38 -7.05 -0.12 -6.24
CA VAL A 38 -6.92 -1.38 -6.96
C VAL A 38 -8.27 -1.90 -7.40
N ARG A 39 -9.13 -2.20 -6.44
CA ARG A 39 -10.47 -2.72 -6.72
C ARG A 39 -11.22 -1.78 -7.66
N ARG A 40 -10.87 -0.50 -7.62
CA ARG A 40 -11.51 0.50 -8.48
C ARG A 40 -10.74 0.65 -9.79
N ASN A 41 -9.50 0.20 -9.81
CA ASN A 41 -8.67 0.29 -11.01
C ASN A 41 -8.37 1.75 -11.35
N LEU A 42 -8.09 2.54 -10.33
CA LEU A 42 -7.79 3.96 -10.52
C LEU A 42 -6.34 4.16 -10.98
N THR A 43 -6.10 5.25 -11.70
CA THR A 43 -4.77 5.55 -12.20
C THR A 43 -4.41 7.01 -11.96
N TYR A 44 -3.61 7.25 -10.92
CA TYR A 44 -3.18 8.61 -10.59
C TYR A 44 -2.00 9.04 -11.44
N THR A 45 -1.82 10.36 -11.56
CA THR A 45 -0.73 10.90 -12.36
C THR A 45 0.21 11.74 -11.50
N CYS A 46 1.36 11.16 -11.17
CA CYS A 46 2.35 11.85 -10.35
C CYS A 46 2.98 13.01 -11.11
N ARG A 47 2.46 14.22 -10.87
CA ARG A 47 2.96 15.41 -11.53
C ARG A 47 4.47 15.56 -11.33
N ALA A 48 5.00 14.79 -10.39
CA ALA A 48 6.44 14.84 -10.10
C ALA A 48 7.18 13.76 -10.88
N ASN A 49 8.47 13.60 -10.59
CA ASN A 49 9.30 12.62 -11.27
C ASN A 49 9.11 11.23 -10.65
N ARG A 50 7.92 11.00 -10.11
CA ARG A 50 7.60 9.72 -9.49
C ARG A 50 8.67 9.32 -8.49
N ASN A 51 9.19 10.31 -7.76
CA ASN A 51 10.23 10.06 -6.76
C ASN A 51 9.82 10.63 -5.41
N CYS A 52 8.53 10.88 -5.24
CA CYS A 52 8.01 11.43 -3.99
C CYS A 52 8.29 10.49 -2.82
N PRO A 53 8.85 11.04 -1.73
CA PRO A 53 9.17 10.27 -0.54
C PRO A 53 7.93 9.80 0.22
N ILE A 54 7.62 8.52 0.12
CA ILE A 54 6.45 7.96 0.79
C ILE A 54 6.81 7.48 2.18
N ASP A 55 6.57 8.33 3.18
CA ASP A 55 6.86 7.97 4.57
C ASP A 55 5.59 7.95 5.41
N GLN A 56 5.74 7.75 6.71
CA GLN A 56 4.61 7.71 7.62
C GLN A 56 4.34 9.08 8.23
N HIS A 57 5.33 9.60 8.95
CA HIS A 57 5.21 10.91 9.58
C HIS A 57 4.33 11.84 8.75
N HIS A 58 4.59 11.87 7.45
CA HIS A 58 3.82 12.72 6.54
C HIS A 58 2.50 12.06 6.17
N ARG A 59 1.41 12.81 6.33
CA ARG A 59 0.08 12.30 6.02
C ARG A 59 -0.24 12.49 4.54
N ASN A 60 -0.32 13.75 4.11
CA ASN A 60 -0.63 14.06 2.72
C ASN A 60 0.59 13.82 1.83
N GLN A 61 0.54 12.74 1.05
CA GLN A 61 1.65 12.40 0.15
C GLN A 61 1.12 12.05 -1.23
N CYS A 62 2.05 11.90 -2.18
CA CYS A 62 1.68 11.57 -3.55
C CYS A 62 0.78 10.34 -3.60
N GLN A 63 -0.09 10.29 -4.60
CA GLN A 63 -1.01 9.17 -4.76
C GLN A 63 -0.37 8.06 -5.59
N TYR A 64 -0.04 8.38 -6.83
CA TYR A 64 0.57 7.41 -7.74
C TYR A 64 1.76 6.73 -7.08
N CYS A 65 2.69 7.52 -6.57
CA CYS A 65 3.87 7.00 -5.91
C CYS A 65 3.49 6.04 -4.78
N ARG A 66 2.80 6.57 -3.78
CA ARG A 66 2.37 5.75 -2.64
C ARG A 66 1.72 4.45 -3.12
N LEU A 67 0.75 4.57 -4.01
CA LEU A 67 0.05 3.41 -4.55
C LEU A 67 1.03 2.41 -5.15
N LYS A 68 1.81 2.88 -6.13
CA LYS A 68 2.79 2.03 -6.79
C LYS A 68 3.64 1.28 -5.78
N LYS A 69 4.17 2.01 -4.80
CA LYS A 69 4.99 1.40 -3.75
C LYS A 69 4.39 0.09 -3.27
N CYS A 70 3.08 -0.03 -3.39
CA CYS A 70 2.36 -1.23 -2.97
C CYS A 70 2.69 -2.41 -3.89
N LEU A 71 2.63 -2.16 -5.19
CA LEU A 71 2.91 -3.20 -6.18
C LEU A 71 4.40 -3.54 -6.19
N LYS A 72 5.21 -2.69 -5.58
CA LYS A 72 6.65 -2.91 -5.51
C LYS A 72 7.01 -3.72 -4.26
N VAL A 73 6.63 -3.20 -3.10
CA VAL A 73 6.92 -3.86 -1.83
C VAL A 73 6.49 -5.33 -1.87
N GLY A 74 5.36 -5.59 -2.52
CA GLY A 74 4.85 -6.95 -2.62
C GLY A 74 3.36 -7.00 -2.81
N MET A 75 2.65 -6.04 -2.23
CA MET A 75 1.19 -5.98 -2.34
C MET A 75 0.74 -6.34 -3.75
N ARG A 76 -0.03 -7.42 -3.86
CA ARG A 76 -0.52 -7.88 -5.15
C ARG A 76 -1.98 -7.48 -5.34
N ARG A 77 -2.31 -6.98 -6.54
CA ARG A 77 -3.67 -6.57 -6.84
C ARG A 77 -4.64 -7.74 -6.73
N GLU A 78 -4.24 -8.89 -7.31
CA GLU A 78 -5.07 -10.08 -7.27
C GLU A 78 -5.67 -10.29 -5.90
N ALA A 79 -4.93 -9.89 -4.87
CA ALA A 79 -5.39 -10.03 -3.49
C ALA A 79 -6.62 -9.16 -3.23
N VAL A 80 -6.51 -7.88 -3.56
CA VAL A 80 -7.60 -6.94 -3.35
C VAL A 80 -8.94 -7.56 -3.76
N GLN A 81 -9.01 -8.03 -5.00
CA GLN A 81 -10.23 -8.66 -5.51
C GLN A 81 -9.92 -9.54 -6.72
N ARG A 82 -10.84 -10.45 -7.03
CA ARG A 82 -10.68 -11.36 -8.16
C ARG A 82 -11.82 -11.20 -9.15
N GLY A 83 -11.47 -11.06 -10.43
CA GLY A 83 -12.48 -10.91 -11.46
C GLY A 83 -11.89 -10.45 -12.78
N SER A 84 -12.28 -9.24 -13.21
CA SER A 84 -11.80 -8.69 -14.47
C SER A 84 -10.34 -8.23 -14.33
N GLY A 85 -10.10 -7.35 -13.38
CA GLY A 85 -8.75 -6.84 -13.16
C GLY A 85 -7.96 -6.73 -14.45
N PRO A 86 -8.20 -5.63 -15.19
CA PRO A 86 -7.52 -5.37 -16.47
C PRO A 86 -6.04 -5.05 -16.28
N SER A 87 -5.21 -6.09 -16.21
CA SER A 87 -3.77 -5.91 -16.03
C SER A 87 -3.00 -7.03 -16.72
N SER A 88 -1.80 -6.70 -17.19
CA SER A 88 -0.96 -7.67 -17.88
C SER A 88 0.51 -7.27 -17.81
N GLY A 89 1.35 -8.18 -17.30
CA GLY A 89 2.77 -7.90 -17.19
C GLY A 89 3.28 -8.08 -15.77
ZN ZN B . 1.07 2.41 5.61
ZN ZN C . 4.85 10.95 -6.98
N GLY A 1 15.62 8.36 13.59
CA GLY A 1 15.81 6.92 13.61
C GLY A 1 14.50 6.17 13.76
N SER A 2 14.52 5.09 14.54
CA SER A 2 13.33 4.28 14.76
C SER A 2 13.06 4.12 16.25
N SER A 3 11.78 4.03 16.60
CA SER A 3 11.38 3.88 18.00
C SER A 3 11.55 2.44 18.46
N GLY A 4 10.95 1.51 17.72
CA GLY A 4 11.05 0.11 18.07
C GLY A 4 9.96 -0.34 19.03
N SER A 5 9.26 -1.40 18.67
CA SER A 5 8.19 -1.92 19.51
C SER A 5 7.67 -3.26 18.97
N SER A 6 7.02 -4.03 19.84
CA SER A 6 6.50 -5.33 19.46
C SER A 6 5.39 -5.20 18.43
N GLY A 7 5.76 -5.28 17.15
CA GLY A 7 4.80 -5.16 16.09
C GLY A 7 5.44 -4.91 14.74
N ILE A 8 4.73 -5.26 13.67
CA ILE A 8 5.25 -5.08 12.32
C ILE A 8 4.97 -3.67 11.81
N GLU A 9 5.84 -3.19 10.93
CA GLU A 9 5.68 -1.85 10.36
C GLU A 9 5.13 -1.92 8.94
N CYS A 10 4.70 -0.78 8.41
CA CYS A 10 4.15 -0.71 7.07
C CYS A 10 5.27 -0.60 6.04
N VAL A 11 5.27 -1.53 5.08
CA VAL A 11 6.28 -1.54 4.02
C VAL A 11 6.02 -0.44 3.01
N VAL A 12 5.05 0.43 3.30
CA VAL A 12 4.70 1.54 2.41
C VAL A 12 5.04 2.88 3.04
N CYS A 13 4.56 3.09 4.26
CA CYS A 13 4.81 4.33 4.97
C CYS A 13 5.61 4.09 6.25
N GLY A 14 5.66 2.82 6.67
CA GLY A 14 6.40 2.47 7.87
C GLY A 14 5.50 2.35 9.08
N ASP A 15 4.29 2.88 8.97
CA ASP A 15 3.33 2.84 10.06
C ASP A 15 3.13 1.41 10.56
N LYS A 16 3.01 1.25 11.88
CA LYS A 16 2.81 -0.06 12.48
C LYS A 16 1.75 -0.85 11.73
N SER A 17 2.20 -1.81 10.92
CA SER A 17 1.28 -2.64 10.14
C SER A 17 0.26 -3.31 11.05
N SER A 18 -0.94 -3.53 10.51
CA SER A 18 -2.02 -4.16 11.27
C SER A 18 -2.02 -5.67 11.07
N GLY A 19 -1.42 -6.11 9.96
CA GLY A 19 -1.36 -7.53 9.66
C GLY A 19 -0.87 -7.80 8.25
N LYS A 20 -0.96 -9.06 7.83
CA LYS A 20 -0.51 -9.46 6.50
C LYS A 20 -1.62 -9.25 5.47
N HIS A 21 -1.81 -8.00 5.05
CA HIS A 21 -2.85 -7.69 4.07
C HIS A 21 -2.31 -7.83 2.65
N TYR A 22 -3.09 -8.49 1.80
CA TYR A 22 -2.69 -8.69 0.41
C TYR A 22 -1.32 -9.36 0.33
N GLY A 23 -1.06 -10.28 1.26
CA GLY A 23 0.21 -10.99 1.28
C GLY A 23 1.37 -10.06 1.59
N GLN A 24 1.08 -8.96 2.27
CA GLN A 24 2.11 -7.99 2.64
C GLN A 24 1.73 -7.25 3.91
N PHE A 25 2.72 -7.05 4.77
CA PHE A 25 2.50 -6.34 6.04
C PHE A 25 2.36 -4.84 5.81
N THR A 26 1.15 -4.33 5.96
CA THR A 26 0.89 -2.90 5.76
C THR A 26 -0.10 -2.38 6.79
N CYS A 27 -0.04 -1.08 7.06
CA CYS A 27 -0.94 -0.45 8.03
C CYS A 27 -2.36 -0.36 7.48
N GLU A 28 -3.28 0.09 8.31
CA GLU A 28 -4.67 0.23 7.91
C GLU A 28 -4.86 1.39 6.93
N GLY A 29 -3.97 2.38 7.02
CA GLY A 29 -4.04 3.53 6.14
C GLY A 29 -3.74 3.17 4.70
N CYS A 30 -2.76 2.30 4.49
CA CYS A 30 -2.36 1.89 3.16
C CYS A 30 -3.21 0.70 2.70
N LYS A 31 -3.54 -0.18 3.62
CA LYS A 31 -4.35 -1.36 3.31
C LYS A 31 -5.53 -0.98 2.41
N SER A 32 -6.27 0.03 2.82
CA SER A 32 -7.43 0.49 2.05
C SER A 32 -6.99 1.31 0.83
N PHE A 33 -6.04 2.21 1.04
CA PHE A 33 -5.54 3.06 -0.03
C PHE A 33 -5.15 2.22 -1.24
N PHE A 34 -4.59 1.03 -0.98
CA PHE A 34 -4.18 0.14 -2.05
C PHE A 34 -5.39 -0.45 -2.78
N LYS A 35 -6.36 -0.92 -2.00
CA LYS A 35 -7.57 -1.50 -2.57
C LYS A 35 -8.43 -0.44 -3.24
N ARG A 36 -8.94 0.49 -2.44
CA ARG A 36 -9.78 1.57 -2.96
C ARG A 36 -9.29 2.02 -4.33
N SER A 37 -7.99 1.90 -4.56
CA SER A 37 -7.40 2.30 -5.83
C SER A 37 -7.36 1.12 -6.80
N VAL A 38 -6.97 -0.04 -6.30
CA VAL A 38 -6.88 -1.24 -7.12
C VAL A 38 -8.27 -1.74 -7.51
N ARG A 39 -9.08 -2.05 -6.50
CA ARG A 39 -10.43 -2.55 -6.73
C ARG A 39 -11.21 -1.59 -7.62
N ARG A 40 -10.81 -0.32 -7.62
CA ARG A 40 -11.47 0.69 -8.43
C ARG A 40 -10.72 0.92 -9.73
N ASN A 41 -9.45 0.52 -9.76
CA ASN A 41 -8.62 0.69 -10.95
C ASN A 41 -8.30 2.16 -11.18
N LEU A 42 -8.15 2.90 -10.10
CA LEU A 42 -7.84 4.32 -10.18
C LEU A 42 -6.42 4.54 -10.73
N THR A 43 -6.23 5.65 -11.44
CA THR A 43 -4.92 5.97 -12.00
C THR A 43 -4.54 7.43 -11.72
N TYR A 44 -3.90 7.65 -10.59
CA TYR A 44 -3.48 9.00 -10.20
C TYR A 44 -2.36 9.50 -11.11
N THR A 45 -1.96 10.75 -10.91
CA THR A 45 -0.90 11.35 -11.70
C THR A 45 0.05 12.17 -10.82
N CYS A 46 1.24 11.64 -10.60
CA CYS A 46 2.24 12.32 -9.78
C CYS A 46 2.78 13.56 -10.49
N ARG A 47 2.37 14.73 -10.04
CA ARG A 47 2.82 15.98 -10.63
C ARG A 47 4.31 16.20 -10.40
N ALA A 48 4.93 15.28 -9.65
CA ALA A 48 6.35 15.37 -9.35
C ALA A 48 7.14 14.40 -10.21
N ASN A 49 8.43 14.26 -9.91
CA ASN A 49 9.31 13.37 -10.65
C ASN A 49 9.10 11.92 -10.22
N ARG A 50 7.93 11.63 -9.68
CA ARG A 50 7.61 10.28 -9.22
C ARG A 50 8.67 9.78 -8.25
N ASN A 51 9.23 10.68 -7.45
CA ASN A 51 10.25 10.33 -6.48
C ASN A 51 9.84 10.78 -5.08
N CYS A 52 8.54 10.99 -4.88
CA CYS A 52 8.02 11.42 -3.59
C CYS A 52 8.36 10.41 -2.50
N PRO A 53 8.96 10.88 -1.40
CA PRO A 53 9.34 10.03 -0.28
C PRO A 53 8.13 9.51 0.50
N ILE A 54 7.54 8.42 0.03
CA ILE A 54 6.37 7.84 0.67
C ILE A 54 6.72 7.34 2.06
N ASP A 55 6.53 8.20 3.06
CA ASP A 55 6.82 7.85 4.45
C ASP A 55 5.67 8.25 5.36
N GLN A 56 5.54 7.55 6.48
CA GLN A 56 4.48 7.83 7.44
C GLN A 56 4.45 9.32 7.80
N HIS A 57 5.50 9.78 8.47
CA HIS A 57 5.60 11.18 8.87
C HIS A 57 4.22 11.73 9.25
N HIS A 58 3.37 10.86 9.77
CA HIS A 58 2.02 11.27 10.17
C HIS A 58 1.48 12.34 9.23
N ARG A 59 1.58 12.10 7.93
CA ARG A 59 1.11 13.05 6.93
C ARG A 59 0.79 12.34 5.61
N ASN A 60 -0.10 12.94 4.83
CA ASN A 60 -0.48 12.38 3.54
C ASN A 60 0.75 12.10 2.68
N GLN A 61 0.54 11.38 1.58
CA GLN A 61 1.62 11.05 0.67
C GLN A 61 1.14 11.03 -0.78
N CYS A 62 2.08 11.17 -1.72
CA CYS A 62 1.74 11.17 -3.13
C CYS A 62 0.86 9.98 -3.48
N GLN A 63 -0.26 10.26 -4.16
CA GLN A 63 -1.20 9.21 -4.55
C GLN A 63 -0.50 8.16 -5.40
N TYR A 64 -0.11 8.55 -6.62
CA TYR A 64 0.55 7.63 -7.53
C TYR A 64 1.71 6.91 -6.84
N CYS A 65 2.79 7.64 -6.60
CA CYS A 65 3.96 7.07 -5.94
C CYS A 65 3.55 6.09 -4.85
N ARG A 66 2.74 6.57 -3.91
CA ARG A 66 2.27 5.74 -2.81
C ARG A 66 1.71 4.41 -3.32
N LEU A 67 0.74 4.50 -4.23
CA LEU A 67 0.13 3.31 -4.80
C LEU A 67 1.19 2.36 -5.35
N LYS A 68 2.03 2.87 -6.24
CA LYS A 68 3.10 2.08 -6.85
C LYS A 68 3.91 1.35 -5.78
N LYS A 69 4.29 2.08 -4.73
CA LYS A 69 5.06 1.51 -3.64
C LYS A 69 4.42 0.23 -3.12
N CYS A 70 3.12 0.10 -3.36
CA CYS A 70 2.38 -1.08 -2.91
C CYS A 70 2.71 -2.29 -3.79
N LEU A 71 2.50 -2.15 -5.09
CA LEU A 71 2.78 -3.22 -6.03
C LEU A 71 4.27 -3.58 -6.04
N LYS A 72 5.09 -2.66 -5.55
CA LYS A 72 6.53 -2.87 -5.50
C LYS A 72 6.91 -3.68 -4.27
N VAL A 73 6.48 -3.23 -3.10
CA VAL A 73 6.77 -3.92 -1.85
C VAL A 73 6.32 -5.38 -1.90
N GLY A 74 5.40 -5.67 -2.82
CA GLY A 74 4.89 -7.02 -2.97
C GLY A 74 3.38 -7.06 -3.13
N MET A 75 2.70 -6.18 -2.42
CA MET A 75 1.24 -6.12 -2.49
C MET A 75 0.75 -6.49 -3.89
N ARG A 76 -0.06 -7.55 -3.97
CA ARG A 76 -0.59 -8.00 -5.26
C ARG A 76 -2.05 -7.59 -5.41
N ARG A 77 -2.41 -7.12 -6.59
CA ARG A 77 -3.78 -6.70 -6.87
C ARG A 77 -4.75 -7.87 -6.75
N GLU A 78 -4.38 -9.00 -7.37
CA GLU A 78 -5.22 -10.19 -7.34
C GLU A 78 -5.89 -10.34 -5.98
N ALA A 79 -5.14 -10.10 -4.91
CA ALA A 79 -5.67 -10.21 -3.56
C ALA A 79 -6.85 -9.26 -3.36
N VAL A 80 -6.64 -7.99 -3.66
CA VAL A 80 -7.69 -6.99 -3.52
C VAL A 80 -9.06 -7.57 -3.86
N GLN A 81 -9.12 -8.30 -4.97
CA GLN A 81 -10.37 -8.90 -5.41
C GLN A 81 -10.24 -10.42 -5.51
N ARG A 82 -10.32 -11.09 -4.35
CA ARG A 82 -10.22 -12.54 -4.30
C ARG A 82 -11.29 -13.20 -5.16
N GLY A 83 -10.92 -14.30 -5.80
CA GLY A 83 -11.86 -15.02 -6.64
C GLY A 83 -11.68 -16.52 -6.58
N SER A 84 -11.27 -17.11 -7.71
CA SER A 84 -11.06 -18.55 -7.78
C SER A 84 -9.59 -18.87 -8.07
N GLY A 85 -9.11 -18.41 -9.22
CA GLY A 85 -7.73 -18.66 -9.58
C GLY A 85 -7.12 -17.51 -10.37
N PRO A 86 -5.93 -17.75 -10.94
CA PRO A 86 -5.22 -16.73 -11.74
C PRO A 86 -5.91 -16.46 -13.07
N SER A 87 -6.85 -15.53 -13.06
CA SER A 87 -7.59 -15.17 -14.27
C SER A 87 -7.63 -13.66 -14.44
N SER A 88 -6.57 -13.10 -15.00
CA SER A 88 -6.49 -11.66 -15.22
C SER A 88 -6.05 -11.35 -16.65
N GLY A 89 -7.00 -11.35 -17.57
CA GLY A 89 -6.69 -11.07 -18.96
C GLY A 89 -7.77 -10.26 -19.65
ZN ZN B . 1.05 2.51 5.60
ZN ZN C . 4.93 11.18 -6.60
N GLY A 1 14.42 3.62 9.33
CA GLY A 1 13.86 4.32 10.46
C GLY A 1 14.38 3.81 11.78
N SER A 2 13.57 3.94 12.83
CA SER A 2 13.95 3.49 14.15
C SER A 2 12.97 2.45 14.69
N SER A 3 13.50 1.30 15.09
CA SER A 3 12.67 0.22 15.61
C SER A 3 12.43 0.40 17.11
N GLY A 4 11.16 0.43 17.51
CA GLY A 4 10.83 0.60 18.91
C GLY A 4 9.81 -0.42 19.38
N SER A 5 8.59 0.05 19.67
CA SER A 5 7.53 -0.83 20.14
C SER A 5 7.44 -2.09 19.28
N SER A 6 7.35 -3.24 19.94
CA SER A 6 7.26 -4.52 19.23
C SER A 6 6.11 -4.50 18.22
N GLY A 7 6.33 -5.14 17.08
CA GLY A 7 5.30 -5.19 16.06
C GLY A 7 5.86 -4.95 14.67
N ILE A 8 5.07 -5.29 13.65
CA ILE A 8 5.49 -5.11 12.26
C ILE A 8 5.18 -3.69 11.78
N GLU A 9 5.99 -3.21 10.85
CA GLU A 9 5.81 -1.87 10.29
C GLU A 9 5.28 -1.94 8.86
N CYS A 10 4.77 -0.81 8.37
CA CYS A 10 4.24 -0.74 7.02
C CYS A 10 5.35 -0.63 5.99
N VAL A 11 5.35 -1.56 5.03
CA VAL A 11 6.37 -1.58 3.98
C VAL A 11 6.11 -0.48 2.95
N VAL A 12 5.13 0.36 3.24
CA VAL A 12 4.78 1.46 2.33
C VAL A 12 5.14 2.81 2.95
N CYS A 13 4.61 3.07 4.13
CA CYS A 13 4.86 4.33 4.83
C CYS A 13 5.70 4.10 6.09
N GLY A 14 5.76 2.84 6.52
CA GLY A 14 6.52 2.51 7.72
C GLY A 14 5.67 2.46 8.96
N ASP A 15 4.41 2.85 8.83
CA ASP A 15 3.48 2.85 9.95
C ASP A 15 3.29 1.44 10.50
N LYS A 16 3.19 1.32 11.82
CA LYS A 16 3.01 0.03 12.46
C LYS A 16 1.91 -0.78 11.75
N SER A 17 2.33 -1.78 10.98
CA SER A 17 1.38 -2.62 10.25
C SER A 17 0.48 -3.39 11.21
N SER A 18 -0.82 -3.34 10.95
CA SER A 18 -1.79 -4.03 11.79
C SER A 18 -1.76 -5.54 11.54
N GLY A 19 -1.27 -5.91 10.36
CA GLY A 19 -1.20 -7.32 10.01
C GLY A 19 -0.96 -7.54 8.53
N LYS A 20 -0.55 -8.75 8.17
CA LYS A 20 -0.27 -9.08 6.78
C LYS A 20 -1.53 -8.93 5.92
N HIS A 21 -1.54 -7.92 5.07
CA HIS A 21 -2.67 -7.67 4.19
C HIS A 21 -2.25 -7.74 2.71
N TYR A 22 -2.99 -8.53 1.94
CA TYR A 22 -2.69 -8.68 0.52
C TYR A 22 -1.35 -9.38 0.32
N GLY A 23 -0.99 -10.27 1.25
CA GLY A 23 0.26 -10.99 1.15
C GLY A 23 1.45 -10.13 1.56
N GLN A 24 1.17 -9.00 2.20
CA GLN A 24 2.22 -8.09 2.64
C GLN A 24 1.79 -7.30 3.85
N PHE A 25 2.72 -7.09 4.78
CA PHE A 25 2.42 -6.33 6.00
C PHE A 25 2.31 -4.84 5.71
N THR A 26 1.11 -4.31 5.84
CA THR A 26 0.87 -2.89 5.59
C THR A 26 -0.18 -2.33 6.55
N CYS A 27 0.06 -1.12 7.03
CA CYS A 27 -0.85 -0.46 7.96
C CYS A 27 -2.26 -0.39 7.37
N GLU A 28 -3.23 -0.04 8.20
CA GLU A 28 -4.62 0.08 7.76
C GLU A 28 -4.79 1.26 6.83
N GLY A 29 -3.86 2.20 6.88
CA GLY A 29 -3.92 3.38 6.03
C GLY A 29 -3.62 3.06 4.58
N CYS A 30 -2.63 2.19 4.36
CA CYS A 30 -2.24 1.81 3.01
C CYS A 30 -3.06 0.63 2.51
N LYS A 31 -3.49 -0.24 3.44
CA LYS A 31 -4.29 -1.40 3.10
C LYS A 31 -5.54 -0.99 2.33
N SER A 32 -6.29 -0.05 2.90
CA SER A 32 -7.51 0.43 2.26
C SER A 32 -7.20 1.33 1.06
N PHE A 33 -6.22 2.21 1.25
CA PHE A 33 -5.82 3.13 0.19
C PHE A 33 -5.36 2.37 -1.04
N PHE A 34 -4.83 1.17 -0.84
CA PHE A 34 -4.35 0.33 -1.93
C PHE A 34 -5.52 -0.26 -2.71
N LYS A 35 -6.49 -0.79 -1.99
CA LYS A 35 -7.66 -1.40 -2.61
C LYS A 35 -8.54 -0.33 -3.28
N ARG A 36 -9.02 0.62 -2.49
CA ARG A 36 -9.86 1.70 -3.00
C ARG A 36 -9.40 2.11 -4.39
N SER A 37 -8.12 1.93 -4.68
CA SER A 37 -7.56 2.30 -5.97
C SER A 37 -7.49 1.09 -6.89
N VAL A 38 -7.02 -0.03 -6.35
CA VAL A 38 -6.91 -1.27 -7.12
C VAL A 38 -8.27 -1.77 -7.56
N ARG A 39 -9.12 -2.12 -6.58
CA ARG A 39 -10.45 -2.62 -6.86
C ARG A 39 -11.23 -1.64 -7.75
N ARG A 40 -10.87 -0.36 -7.67
CA ARG A 40 -11.52 0.66 -8.47
C ARG A 40 -10.81 0.85 -9.80
N ASN A 41 -9.61 0.30 -9.91
CA ASN A 41 -8.83 0.41 -11.13
C ASN A 41 -8.47 1.87 -11.43
N LEU A 42 -7.85 2.52 -10.45
CA LEU A 42 -7.45 3.91 -10.61
C LEU A 42 -6.00 4.02 -11.07
N THR A 43 -5.63 5.20 -11.55
CA THR A 43 -4.27 5.44 -12.04
C THR A 43 -3.83 6.88 -11.77
N TYR A 44 -2.97 7.05 -10.77
CA TYR A 44 -2.48 8.37 -10.42
C TYR A 44 -1.30 8.77 -11.29
N THR A 45 -1.21 10.06 -11.61
CA THR A 45 -0.12 10.56 -12.44
C THR A 45 0.86 11.39 -11.63
N CYS A 46 1.86 10.72 -11.06
CA CYS A 46 2.87 11.40 -10.26
C CYS A 46 3.31 12.70 -10.92
N ARG A 47 3.05 13.81 -10.25
CA ARG A 47 3.42 15.12 -10.77
C ARG A 47 4.91 15.40 -10.55
N ALA A 48 5.65 14.35 -10.22
CA ALA A 48 7.08 14.48 -9.97
C ALA A 48 7.86 13.38 -10.68
N ASN A 49 9.16 13.30 -10.41
CA ASN A 49 10.01 12.31 -11.03
C ASN A 49 9.86 10.95 -10.35
N ARG A 50 8.62 10.60 -10.02
CA ARG A 50 8.32 9.33 -9.36
C ARG A 50 9.36 9.04 -8.28
N ASN A 51 9.78 10.08 -7.56
CA ASN A 51 10.77 9.93 -6.50
C ASN A 51 10.26 10.54 -5.20
N CYS A 52 8.96 10.83 -5.15
CA CYS A 52 8.35 11.42 -3.97
C CYS A 52 8.55 10.52 -2.76
N PRO A 53 9.00 11.11 -1.64
CA PRO A 53 9.24 10.38 -0.39
C PRO A 53 7.94 9.91 0.26
N ILE A 54 7.68 8.62 0.18
CA ILE A 54 6.47 8.04 0.76
C ILE A 54 6.74 7.48 2.16
N ASP A 55 6.72 8.36 3.15
CA ASP A 55 6.98 7.94 4.53
C ASP A 55 5.73 8.16 5.39
N GLN A 56 5.75 7.57 6.58
CA GLN A 56 4.61 7.70 7.50
C GLN A 56 4.54 9.11 8.08
N HIS A 57 5.67 9.61 8.55
CA HIS A 57 5.74 10.94 9.14
C HIS A 57 4.78 11.88 8.43
N HIS A 58 4.82 11.89 7.10
CA HIS A 58 3.94 12.74 6.31
C HIS A 58 2.57 12.11 6.14
N ARG A 59 1.56 12.94 5.90
CA ARG A 59 0.20 12.47 5.71
C ARG A 59 -0.21 12.55 4.24
N ASN A 60 -0.17 13.75 3.69
CA ASN A 60 -0.54 13.97 2.29
C ASN A 60 0.68 13.86 1.39
N GLN A 61 0.92 12.66 0.86
CA GLN A 61 2.06 12.43 -0.03
C GLN A 61 1.59 11.97 -1.40
N CYS A 62 2.49 12.02 -2.37
CA CYS A 62 2.17 11.62 -3.73
C CYS A 62 1.18 10.46 -3.74
N GLN A 63 0.36 10.40 -4.79
CA GLN A 63 -0.64 9.34 -4.91
C GLN A 63 -0.08 8.16 -5.70
N TYR A 64 0.49 8.45 -6.86
CA TYR A 64 1.05 7.42 -7.72
C TYR A 64 2.19 6.68 -7.01
N CYS A 65 3.18 7.43 -6.55
CA CYS A 65 4.32 6.85 -5.86
C CYS A 65 3.85 5.94 -4.72
N ARG A 66 2.94 6.45 -3.89
CA ARG A 66 2.43 5.68 -2.77
C ARG A 66 1.67 4.44 -3.25
N LEU A 67 0.57 4.66 -3.95
CA LEU A 67 -0.24 3.57 -4.48
C LEU A 67 0.64 2.51 -5.14
N LYS A 68 1.59 2.96 -5.97
CA LYS A 68 2.50 2.06 -6.65
C LYS A 68 3.36 1.28 -5.66
N LYS A 69 3.96 2.01 -4.73
CA LYS A 69 4.82 1.39 -3.71
C LYS A 69 4.23 0.07 -3.23
N CYS A 70 2.90 -0.05 -3.34
CA CYS A 70 2.22 -1.27 -2.92
C CYS A 70 2.58 -2.44 -3.83
N LEU A 71 2.51 -2.22 -5.14
CA LEU A 71 2.83 -3.26 -6.11
C LEU A 71 4.32 -3.56 -6.11
N LYS A 72 5.11 -2.64 -5.55
CA LYS A 72 6.55 -2.81 -5.48
C LYS A 72 6.94 -3.64 -4.25
N VAL A 73 6.53 -3.18 -3.08
CA VAL A 73 6.84 -3.87 -1.84
C VAL A 73 6.44 -5.34 -1.92
N GLY A 74 5.27 -5.61 -2.50
CA GLY A 74 4.79 -6.97 -2.64
C GLY A 74 3.29 -7.04 -2.84
N MET A 75 2.57 -6.08 -2.25
CA MET A 75 1.12 -6.04 -2.38
C MET A 75 0.68 -6.42 -3.79
N ARG A 76 -0.17 -7.42 -3.89
CA ARG A 76 -0.68 -7.88 -5.19
C ARG A 76 -2.11 -7.43 -5.41
N ARG A 77 -2.42 -7.00 -6.63
CA ARG A 77 -3.76 -6.55 -6.96
C ARG A 77 -4.75 -7.71 -6.94
N GLU A 78 -4.29 -8.88 -7.37
CA GLU A 78 -5.14 -10.06 -7.41
C GLU A 78 -5.69 -10.38 -6.02
N ALA A 79 -4.94 -10.00 -4.99
CA ALA A 79 -5.37 -10.24 -3.61
C ALA A 79 -6.50 -9.29 -3.21
N VAL A 80 -6.54 -8.13 -3.86
CA VAL A 80 -7.58 -7.14 -3.57
C VAL A 80 -8.94 -7.62 -4.05
N GLN A 81 -8.96 -8.30 -5.19
CA GLN A 81 -10.20 -8.81 -5.76
C GLN A 81 -10.07 -10.29 -6.08
N ARG A 82 -9.65 -11.08 -5.09
CA ARG A 82 -9.49 -12.51 -5.27
C ARG A 82 -10.72 -13.12 -5.95
N GLY A 83 -10.48 -14.09 -6.82
CA GLY A 83 -11.57 -14.73 -7.53
C GLY A 83 -11.26 -16.18 -7.90
N SER A 84 -12.31 -16.96 -8.14
CA SER A 84 -12.14 -18.36 -8.49
C SER A 84 -11.53 -18.51 -9.89
N GLY A 85 -10.21 -18.33 -9.97
CA GLY A 85 -9.54 -18.44 -11.26
C GLY A 85 -8.39 -17.46 -11.40
N PRO A 86 -7.47 -17.75 -12.33
CA PRO A 86 -6.31 -16.89 -12.58
C PRO A 86 -6.69 -15.56 -13.21
N SER A 87 -7.51 -15.62 -14.26
CA SER A 87 -7.94 -14.42 -14.96
C SER A 87 -6.80 -13.40 -15.04
N SER A 88 -5.61 -13.88 -15.34
CA SER A 88 -4.44 -13.01 -15.45
C SER A 88 -4.65 -11.94 -16.51
N GLY A 89 -4.22 -10.72 -16.21
CA GLY A 89 -4.38 -9.62 -17.14
C GLY A 89 -3.63 -8.38 -16.71
ZN ZN B . 1.13 2.45 5.50
ZN ZN C . 5.46 10.75 -6.99
N GLY A 1 7.59 6.80 25.05
CA GLY A 1 8.59 5.95 25.69
C GLY A 1 9.64 5.44 24.70
N SER A 2 10.43 4.48 25.13
CA SER A 2 11.47 3.91 24.28
C SER A 2 10.86 3.13 23.12
N SER A 3 10.54 3.83 22.04
CA SER A 3 9.95 3.20 20.87
C SER A 3 11.03 2.57 19.99
N GLY A 4 11.34 1.31 20.26
CA GLY A 4 12.34 0.60 19.49
C GLY A 4 11.74 -0.39 18.51
N SER A 5 12.22 -1.63 18.56
CA SER A 5 11.74 -2.68 17.66
C SER A 5 10.57 -3.42 18.31
N SER A 6 9.36 -2.93 18.06
CA SER A 6 8.16 -3.55 18.61
C SER A 6 7.00 -3.45 17.61
N GLY A 7 6.48 -4.62 17.21
CA GLY A 7 5.38 -4.65 16.26
C GLY A 7 5.84 -4.49 14.83
N ILE A 8 4.99 -4.91 13.89
CA ILE A 8 5.31 -4.82 12.48
C ILE A 8 5.02 -3.42 11.93
N GLU A 9 5.85 -2.97 11.00
CA GLU A 9 5.68 -1.66 10.40
C GLU A 9 5.13 -1.76 8.98
N CYS A 10 4.71 -0.64 8.42
CA CYS A 10 4.18 -0.61 7.06
C CYS A 10 5.29 -0.53 6.03
N VAL A 11 5.26 -1.45 5.06
CA VAL A 11 6.27 -1.48 4.01
C VAL A 11 6.03 -0.38 2.98
N VAL A 12 5.11 0.53 3.29
CA VAL A 12 4.79 1.63 2.40
C VAL A 12 5.14 2.97 3.03
N CYS A 13 4.60 3.22 4.23
CA CYS A 13 4.85 4.47 4.93
C CYS A 13 5.62 4.21 6.23
N GLY A 14 5.68 2.94 6.63
CA GLY A 14 6.39 2.59 7.85
C GLY A 14 5.47 2.46 9.04
N ASP A 15 4.27 3.02 8.93
CA ASP A 15 3.29 2.98 10.01
C ASP A 15 3.11 1.54 10.51
N LYS A 16 2.99 1.40 11.83
CA LYS A 16 2.81 0.09 12.43
C LYS A 16 1.78 -0.73 11.67
N SER A 17 2.25 -1.67 10.87
CA SER A 17 1.35 -2.52 10.08
C SER A 17 0.33 -3.22 10.97
N SER A 18 -0.90 -3.30 10.49
CA SER A 18 -1.98 -3.93 11.24
C SER A 18 -1.95 -5.45 11.06
N GLY A 19 -1.34 -5.89 9.97
CA GLY A 19 -1.26 -7.31 9.69
C GLY A 19 -0.85 -7.61 8.27
N LYS A 20 -0.87 -8.88 7.89
CA LYS A 20 -0.50 -9.30 6.55
C LYS A 20 -1.67 -9.12 5.58
N HIS A 21 -1.82 -7.91 5.06
CA HIS A 21 -2.90 -7.61 4.12
C HIS A 21 -2.40 -7.66 2.68
N TYR A 22 -3.02 -8.52 1.88
CA TYR A 22 -2.64 -8.67 0.49
C TYR A 22 -1.25 -9.31 0.36
N GLY A 23 -1.01 -10.32 1.18
CA GLY A 23 0.27 -11.00 1.16
C GLY A 23 1.42 -10.09 1.52
N GLN A 24 1.11 -8.98 2.19
CA GLN A 24 2.12 -8.02 2.59
C GLN A 24 1.69 -7.27 3.85
N PHE A 25 2.66 -6.94 4.70
CA PHE A 25 2.37 -6.22 5.94
C PHE A 25 2.25 -4.72 5.68
N THR A 26 1.04 -4.19 5.87
CA THR A 26 0.79 -2.77 5.65
C THR A 26 -0.20 -2.22 6.67
N CYS A 27 -0.03 -0.96 7.03
CA CYS A 27 -0.92 -0.32 8.01
C CYS A 27 -2.34 -0.23 7.46
N GLU A 28 -3.26 0.25 8.30
CA GLU A 28 -4.65 0.38 7.90
C GLU A 28 -4.82 1.51 6.87
N GLY A 29 -3.96 2.52 6.97
CA GLY A 29 -4.03 3.63 6.03
C GLY A 29 -3.73 3.22 4.61
N CYS A 30 -2.70 2.41 4.43
CA CYS A 30 -2.31 1.95 3.11
C CYS A 30 -3.15 0.74 2.69
N LYS A 31 -3.46 -0.13 3.64
CA LYS A 31 -4.26 -1.32 3.38
C LYS A 31 -5.47 -0.97 2.52
N SER A 32 -6.24 0.01 2.97
CA SER A 32 -7.43 0.43 2.24
C SER A 32 -7.06 1.26 1.01
N PHE A 33 -6.13 2.19 1.19
CA PHE A 33 -5.68 3.03 0.08
C PHE A 33 -5.27 2.19 -1.12
N PHE A 34 -4.70 1.03 -0.85
CA PHE A 34 -4.26 0.12 -1.91
C PHE A 34 -5.46 -0.48 -2.66
N LYS A 35 -6.43 -0.96 -1.89
CA LYS A 35 -7.63 -1.55 -2.48
C LYS A 35 -8.49 -0.50 -3.14
N ARG A 36 -8.93 0.48 -2.38
CA ARG A 36 -9.77 1.55 -2.90
C ARG A 36 -9.27 2.01 -4.26
N SER A 37 -7.98 1.84 -4.50
CA SER A 37 -7.38 2.23 -5.77
C SER A 37 -7.28 1.04 -6.72
N VAL A 38 -7.12 -0.16 -6.16
CA VAL A 38 -7.02 -1.37 -6.95
C VAL A 38 -8.40 -1.91 -7.33
N ARG A 39 -9.20 -2.22 -6.32
CA ARG A 39 -10.54 -2.73 -6.54
C ARG A 39 -11.36 -1.79 -7.41
N ARG A 40 -10.94 -0.53 -7.44
CA ARG A 40 -11.63 0.49 -8.25
C ARG A 40 -10.92 0.71 -9.58
N ASN A 41 -9.70 0.20 -9.69
CA ASN A 41 -8.91 0.34 -10.91
C ASN A 41 -8.59 1.80 -11.17
N LEU A 42 -8.23 2.53 -10.12
CA LEU A 42 -7.90 3.95 -10.24
C LEU A 42 -6.45 4.13 -10.66
N THR A 43 -6.10 5.35 -11.07
CA THR A 43 -4.74 5.66 -11.49
C THR A 43 -4.41 7.13 -11.25
N TYR A 44 -3.41 7.37 -10.42
CA TYR A 44 -3.00 8.74 -10.10
C TYR A 44 -1.76 9.13 -10.90
N THR A 45 -1.59 10.43 -11.12
CA THR A 45 -0.44 10.93 -11.87
C THR A 45 0.57 11.60 -10.94
N CYS A 46 1.78 11.06 -10.91
CA CYS A 46 2.84 11.61 -10.07
C CYS A 46 3.30 12.96 -10.59
N ARG A 47 3.07 14.00 -9.80
CA ARG A 47 3.47 15.36 -10.18
C ARG A 47 4.94 15.60 -9.88
N ALA A 48 5.72 14.52 -9.83
CA ALA A 48 7.14 14.61 -9.56
C ALA A 48 7.93 13.54 -10.30
N ASN A 49 9.23 13.47 -10.04
CA ASN A 49 10.08 12.49 -10.70
C ASN A 49 9.91 11.10 -10.07
N ARG A 50 8.66 10.75 -9.78
CA ARG A 50 8.35 9.46 -9.18
C ARG A 50 9.35 9.12 -8.09
N ASN A 51 9.75 10.13 -7.32
CA ASN A 51 10.71 9.94 -6.24
C ASN A 51 10.18 10.52 -4.94
N CYS A 52 8.90 10.84 -4.91
CA CYS A 52 8.27 11.42 -3.73
C CYS A 52 8.42 10.49 -2.53
N PRO A 53 8.83 11.06 -1.38
CA PRO A 53 9.01 10.30 -0.15
C PRO A 53 7.68 9.81 0.44
N ILE A 54 7.39 8.53 0.27
CA ILE A 54 6.17 7.95 0.78
C ILE A 54 6.38 7.36 2.17
N ASP A 55 6.34 8.22 3.19
CA ASP A 55 6.53 7.78 4.56
C ASP A 55 5.25 7.97 5.37
N GLN A 56 5.30 7.61 6.65
CA GLN A 56 4.14 7.73 7.53
C GLN A 56 4.13 9.08 8.23
N HIS A 57 5.30 9.51 8.71
CA HIS A 57 5.42 10.78 9.40
C HIS A 57 4.48 11.82 8.80
N HIS A 58 4.45 11.90 7.48
CA HIS A 58 3.58 12.85 6.79
C HIS A 58 2.31 12.17 6.29
N ARG A 59 1.30 12.97 6.01
CA ARG A 59 0.01 12.45 5.54
C ARG A 59 -0.20 12.78 4.06
N ASN A 60 -0.05 14.05 3.72
CA ASN A 60 -0.22 14.49 2.34
C ASN A 60 1.01 14.17 1.51
N GLN A 61 0.96 13.07 0.76
CA GLN A 61 2.07 12.66 -0.08
C GLN A 61 1.58 12.27 -1.47
N CYS A 62 2.53 12.02 -2.38
CA CYS A 62 2.19 11.63 -3.74
C CYS A 62 1.22 10.46 -3.76
N GLN A 63 0.33 10.45 -4.74
CA GLN A 63 -0.65 9.38 -4.88
C GLN A 63 -0.08 8.21 -5.67
N TYR A 64 0.43 8.50 -6.86
CA TYR A 64 1.01 7.47 -7.71
C TYR A 64 2.13 6.73 -7.00
N CYS A 65 3.15 7.46 -6.58
CA CYS A 65 4.29 6.87 -5.88
C CYS A 65 3.81 5.94 -4.77
N ARG A 66 2.90 6.44 -3.94
CA ARG A 66 2.36 5.65 -2.83
C ARG A 66 1.64 4.41 -3.35
N LEU A 67 0.55 4.63 -4.07
CA LEU A 67 -0.25 3.53 -4.63
C LEU A 67 0.67 2.49 -5.29
N LYS A 68 1.69 2.97 -5.99
CA LYS A 68 2.63 2.08 -6.67
C LYS A 68 3.49 1.33 -5.66
N LYS A 69 4.08 2.06 -4.73
CA LYS A 69 4.93 1.47 -3.70
C LYS A 69 4.36 0.13 -3.24
N CYS A 70 3.04 0.00 -3.32
CA CYS A 70 2.37 -1.24 -2.90
C CYS A 70 2.75 -2.39 -3.83
N LEU A 71 2.61 -2.18 -5.13
CA LEU A 71 2.93 -3.21 -6.11
C LEU A 71 4.43 -3.48 -6.14
N LYS A 72 5.20 -2.58 -5.54
CA LYS A 72 6.64 -2.73 -5.48
C LYS A 72 7.07 -3.55 -4.26
N VAL A 73 6.61 -3.12 -3.09
CA VAL A 73 6.94 -3.81 -1.85
C VAL A 73 6.58 -5.29 -1.94
N GLY A 74 5.44 -5.58 -2.56
CA GLY A 74 5.00 -6.96 -2.70
C GLY A 74 3.50 -7.07 -2.89
N MET A 75 2.76 -6.18 -2.24
CA MET A 75 1.30 -6.17 -2.35
C MET A 75 0.85 -6.62 -3.73
N ARG A 76 -0.15 -7.49 -3.79
CA ARG A 76 -0.67 -8.00 -5.05
C ARG A 76 -2.10 -7.53 -5.27
N ARG A 77 -2.39 -7.06 -6.48
CA ARG A 77 -3.73 -6.58 -6.81
C ARG A 77 -4.72 -7.74 -6.85
N GLU A 78 -4.30 -8.85 -7.45
CA GLU A 78 -5.16 -10.03 -7.55
C GLU A 78 -5.90 -10.29 -6.23
N ALA A 79 -5.16 -10.20 -5.13
CA ALA A 79 -5.74 -10.41 -3.81
C ALA A 79 -6.93 -9.50 -3.58
N VAL A 80 -6.75 -8.22 -3.89
CA VAL A 80 -7.82 -7.23 -3.71
C VAL A 80 -9.12 -7.72 -4.33
N GLN A 81 -9.03 -8.19 -5.58
CA GLN A 81 -10.21 -8.68 -6.29
C GLN A 81 -9.96 -10.06 -6.86
N ARG A 82 -10.78 -11.03 -6.45
CA ARG A 82 -10.65 -12.40 -6.91
C ARG A 82 -11.89 -12.83 -7.69
N GLY A 83 -11.82 -14.01 -8.29
CA GLY A 83 -12.95 -14.53 -9.06
C GLY A 83 -12.53 -15.59 -10.06
N SER A 84 -13.18 -15.59 -11.22
CA SER A 84 -12.88 -16.58 -12.25
C SER A 84 -12.79 -15.91 -13.62
N GLY A 85 -12.12 -16.57 -14.55
CA GLY A 85 -11.97 -16.02 -15.89
C GLY A 85 -10.66 -16.42 -16.55
N PRO A 86 -10.21 -15.62 -17.52
CA PRO A 86 -8.96 -15.89 -18.24
C PRO A 86 -7.73 -15.68 -17.36
N SER A 87 -7.95 -15.27 -16.12
CA SER A 87 -6.86 -15.04 -15.18
C SER A 87 -6.20 -16.36 -14.78
N SER A 88 -4.92 -16.49 -15.09
CA SER A 88 -4.17 -17.70 -14.76
C SER A 88 -3.04 -17.38 -13.78
N GLY A 89 -3.00 -18.12 -12.67
CA GLY A 89 -1.98 -17.92 -11.68
C GLY A 89 -2.05 -16.54 -11.04
ZN ZN B . 1.11 2.63 5.56
ZN ZN C . 5.44 10.76 -7.05
N GLY A 1 1.69 1.98 28.48
CA GLY A 1 2.76 2.91 28.18
C GLY A 1 3.56 2.49 26.96
N SER A 2 4.15 3.47 26.27
CA SER A 2 4.95 3.19 25.09
C SER A 2 6.28 2.57 25.46
N SER A 3 6.29 1.25 25.61
CA SER A 3 7.51 0.52 25.97
C SER A 3 8.16 -0.10 24.74
N GLY A 4 9.03 0.65 24.09
CA GLY A 4 9.71 0.15 22.90
C GLY A 4 8.74 -0.28 21.82
N SER A 5 8.58 0.57 20.79
CA SER A 5 7.67 0.28 19.69
C SER A 5 7.82 -1.17 19.23
N SER A 6 6.76 -1.96 19.42
CA SER A 6 6.77 -3.37 19.03
C SER A 6 5.72 -3.63 17.96
N GLY A 7 5.99 -4.62 17.11
CA GLY A 7 5.06 -4.97 16.06
C GLY A 7 5.64 -4.75 14.67
N ILE A 8 4.90 -5.15 13.64
CA ILE A 8 5.34 -5.00 12.27
C ILE A 8 5.09 -3.58 11.77
N GLU A 9 5.90 -3.15 10.80
CA GLU A 9 5.76 -1.81 10.23
C GLU A 9 5.23 -1.88 8.80
N CYS A 10 4.70 -0.77 8.33
CA CYS A 10 4.16 -0.70 6.97
C CYS A 10 5.28 -0.57 5.94
N VAL A 11 5.34 -1.54 5.02
CA VAL A 11 6.36 -1.53 3.98
C VAL A 11 6.12 -0.42 2.97
N VAL A 12 5.09 0.39 3.22
CA VAL A 12 4.75 1.50 2.34
C VAL A 12 5.08 2.84 2.98
N CYS A 13 4.58 3.05 4.19
CA CYS A 13 4.83 4.29 4.91
C CYS A 13 5.61 4.03 6.20
N GLY A 14 5.68 2.76 6.59
CA GLY A 14 6.39 2.39 7.79
C GLY A 14 5.47 2.27 9.00
N ASP A 15 4.27 2.82 8.88
CA ASP A 15 3.30 2.77 9.97
C ASP A 15 3.12 1.35 10.47
N LYS A 16 3.04 1.20 11.79
CA LYS A 16 2.87 -0.12 12.40
C LYS A 16 1.84 -0.95 11.63
N SER A 17 2.32 -1.81 10.76
CA SER A 17 1.43 -2.67 9.96
C SER A 17 0.36 -3.30 10.84
N SER A 18 -0.86 -3.36 10.32
CA SER A 18 -1.98 -3.95 11.05
C SER A 18 -2.10 -5.44 10.75
N GLY A 19 -1.00 -6.05 10.31
CA GLY A 19 -1.01 -7.46 10.00
C GLY A 19 -0.79 -7.72 8.52
N LYS A 20 -0.75 -9.00 8.15
CA LYS A 20 -0.54 -9.38 6.75
C LYS A 20 -1.73 -8.96 5.89
N HIS A 21 -1.50 -8.03 4.99
CA HIS A 21 -2.55 -7.53 4.10
C HIS A 21 -2.13 -7.65 2.64
N TYR A 22 -2.96 -8.32 1.84
CA TYR A 22 -2.67 -8.51 0.43
C TYR A 22 -1.34 -9.23 0.23
N GLY A 23 -1.02 -10.12 1.17
CA GLY A 23 0.23 -10.87 1.08
C GLY A 23 1.43 -10.04 1.49
N GLN A 24 1.17 -8.91 2.13
CA GLN A 24 2.25 -8.02 2.57
C GLN A 24 1.82 -7.22 3.80
N PHE A 25 2.73 -7.11 4.76
CA PHE A 25 2.45 -6.37 5.99
C PHE A 25 2.32 -4.88 5.71
N THR A 26 1.13 -4.34 5.95
CA THR A 26 0.87 -2.92 5.73
C THR A 26 -0.14 -2.38 6.72
N CYS A 27 -0.01 -1.10 7.06
CA CYS A 27 -0.91 -0.46 8.02
C CYS A 27 -2.33 -0.39 7.45
N GLU A 28 -3.26 0.12 8.26
CA GLU A 28 -4.64 0.24 7.84
C GLU A 28 -4.82 1.41 6.87
N GLY A 29 -3.92 2.39 6.96
CA GLY A 29 -4.00 3.55 6.09
C GLY A 29 -3.71 3.19 4.63
N CYS A 30 -2.72 2.33 4.42
CA CYS A 30 -2.35 1.92 3.08
C CYS A 30 -3.21 0.76 2.60
N LYS A 31 -3.49 -0.17 3.51
CA LYS A 31 -4.31 -1.34 3.20
C LYS A 31 -5.54 -0.94 2.40
N SER A 32 -6.22 0.11 2.85
CA SER A 32 -7.42 0.60 2.18
C SER A 32 -7.05 1.45 0.96
N PHE A 33 -6.09 2.36 1.15
CA PHE A 33 -5.65 3.23 0.07
C PHE A 33 -5.24 2.42 -1.15
N PHE A 34 -4.77 1.20 -0.92
CA PHE A 34 -4.34 0.33 -2.00
C PHE A 34 -5.54 -0.23 -2.76
N LYS A 35 -6.47 -0.83 -2.02
CA LYS A 35 -7.68 -1.40 -2.63
C LYS A 35 -8.49 -0.34 -3.34
N ARG A 36 -8.98 0.64 -2.57
CA ARG A 36 -9.78 1.72 -3.14
C ARG A 36 -9.29 2.09 -4.53
N SER A 37 -7.99 1.95 -4.76
CA SER A 37 -7.40 2.27 -6.05
C SER A 37 -7.32 1.03 -6.93
N VAL A 38 -6.97 -0.11 -6.33
CA VAL A 38 -6.86 -1.36 -7.05
C VAL A 38 -8.23 -1.87 -7.49
N ARG A 39 -9.09 -2.15 -6.52
CA ARG A 39 -10.43 -2.64 -6.80
C ARG A 39 -11.16 -1.70 -7.76
N ARG A 40 -10.80 -0.43 -7.71
CA ARG A 40 -11.43 0.57 -8.58
C ARG A 40 -10.65 0.71 -9.89
N ASN A 41 -9.40 0.30 -9.87
CA ASN A 41 -8.55 0.39 -11.06
C ASN A 41 -8.24 1.84 -11.40
N LEU A 42 -7.91 2.63 -10.37
CA LEU A 42 -7.58 4.03 -10.56
C LEU A 42 -6.13 4.20 -11.01
N THR A 43 -5.75 5.44 -11.29
CA THR A 43 -4.40 5.75 -11.73
C THR A 43 -4.07 7.22 -11.55
N TYR A 44 -3.28 7.53 -10.54
CA TYR A 44 -2.89 8.91 -10.25
C TYR A 44 -1.59 9.28 -10.98
N THR A 45 -1.54 10.52 -11.47
CA THR A 45 -0.37 10.99 -12.20
C THR A 45 0.51 11.86 -11.30
N CYS A 46 1.57 11.25 -10.76
CA CYS A 46 2.50 11.97 -9.90
C CYS A 46 3.12 13.16 -10.62
N ARG A 47 2.72 14.37 -10.22
CA ARG A 47 3.24 15.58 -10.83
C ARG A 47 4.75 15.69 -10.63
N ALA A 48 5.28 14.89 -9.70
CA ALA A 48 6.71 14.90 -9.42
C ALA A 48 7.44 13.84 -10.24
N ASN A 49 8.72 13.64 -9.93
CA ASN A 49 9.53 12.67 -10.65
C ASN A 49 9.26 11.26 -10.13
N ARG A 50 8.01 11.00 -9.75
CA ARG A 50 7.62 9.70 -9.24
C ARG A 50 8.67 9.14 -8.30
N ASN A 51 9.23 10.02 -7.47
CA ASN A 51 10.26 9.63 -6.51
C ASN A 51 9.95 10.18 -5.12
N CYS A 52 8.72 10.63 -4.93
CA CYS A 52 8.29 11.18 -3.65
C CYS A 52 8.60 10.21 -2.52
N PRO A 53 9.18 10.74 -1.43
CA PRO A 53 9.54 9.94 -0.25
C PRO A 53 8.31 9.47 0.53
N ILE A 54 7.78 8.33 0.13
CA ILE A 54 6.59 7.76 0.79
C ILE A 54 6.96 7.17 2.15
N ASP A 55 6.59 7.88 3.21
CA ASP A 55 6.88 7.43 4.56
C ASP A 55 5.70 7.70 5.49
N GLN A 56 5.85 7.38 6.77
CA GLN A 56 4.80 7.60 7.75
C GLN A 56 4.83 9.02 8.28
N HIS A 57 6.03 9.51 8.58
CA HIS A 57 6.19 10.87 9.09
C HIS A 57 6.08 11.90 7.96
N HIS A 58 5.03 11.77 7.16
CA HIS A 58 4.81 12.68 6.05
C HIS A 58 3.32 12.84 5.76
N ARG A 59 2.86 14.08 5.73
CA ARG A 59 1.46 14.38 5.48
C ARG A 59 1.23 14.67 4.00
N ASN A 60 0.07 14.25 3.50
CA ASN A 60 -0.28 14.46 2.10
C ASN A 60 0.71 13.75 1.18
N GLN A 61 1.04 12.50 1.53
CA GLN A 61 1.97 11.72 0.74
C GLN A 61 1.45 11.52 -0.69
N CYS A 62 2.37 11.54 -1.65
CA CYS A 62 2.01 11.37 -3.05
C CYS A 62 1.05 10.18 -3.22
N GLN A 63 -0.02 10.40 -3.99
CA GLN A 63 -1.00 9.36 -4.23
C GLN A 63 -0.42 8.25 -5.09
N TYR A 64 0.00 8.61 -6.32
CA TYR A 64 0.57 7.63 -7.24
C TYR A 64 1.72 6.87 -6.59
N CYS A 65 2.83 7.57 -6.38
CA CYS A 65 4.01 6.94 -5.76
C CYS A 65 3.59 5.96 -4.67
N ARG A 66 2.85 6.46 -3.69
CA ARG A 66 2.39 5.62 -2.58
C ARG A 66 1.66 4.38 -3.10
N LEU A 67 0.71 4.60 -4.01
CA LEU A 67 -0.07 3.51 -4.59
C LEU A 67 0.85 2.47 -5.23
N LYS A 68 1.77 2.94 -6.07
CA LYS A 68 2.71 2.05 -6.74
C LYS A 68 3.54 1.27 -5.74
N LYS A 69 4.13 1.98 -4.77
CA LYS A 69 4.95 1.36 -3.76
C LYS A 69 4.36 0.01 -3.33
N CYS A 70 3.04 -0.12 -3.45
CA CYS A 70 2.36 -1.35 -3.09
C CYS A 70 2.75 -2.49 -4.02
N LEU A 71 2.62 -2.25 -5.32
CA LEU A 71 2.97 -3.25 -6.32
C LEU A 71 4.47 -3.52 -6.34
N LYS A 72 5.23 -2.64 -5.68
CA LYS A 72 6.68 -2.78 -5.63
C LYS A 72 7.09 -3.63 -4.42
N VAL A 73 6.68 -3.20 -3.24
CA VAL A 73 7.01 -3.91 -2.00
C VAL A 73 6.62 -5.38 -2.11
N GLY A 74 5.49 -5.65 -2.75
CA GLY A 74 5.02 -7.02 -2.90
C GLY A 74 3.51 -7.11 -3.02
N MET A 75 2.81 -6.17 -2.37
CA MET A 75 1.36 -6.16 -2.41
C MET A 75 0.84 -6.61 -3.77
N ARG A 76 0.01 -7.65 -3.76
CA ARG A 76 -0.55 -8.18 -5.01
C ARG A 76 -1.99 -7.70 -5.20
N ARG A 77 -2.31 -7.27 -6.41
CA ARG A 77 -3.65 -6.78 -6.72
C ARG A 77 -4.65 -7.93 -6.71
N GLU A 78 -4.28 -9.04 -7.32
CA GLU A 78 -5.15 -10.22 -7.38
C GLU A 78 -5.85 -10.44 -6.04
N ALA A 79 -5.14 -10.16 -4.95
CA ALA A 79 -5.69 -10.34 -3.62
C ALA A 79 -6.87 -9.41 -3.39
N VAL A 80 -6.67 -8.12 -3.63
CA VAL A 80 -7.72 -7.12 -3.44
C VAL A 80 -9.05 -7.63 -3.99
N GLN A 81 -9.00 -8.28 -5.15
CA GLN A 81 -10.20 -8.82 -5.77
C GLN A 81 -10.11 -10.34 -5.91
N ARG A 82 -10.89 -11.04 -5.09
CA ARG A 82 -10.89 -12.50 -5.12
C ARG A 82 -11.69 -13.02 -6.32
N GLY A 83 -12.96 -12.64 -6.39
CA GLY A 83 -13.80 -13.07 -7.49
C GLY A 83 -13.38 -12.46 -8.81
N SER A 84 -14.07 -11.40 -9.22
CA SER A 84 -13.76 -10.73 -10.47
C SER A 84 -13.78 -11.72 -11.64
N GLY A 85 -14.79 -12.60 -11.64
CA GLY A 85 -14.90 -13.59 -12.70
C GLY A 85 -15.29 -14.95 -12.18
N PRO A 86 -16.37 -15.52 -12.73
CA PRO A 86 -16.87 -16.84 -12.34
C PRO A 86 -15.93 -17.97 -12.76
N SER A 87 -14.87 -17.61 -13.48
CA SER A 87 -13.89 -18.59 -13.95
C SER A 87 -12.96 -19.01 -12.81
N SER A 88 -13.17 -20.21 -12.29
CA SER A 88 -12.34 -20.72 -11.20
C SER A 88 -11.91 -19.60 -10.27
N GLY A 89 -12.86 -18.74 -9.91
CA GLY A 89 -12.56 -17.64 -9.01
C GLY A 89 -12.07 -16.41 -9.76
ZN ZN B . 1.02 2.50 5.53
ZN ZN C . 5.13 11.02 -6.54
N GLY A 1 17.28 5.84 18.82
CA GLY A 1 16.97 4.43 18.83
C GLY A 1 16.59 3.90 17.46
N SER A 2 15.33 4.09 17.09
CA SER A 2 14.84 3.63 15.80
C SER A 2 14.83 2.10 15.73
N SER A 3 14.39 1.47 16.82
CA SER A 3 14.34 0.02 16.88
C SER A 3 12.94 -0.46 17.25
N GLY A 4 12.49 -1.54 16.62
CA GLY A 4 11.18 -2.09 16.90
C GLY A 4 11.11 -3.58 16.71
N SER A 5 11.42 -4.32 17.77
CA SER A 5 11.40 -5.78 17.72
C SER A 5 9.96 -6.31 17.76
N SER A 6 9.21 -5.89 18.77
CA SER A 6 7.82 -6.32 18.93
C SER A 6 6.87 -5.36 18.23
N GLY A 7 6.46 -5.72 17.02
CA GLY A 7 5.55 -4.88 16.26
C GLY A 7 5.96 -4.75 14.81
N ILE A 8 5.01 -4.97 13.91
CA ILE A 8 5.27 -4.88 12.48
C ILE A 8 5.03 -3.46 11.97
N GLU A 9 5.83 -3.06 10.99
CA GLU A 9 5.70 -1.72 10.41
C GLU A 9 5.18 -1.80 8.98
N CYS A 10 4.71 -0.67 8.46
CA CYS A 10 4.18 -0.60 7.11
C CYS A 10 5.29 -0.48 6.10
N VAL A 11 5.36 -1.43 5.17
CA VAL A 11 6.38 -1.43 4.13
C VAL A 11 6.14 -0.31 3.12
N VAL A 12 5.10 0.48 3.36
CA VAL A 12 4.77 1.59 2.48
C VAL A 12 5.13 2.93 3.11
N CYS A 13 4.56 3.19 4.28
CA CYS A 13 4.82 4.44 5.00
C CYS A 13 5.61 4.18 6.28
N GLY A 14 5.64 2.92 6.70
CA GLY A 14 6.36 2.56 7.91
C GLY A 14 5.46 2.44 9.11
N ASP A 15 4.25 2.97 8.99
CA ASP A 15 3.28 2.93 10.08
C ASP A 15 3.11 1.51 10.60
N LYS A 16 2.98 1.37 11.91
CA LYS A 16 2.80 0.06 12.53
C LYS A 16 1.76 -0.77 11.77
N SER A 17 2.25 -1.67 10.92
CA SER A 17 1.36 -2.52 10.13
C SER A 17 0.38 -3.27 11.03
N SER A 18 -0.87 -3.34 10.60
CA SER A 18 -1.91 -4.01 11.37
C SER A 18 -1.83 -5.53 11.16
N GLY A 19 -1.27 -5.94 10.03
CA GLY A 19 -1.14 -7.36 9.74
C GLY A 19 -0.70 -7.61 8.32
N LYS A 20 -0.78 -8.87 7.89
CA LYS A 20 -0.37 -9.25 6.54
C LYS A 20 -1.53 -9.07 5.56
N HIS A 21 -1.68 -7.87 5.03
CA HIS A 21 -2.75 -7.57 4.08
C HIS A 21 -2.24 -7.67 2.65
N TYR A 22 -2.99 -8.38 1.81
CA TYR A 22 -2.62 -8.55 0.41
C TYR A 22 -1.24 -9.21 0.29
N GLY A 23 -1.00 -10.20 1.14
CA GLY A 23 0.28 -10.90 1.11
C GLY A 23 1.44 -9.99 1.47
N GLN A 24 1.14 -8.88 2.14
CA GLN A 24 2.16 -7.93 2.54
C GLN A 24 1.75 -7.16 3.79
N PHE A 25 2.71 -6.87 4.66
CA PHE A 25 2.43 -6.14 5.88
C PHE A 25 2.31 -4.64 5.62
N THR A 26 1.12 -4.09 5.86
CA THR A 26 0.88 -2.68 5.64
C THR A 26 -0.19 -2.16 6.60
N CYS A 27 0.03 -0.95 7.12
CA CYS A 27 -0.91 -0.33 8.04
C CYS A 27 -2.31 -0.26 7.44
N GLU A 28 -3.30 0.06 8.26
CA GLU A 28 -4.68 0.17 7.80
C GLU A 28 -4.85 1.33 6.83
N GLY A 29 -4.01 2.35 6.99
CA GLY A 29 -4.08 3.51 6.12
C GLY A 29 -3.76 3.17 4.68
N CYS A 30 -2.70 2.39 4.48
CA CYS A 30 -2.29 1.98 3.13
C CYS A 30 -3.10 0.79 2.65
N LYS A 31 -3.48 -0.08 3.59
CA LYS A 31 -4.26 -1.26 3.26
C LYS A 31 -5.52 -0.89 2.47
N SER A 32 -6.27 0.07 3.00
CA SER A 32 -7.49 0.51 2.35
C SER A 32 -7.18 1.40 1.14
N PHE A 33 -6.15 2.23 1.28
CA PHE A 33 -5.75 3.13 0.21
C PHE A 33 -5.33 2.35 -1.03
N PHE A 34 -4.73 1.19 -0.80
CA PHE A 34 -4.27 0.34 -1.91
C PHE A 34 -5.45 -0.28 -2.64
N LYS A 35 -6.45 -0.74 -1.89
CA LYS A 35 -7.63 -1.36 -2.46
C LYS A 35 -8.46 -0.33 -3.22
N ARG A 36 -9.01 0.64 -2.49
CA ARG A 36 -9.83 1.69 -3.09
C ARG A 36 -9.31 2.05 -4.47
N SER A 37 -8.00 1.92 -4.66
CA SER A 37 -7.37 2.25 -5.93
C SER A 37 -7.36 1.03 -6.86
N VAL A 38 -6.94 -0.11 -6.32
CA VAL A 38 -6.88 -1.35 -7.10
C VAL A 38 -8.27 -1.84 -7.45
N ARG A 39 -9.06 -2.16 -6.43
CA ARG A 39 -10.42 -2.64 -6.63
C ARG A 39 -11.18 -1.75 -7.61
N ARG A 40 -10.81 -0.48 -7.65
CA ARG A 40 -11.45 0.48 -8.54
C ARG A 40 -10.69 0.60 -9.86
N ASN A 41 -9.42 0.22 -9.83
CA ASN A 41 -8.59 0.28 -11.03
C ASN A 41 -8.20 1.72 -11.35
N LEU A 42 -8.04 2.53 -10.31
CA LEU A 42 -7.68 3.94 -10.49
C LEU A 42 -6.21 4.06 -10.91
N THR A 43 -5.82 5.28 -11.27
CA THR A 43 -4.45 5.54 -11.70
C THR A 43 -4.10 7.03 -11.56
N TYR A 44 -3.30 7.34 -10.55
CA TYR A 44 -2.89 8.71 -10.29
C TYR A 44 -1.60 9.05 -11.03
N THR A 45 -1.44 10.31 -11.40
CA THR A 45 -0.24 10.76 -12.11
C THR A 45 0.64 11.61 -11.21
N CYS A 46 1.93 11.28 -11.19
CA CYS A 46 2.89 12.02 -10.36
C CYS A 46 3.61 13.08 -11.19
N ARG A 47 3.06 14.28 -11.22
CA ARG A 47 3.65 15.38 -11.98
C ARG A 47 5.15 15.52 -11.65
N ALA A 48 5.56 14.94 -10.53
CA ALA A 48 6.95 14.99 -10.11
C ALA A 48 7.77 13.89 -10.74
N ASN A 49 9.02 13.76 -10.33
CA ASN A 49 9.91 12.73 -10.85
C ASN A 49 9.67 11.39 -10.17
N ARG A 50 8.41 11.14 -9.80
CA ARG A 50 8.05 9.90 -9.13
C ARG A 50 9.10 9.50 -8.10
N ASN A 51 9.56 10.48 -7.33
CA ASN A 51 10.57 10.25 -6.30
C ASN A 51 10.03 10.59 -4.92
N CYS A 52 8.77 11.01 -4.87
CA CYS A 52 8.13 11.38 -3.60
C CYS A 52 8.44 10.35 -2.52
N PRO A 53 9.09 10.80 -1.44
CA PRO A 53 9.45 9.93 -0.32
C PRO A 53 8.23 9.48 0.48
N ILE A 54 7.58 8.42 0.02
CA ILE A 54 6.39 7.90 0.69
C ILE A 54 6.74 7.42 2.10
N ASP A 55 6.49 8.27 3.08
CA ASP A 55 6.76 7.92 4.48
C ASP A 55 5.57 8.24 5.36
N GLN A 56 5.56 7.67 6.56
CA GLN A 56 4.46 7.90 7.50
C GLN A 56 4.45 9.35 7.98
N HIS A 57 5.61 9.86 8.35
CA HIS A 57 5.73 11.24 8.82
C HIS A 57 4.74 12.15 8.09
N HIS A 58 4.88 12.22 6.77
CA HIS A 58 4.00 13.05 5.96
C HIS A 58 2.59 12.47 5.92
N ARG A 59 1.58 13.35 6.00
CA ARG A 59 0.19 12.93 5.97
C ARG A 59 -0.36 12.94 4.55
N ASN A 60 0.18 13.84 3.73
CA ASN A 60 -0.26 13.95 2.34
C ASN A 60 0.82 13.43 1.39
N GLN A 61 1.09 12.14 1.47
CA GLN A 61 2.09 11.51 0.61
C GLN A 61 1.56 11.32 -0.80
N CYS A 62 2.44 11.48 -1.79
CA CYS A 62 2.06 11.32 -3.19
C CYS A 62 1.04 10.20 -3.35
N GLN A 63 0.23 10.28 -4.41
CA GLN A 63 -0.79 9.28 -4.68
C GLN A 63 -0.22 8.15 -5.54
N TYR A 64 0.35 8.52 -6.68
CA TYR A 64 0.92 7.54 -7.60
C TYR A 64 2.06 6.78 -6.94
N CYS A 65 3.08 7.50 -6.51
CA CYS A 65 4.24 6.89 -5.86
C CYS A 65 3.79 5.95 -4.75
N ARG A 66 2.93 6.44 -3.86
CA ARG A 66 2.42 5.65 -2.75
C ARG A 66 1.66 4.42 -3.26
N LEU A 67 0.62 4.67 -4.05
CA LEU A 67 -0.19 3.59 -4.60
C LEU A 67 0.69 2.52 -5.24
N LYS A 68 1.67 2.96 -6.03
CA LYS A 68 2.59 2.03 -6.70
C LYS A 68 3.42 1.26 -5.68
N LYS A 69 4.02 1.98 -4.73
CA LYS A 69 4.84 1.36 -3.70
C LYS A 69 4.25 0.03 -3.28
N CYS A 70 2.93 -0.10 -3.38
CA CYS A 70 2.25 -1.33 -3.00
C CYS A 70 2.63 -2.47 -3.94
N LEU A 71 2.55 -2.23 -5.23
CA LEU A 71 2.88 -3.23 -6.24
C LEU A 71 4.38 -3.52 -6.23
N LYS A 72 5.15 -2.67 -5.56
CA LYS A 72 6.59 -2.84 -5.47
C LYS A 72 6.97 -3.70 -4.26
N VAL A 73 6.55 -3.26 -3.08
CA VAL A 73 6.85 -4.00 -1.85
C VAL A 73 6.39 -5.44 -1.95
N GLY A 74 5.29 -5.66 -2.66
CA GLY A 74 4.76 -7.00 -2.82
C GLY A 74 3.25 -7.02 -2.99
N MET A 75 2.58 -6.10 -2.33
CA MET A 75 1.13 -6.01 -2.41
C MET A 75 0.63 -6.38 -3.81
N ARG A 76 -0.03 -7.53 -3.90
CA ARG A 76 -0.54 -8.00 -5.18
C ARG A 76 -2.01 -7.61 -5.35
N ARG A 77 -2.35 -7.12 -6.54
CA ARG A 77 -3.72 -6.71 -6.83
C ARG A 77 -4.67 -7.90 -6.81
N GLU A 78 -4.23 -8.99 -7.44
CA GLU A 78 -5.04 -10.21 -7.50
C GLU A 78 -5.71 -10.48 -6.16
N ALA A 79 -5.02 -10.14 -5.08
CA ALA A 79 -5.55 -10.36 -3.74
C ALA A 79 -6.76 -9.46 -3.47
N VAL A 80 -6.58 -8.15 -3.71
CA VAL A 80 -7.65 -7.19 -3.50
C VAL A 80 -8.97 -7.71 -4.05
N GLN A 81 -8.96 -8.16 -5.30
CA GLN A 81 -10.16 -8.70 -5.93
C GLN A 81 -9.81 -9.48 -7.19
N ARG A 82 -10.76 -10.25 -7.69
CA ARG A 82 -10.56 -11.05 -8.89
C ARG A 82 -11.51 -10.63 -10.00
N GLY A 83 -10.96 -10.42 -11.19
CA GLY A 83 -11.77 -10.02 -12.33
C GLY A 83 -10.94 -9.60 -13.52
N SER A 84 -11.04 -8.33 -13.88
CA SER A 84 -10.29 -7.80 -15.02
C SER A 84 -8.82 -7.61 -14.66
N GLY A 85 -7.95 -7.83 -15.64
CA GLY A 85 -6.52 -7.68 -15.40
C GLY A 85 -5.68 -8.33 -16.48
N PRO A 86 -5.47 -7.60 -17.59
CA PRO A 86 -4.68 -8.10 -18.73
C PRO A 86 -3.20 -8.20 -18.39
N SER A 87 -2.85 -7.85 -17.17
CA SER A 87 -1.45 -7.91 -16.72
C SER A 87 -1.36 -8.43 -15.29
N SER A 88 -0.55 -9.47 -15.10
CA SER A 88 -0.37 -10.07 -13.79
C SER A 88 0.75 -11.11 -13.81
N GLY A 89 1.74 -10.92 -12.96
CA GLY A 89 2.86 -11.86 -12.90
C GLY A 89 4.18 -11.20 -13.27
ZN ZN B . 1.08 2.63 5.64
ZN ZN C . 5.16 10.92 -6.69
N GLY A 1 6.32 -3.10 25.98
CA GLY A 1 7.32 -2.84 24.96
C GLY A 1 8.70 -3.29 25.39
N SER A 2 9.23 -4.31 24.72
CA SER A 2 10.55 -4.83 25.04
C SER A 2 11.63 -4.07 24.29
N SER A 3 12.89 -4.39 24.58
CA SER A 3 14.02 -3.74 23.93
C SER A 3 14.31 -4.37 22.58
N GLY A 4 13.26 -4.58 21.79
CA GLY A 4 13.43 -5.19 20.48
C GLY A 4 12.24 -4.96 19.58
N SER A 5 12.15 -5.72 18.49
CA SER A 5 11.05 -5.58 17.54
C SER A 5 9.76 -5.22 18.26
N SER A 6 9.15 -4.12 17.85
CA SER A 6 7.90 -3.66 18.45
C SER A 6 6.78 -3.60 17.42
N GLY A 7 6.06 -4.71 17.27
CA GLY A 7 4.97 -4.76 16.31
C GLY A 7 5.45 -4.66 14.87
N ILE A 8 4.58 -4.96 13.93
CA ILE A 8 4.92 -4.90 12.52
C ILE A 8 4.74 -3.49 11.96
N GLU A 9 5.59 -3.12 11.01
CA GLU A 9 5.53 -1.80 10.41
C GLU A 9 5.02 -1.88 8.96
N CYS A 10 4.63 -0.74 8.41
CA CYS A 10 4.13 -0.69 7.04
C CYS A 10 5.28 -0.60 6.04
N VAL A 11 5.32 -1.54 5.12
CA VAL A 11 6.37 -1.56 4.10
C VAL A 11 6.16 -0.45 3.08
N VAL A 12 5.17 0.39 3.32
CA VAL A 12 4.86 1.50 2.41
C VAL A 12 5.20 2.84 3.06
N CYS A 13 4.64 3.07 4.24
CA CYS A 13 4.89 4.32 4.95
C CYS A 13 5.61 4.06 6.27
N GLY A 14 5.65 2.78 6.67
CA GLY A 14 6.31 2.42 7.91
C GLY A 14 5.33 2.28 9.07
N ASP A 15 4.18 2.92 8.94
CA ASP A 15 3.16 2.87 9.98
C ASP A 15 2.97 1.45 10.49
N LYS A 16 2.81 1.30 11.80
CA LYS A 16 2.62 0.00 12.41
C LYS A 16 1.60 -0.83 11.63
N SER A 17 2.08 -1.78 10.84
CA SER A 17 1.20 -2.62 10.04
C SER A 17 0.15 -3.30 10.92
N SER A 18 -1.04 -3.48 10.37
CA SER A 18 -2.13 -4.11 11.10
C SER A 18 -2.13 -5.62 10.89
N GLY A 19 -1.35 -6.08 9.92
CA GLY A 19 -1.26 -7.49 9.64
C GLY A 19 -0.80 -7.77 8.21
N LYS A 20 -0.88 -9.04 7.81
CA LYS A 20 -0.48 -9.43 6.47
C LYS A 20 -1.61 -9.22 5.46
N HIS A 21 -1.79 -7.97 5.04
CA HIS A 21 -2.84 -7.63 4.09
C HIS A 21 -2.32 -7.76 2.65
N TYR A 22 -3.14 -8.38 1.79
CA TYR A 22 -2.76 -8.57 0.40
C TYR A 22 -1.43 -9.31 0.29
N GLY A 23 -1.17 -10.22 1.22
CA GLY A 23 0.06 -10.97 1.21
C GLY A 23 1.27 -10.12 1.56
N GLN A 24 1.02 -9.01 2.25
CA GLN A 24 2.09 -8.10 2.65
C GLN A 24 1.72 -7.34 3.92
N PHE A 25 2.72 -7.08 4.76
CA PHE A 25 2.50 -6.38 6.01
C PHE A 25 2.40 -4.87 5.77
N THR A 26 1.20 -4.33 5.95
CA THR A 26 0.96 -2.90 5.76
C THR A 26 -0.04 -2.37 6.78
N CYS A 27 -0.02 -1.05 6.97
CA CYS A 27 -0.94 -0.41 7.91
C CYS A 27 -2.34 -0.33 7.34
N GLU A 28 -3.27 0.20 8.14
CA GLU A 28 -4.66 0.33 7.71
C GLU A 28 -4.81 1.47 6.70
N GLY A 29 -3.94 2.46 6.81
CA GLY A 29 -3.99 3.59 5.91
C GLY A 29 -3.67 3.21 4.47
N CYS A 30 -2.67 2.34 4.31
CA CYS A 30 -2.26 1.89 2.99
C CYS A 30 -3.10 0.70 2.52
N LYS A 31 -3.43 -0.18 3.47
CA LYS A 31 -4.23 -1.35 3.17
C LYS A 31 -5.44 -0.98 2.33
N SER A 32 -6.23 -0.02 2.81
CA SER A 32 -7.42 0.42 2.10
C SER A 32 -7.05 1.30 0.91
N PHE A 33 -6.14 2.24 1.12
CA PHE A 33 -5.70 3.14 0.06
C PHE A 33 -5.30 2.36 -1.19
N PHE A 34 -4.77 1.16 -0.98
CA PHE A 34 -4.34 0.32 -2.08
C PHE A 34 -5.55 -0.32 -2.78
N LYS A 35 -6.46 -0.86 -1.99
CA LYS A 35 -7.66 -1.50 -2.52
C LYS A 35 -8.55 -0.48 -3.24
N ARG A 36 -9.04 0.50 -2.48
CA ARG A 36 -9.90 1.54 -3.03
C ARG A 36 -9.43 1.95 -4.43
N SER A 37 -8.13 1.76 -4.68
CA SER A 37 -7.55 2.11 -5.97
C SER A 37 -7.43 0.88 -6.87
N VAL A 38 -7.05 -0.24 -6.27
CA VAL A 38 -6.91 -1.49 -7.01
C VAL A 38 -8.27 -2.08 -7.38
N ARG A 39 -9.09 -2.33 -6.37
CA ARG A 39 -10.42 -2.88 -6.58
C ARG A 39 -11.25 -1.99 -7.49
N ARG A 40 -10.90 -0.70 -7.53
CA ARG A 40 -11.62 0.26 -8.35
C ARG A 40 -10.89 0.48 -9.68
N ASN A 41 -9.61 0.15 -9.71
CA ASN A 41 -8.81 0.31 -10.92
C ASN A 41 -8.59 1.79 -11.24
N LEU A 42 -8.07 2.52 -10.27
CA LEU A 42 -7.81 3.95 -10.45
C LEU A 42 -6.37 4.19 -10.88
N THR A 43 -6.04 5.46 -11.14
CA THR A 43 -4.69 5.82 -11.56
C THR A 43 -4.38 7.26 -11.19
N TYR A 44 -3.39 7.43 -10.31
CA TYR A 44 -2.97 8.76 -9.86
C TYR A 44 -1.81 9.28 -10.70
N THR A 45 -1.89 10.54 -11.10
CA THR A 45 -0.84 11.16 -11.90
C THR A 45 0.09 11.99 -11.03
N CYS A 46 1.12 11.35 -10.48
CA CYS A 46 2.08 12.03 -9.63
C CYS A 46 2.38 13.44 -10.15
N ARG A 47 1.99 14.45 -9.37
CA ARG A 47 2.20 15.84 -9.76
C ARG A 47 3.65 16.24 -9.51
N ALA A 48 4.50 15.26 -9.23
CA ALA A 48 5.91 15.52 -8.99
C ALA A 48 6.80 14.61 -9.83
N ASN A 49 8.10 14.66 -9.58
CA ASN A 49 9.05 13.83 -10.32
C ASN A 49 9.06 12.40 -9.81
N ARG A 50 7.88 11.89 -9.48
CA ARG A 50 7.75 10.53 -8.97
C ARG A 50 8.88 10.21 -7.99
N ASN A 51 9.26 11.20 -7.19
CA ASN A 51 10.32 11.03 -6.20
C ASN A 51 9.83 11.40 -4.80
N CYS A 52 8.52 11.54 -4.66
CA CYS A 52 7.92 11.89 -3.37
C CYS A 52 8.28 10.85 -2.31
N PRO A 53 8.81 11.32 -1.17
CA PRO A 53 9.20 10.45 -0.07
C PRO A 53 7.99 9.84 0.64
N ILE A 54 7.55 8.68 0.17
CA ILE A 54 6.42 8.00 0.76
C ILE A 54 6.76 7.43 2.12
N ASP A 55 6.40 8.14 3.18
CA ASP A 55 6.66 7.70 4.54
C ASP A 55 5.55 8.14 5.49
N GLN A 56 5.47 7.49 6.64
CA GLN A 56 4.46 7.82 7.64
C GLN A 56 4.55 9.29 8.04
N HIS A 57 5.64 9.64 8.71
CA HIS A 57 5.85 11.02 9.14
C HIS A 57 4.52 11.68 9.52
N HIS A 58 3.61 10.88 10.10
CA HIS A 58 2.30 11.39 10.50
C HIS A 58 1.85 12.52 9.58
N ARG A 59 1.97 12.31 8.28
CA ARG A 59 1.58 13.31 7.29
C ARG A 59 1.22 12.67 5.96
N ASN A 60 0.37 13.34 5.19
CA ASN A 60 -0.04 12.82 3.90
C ASN A 60 1.17 12.52 3.01
N GLN A 61 0.90 12.01 1.81
CA GLN A 61 1.97 11.68 0.87
C GLN A 61 1.41 11.46 -0.53
N CYS A 62 2.25 11.65 -1.53
CA CYS A 62 1.85 11.47 -2.92
C CYS A 62 0.87 10.31 -3.05
N GLN A 63 0.00 10.39 -4.06
CA GLN A 63 -1.00 9.35 -4.29
C GLN A 63 -0.42 8.24 -5.18
N TYR A 64 0.21 8.64 -6.28
CA TYR A 64 0.80 7.69 -7.21
C TYR A 64 1.96 6.95 -6.56
N CYS A 65 3.04 7.67 -6.28
CA CYS A 65 4.22 7.08 -5.66
C CYS A 65 3.82 6.09 -4.57
N ARG A 66 2.88 6.48 -3.73
CA ARG A 66 2.41 5.62 -2.64
C ARG A 66 1.64 4.43 -3.19
N LEU A 67 0.76 4.69 -4.15
CA LEU A 67 -0.04 3.63 -4.75
C LEU A 67 0.85 2.55 -5.37
N LYS A 68 1.83 2.99 -6.16
CA LYS A 68 2.76 2.07 -6.80
C LYS A 68 3.56 1.30 -5.77
N LYS A 69 4.17 2.02 -4.84
CA LYS A 69 4.98 1.40 -3.79
C LYS A 69 4.34 0.11 -3.31
N CYS A 70 3.02 0.00 -3.45
CA CYS A 70 2.29 -1.19 -3.04
C CYS A 70 2.64 -2.38 -3.94
N LEU A 71 2.58 -2.14 -5.25
CA LEU A 71 2.89 -3.20 -6.22
C LEU A 71 4.37 -3.54 -6.19
N LYS A 72 5.17 -2.70 -5.56
CA LYS A 72 6.60 -2.92 -5.46
C LYS A 72 6.94 -3.78 -4.25
N VAL A 73 6.55 -3.31 -3.06
CA VAL A 73 6.81 -4.03 -1.83
C VAL A 73 6.35 -5.48 -1.93
N GLY A 74 5.23 -5.70 -2.61
CA GLY A 74 4.70 -7.04 -2.78
C GLY A 74 3.20 -7.05 -2.95
N MET A 75 2.52 -6.12 -2.30
CA MET A 75 1.07 -6.03 -2.38
C MET A 75 0.58 -6.41 -3.78
N ARG A 76 -0.11 -7.53 -3.89
CA ARG A 76 -0.63 -8.00 -5.17
C ARG A 76 -2.09 -7.60 -5.35
N ARG A 77 -2.40 -7.03 -6.51
CA ARG A 77 -3.76 -6.59 -6.80
C ARG A 77 -4.74 -7.76 -6.68
N GLU A 78 -4.38 -8.88 -7.29
CA GLU A 78 -5.23 -10.07 -7.26
C GLU A 78 -5.84 -10.27 -5.88
N ALA A 79 -5.03 -10.03 -4.85
CA ALA A 79 -5.48 -10.18 -3.47
C ALA A 79 -6.70 -9.31 -3.19
N VAL A 80 -6.60 -8.03 -3.55
CA VAL A 80 -7.70 -7.10 -3.34
C VAL A 80 -8.99 -7.61 -3.97
N GLN A 81 -8.89 -8.08 -5.20
CA GLN A 81 -10.05 -8.60 -5.92
C GLN A 81 -9.66 -9.75 -6.84
N ARG A 82 -10.37 -10.86 -6.73
CA ARG A 82 -10.10 -12.04 -7.55
C ARG A 82 -11.18 -12.23 -8.61
N GLY A 83 -12.44 -12.15 -8.18
CA GLY A 83 -13.54 -12.33 -9.10
C GLY A 83 -14.28 -11.03 -9.36
N SER A 84 -14.04 -10.42 -10.53
CA SER A 84 -14.69 -9.18 -10.89
C SER A 84 -15.97 -9.43 -11.67
N GLY A 85 -15.89 -10.29 -12.67
CA GLY A 85 -17.05 -10.61 -13.48
C GLY A 85 -16.68 -11.27 -14.80
N PRO A 86 -17.64 -11.27 -15.75
CA PRO A 86 -17.42 -11.86 -17.08
C PRO A 86 -16.45 -11.05 -17.93
N SER A 87 -15.15 -11.33 -17.76
CA SER A 87 -14.12 -10.63 -18.50
C SER A 87 -13.07 -11.61 -19.02
N SER A 88 -12.21 -11.13 -19.91
CA SER A 88 -11.16 -11.95 -20.49
C SER A 88 -9.98 -11.10 -20.94
N GLY A 89 -8.77 -11.66 -20.84
CA GLY A 89 -7.59 -10.94 -21.23
C GLY A 89 -7.78 -10.13 -22.50
ZN ZN B . 1.09 2.56 5.49
ZN ZN C . 4.93 11.34 -6.46
N GLY A 1 14.85 8.35 12.78
CA GLY A 1 13.70 7.70 13.40
C GLY A 1 13.99 6.26 13.76
N SER A 2 13.65 5.89 14.99
CA SER A 2 13.88 4.53 15.47
C SER A 2 12.56 3.88 15.90
N SER A 3 12.57 2.55 16.00
CA SER A 3 11.38 1.80 16.39
C SER A 3 11.69 0.84 17.54
N GLY A 4 10.83 0.83 18.55
CA GLY A 4 11.04 -0.06 19.68
C GLY A 4 10.56 -1.46 19.43
N SER A 5 10.74 -1.93 18.19
CA SER A 5 10.31 -3.27 17.81
C SER A 5 9.04 -3.67 18.55
N SER A 6 8.06 -2.76 18.56
CA SER A 6 6.80 -3.02 19.24
C SER A 6 5.71 -3.39 18.23
N GLY A 7 6.08 -4.22 17.26
CA GLY A 7 5.13 -4.64 16.24
C GLY A 7 5.64 -4.42 14.83
N ILE A 8 4.90 -4.91 13.85
CA ILE A 8 5.28 -4.77 12.45
C ILE A 8 4.97 -3.35 11.94
N GLU A 9 5.73 -2.92 10.94
CA GLU A 9 5.53 -1.60 10.36
C GLU A 9 5.00 -1.70 8.94
N CYS A 10 4.53 -0.58 8.40
CA CYS A 10 3.99 -0.54 7.05
C CYS A 10 5.12 -0.44 6.02
N VAL A 11 5.19 -1.42 5.13
CA VAL A 11 6.21 -1.44 4.09
C VAL A 11 5.97 -0.34 3.06
N VAL A 12 4.93 0.46 3.28
CA VAL A 12 4.60 1.54 2.37
C VAL A 12 4.96 2.89 2.97
N CYS A 13 4.44 3.16 4.17
CA CYS A 13 4.70 4.42 4.86
C CYS A 13 5.53 4.18 6.11
N GLY A 14 5.56 2.93 6.58
CA GLY A 14 6.32 2.61 7.76
C GLY A 14 5.46 2.57 9.01
N ASP A 15 4.21 2.98 8.88
CA ASP A 15 3.28 2.99 10.00
C ASP A 15 3.03 1.58 10.51
N LYS A 16 2.97 1.43 11.83
CA LYS A 16 2.72 0.13 12.44
C LYS A 16 1.67 -0.66 11.67
N SER A 17 2.12 -1.66 10.92
CA SER A 17 1.22 -2.48 10.13
C SER A 17 0.24 -3.22 11.02
N SER A 18 -1.01 -3.34 10.56
CA SER A 18 -2.04 -4.03 11.32
C SER A 18 -1.96 -5.53 11.11
N GLY A 19 -1.40 -5.94 9.97
CA GLY A 19 -1.28 -7.36 9.68
C GLY A 19 -0.83 -7.60 8.26
N LYS A 20 -0.44 -8.84 7.97
CA LYS A 20 0.01 -9.21 6.63
C LYS A 20 -1.15 -9.22 5.65
N HIS A 21 -1.53 -8.04 5.18
CA HIS A 21 -2.62 -7.90 4.23
C HIS A 21 -2.11 -7.97 2.79
N TYR A 22 -2.81 -8.72 1.95
CA TYR A 22 -2.42 -8.86 0.56
C TYR A 22 -1.02 -9.45 0.44
N GLY A 23 -0.76 -10.51 1.21
CA GLY A 23 0.55 -11.14 1.18
C GLY A 23 1.66 -10.21 1.61
N GLN A 24 1.29 -9.09 2.24
CA GLN A 24 2.27 -8.12 2.69
C GLN A 24 1.77 -7.39 3.94
N PHE A 25 2.71 -6.88 4.73
CA PHE A 25 2.37 -6.17 5.96
C PHE A 25 2.18 -4.68 5.68
N THR A 26 0.96 -4.19 5.89
CA THR A 26 0.65 -2.79 5.66
C THR A 26 -0.30 -2.26 6.74
N CYS A 27 -0.20 -0.96 7.00
CA CYS A 27 -1.05 -0.33 8.01
C CYS A 27 -2.48 -0.20 7.52
N GLU A 28 -3.36 0.30 8.38
CA GLU A 28 -4.77 0.48 8.03
C GLU A 28 -4.95 1.65 7.07
N GLY A 29 -3.95 2.52 7.02
CA GLY A 29 -4.01 3.68 6.14
C GLY A 29 -3.74 3.32 4.69
N CYS A 30 -2.80 2.41 4.47
CA CYS A 30 -2.45 1.99 3.12
C CYS A 30 -3.29 0.78 2.70
N LYS A 31 -3.54 -0.11 3.65
CA LYS A 31 -4.34 -1.32 3.37
C LYS A 31 -5.55 -0.98 2.51
N SER A 32 -6.24 0.10 2.87
CA SER A 32 -7.42 0.53 2.12
C SER A 32 -7.02 1.33 0.89
N PHE A 33 -6.10 2.26 1.07
CA PHE A 33 -5.63 3.10 -0.02
C PHE A 33 -5.25 2.25 -1.24
N PHE A 34 -4.71 1.07 -0.98
CA PHE A 34 -4.30 0.17 -2.05
C PHE A 34 -5.52 -0.46 -2.72
N LYS A 35 -6.46 -0.93 -1.91
CA LYS A 35 -7.68 -1.55 -2.43
C LYS A 35 -8.55 -0.52 -3.14
N ARG A 36 -9.04 0.46 -2.37
CA ARG A 36 -9.90 1.50 -2.93
C ARG A 36 -9.41 1.93 -4.30
N SER A 37 -8.09 1.84 -4.51
CA SER A 37 -7.49 2.23 -5.79
C SER A 37 -7.45 1.05 -6.75
N VAL A 38 -7.12 -0.13 -6.22
CA VAL A 38 -7.05 -1.33 -7.04
C VAL A 38 -8.45 -1.83 -7.42
N ARG A 39 -9.25 -2.14 -6.41
CA ARG A 39 -10.60 -2.62 -6.64
C ARG A 39 -11.35 -1.71 -7.60
N ARG A 40 -11.06 -0.41 -7.53
CA ARG A 40 -11.70 0.57 -8.38
C ARG A 40 -10.90 0.79 -9.66
N ASN A 41 -9.63 0.37 -9.64
CA ASN A 41 -8.76 0.52 -10.80
C ASN A 41 -8.47 2.00 -11.08
N LEU A 42 -8.34 2.79 -10.02
CA LEU A 42 -8.06 4.21 -10.14
C LEU A 42 -6.66 4.43 -10.70
N THR A 43 -6.35 5.69 -11.01
CA THR A 43 -5.04 6.05 -11.55
C THR A 43 -4.68 7.48 -11.22
N TYR A 44 -3.71 7.66 -10.33
CA TYR A 44 -3.27 8.99 -9.92
C TYR A 44 -2.05 9.42 -10.72
N THR A 45 -1.85 10.74 -10.82
CA THR A 45 -0.72 11.29 -11.56
C THR A 45 0.30 11.91 -10.62
N CYS A 46 1.53 11.40 -10.67
CA CYS A 46 2.59 11.90 -9.83
C CYS A 46 3.07 13.28 -10.30
N ARG A 47 2.91 14.29 -9.45
CA ARG A 47 3.32 15.64 -9.78
C ARG A 47 4.81 15.82 -9.57
N ALA A 48 5.54 14.71 -9.53
CA ALA A 48 6.99 14.75 -9.35
C ALA A 48 7.69 13.70 -10.21
N ASN A 49 9.00 13.58 -10.03
CA ASN A 49 9.77 12.61 -10.80
C ASN A 49 9.60 11.21 -10.23
N ARG A 50 8.37 10.86 -9.88
CA ARG A 50 8.07 9.55 -9.33
C ARG A 50 9.12 9.14 -8.29
N ASN A 51 9.66 10.14 -7.59
CA ASN A 51 10.66 9.89 -6.57
C ASN A 51 10.23 10.46 -5.22
N CYS A 52 8.96 10.79 -5.11
CA CYS A 52 8.41 11.36 -3.88
C CYS A 52 8.67 10.42 -2.70
N PRO A 53 9.24 10.98 -1.62
CA PRO A 53 9.56 10.23 -0.41
C PRO A 53 8.30 9.81 0.36
N ILE A 54 7.78 8.63 0.02
CA ILE A 54 6.58 8.11 0.66
C ILE A 54 6.89 7.67 2.09
N ASP A 55 6.39 8.43 3.06
CA ASP A 55 6.59 8.12 4.47
C ASP A 55 5.29 8.22 5.25
N GLN A 56 5.35 7.92 6.54
CA GLN A 56 4.17 7.97 7.40
C GLN A 56 4.09 9.31 8.13
N HIS A 57 5.26 9.90 8.39
CA HIS A 57 5.31 11.19 9.08
C HIS A 57 4.16 12.09 8.65
N HIS A 58 4.13 12.42 7.36
CA HIS A 58 3.08 13.28 6.82
C HIS A 58 1.90 12.45 6.32
N ARG A 59 0.90 13.13 5.78
CA ARG A 59 -0.28 12.45 5.25
C ARG A 59 -0.53 12.82 3.80
N ASN A 60 -0.23 14.07 3.46
CA ASN A 60 -0.42 14.55 2.09
C ASN A 60 0.71 14.09 1.18
N GLN A 61 0.96 12.78 1.17
CA GLN A 61 2.01 12.21 0.35
C GLN A 61 1.52 11.94 -1.06
N CYS A 62 2.46 11.76 -1.99
CA CYS A 62 2.11 11.50 -3.38
C CYS A 62 1.09 10.37 -3.49
N GLN A 63 0.24 10.45 -4.51
CA GLN A 63 -0.79 9.44 -4.71
C GLN A 63 -0.24 8.27 -5.53
N TYR A 64 0.25 8.57 -6.73
CA TYR A 64 0.80 7.55 -7.60
C TYR A 64 1.92 6.77 -6.92
N CYS A 65 2.99 7.49 -6.54
CA CYS A 65 4.12 6.87 -5.88
C CYS A 65 3.66 5.97 -4.73
N ARG A 66 2.91 6.56 -3.80
CA ARG A 66 2.41 5.81 -2.65
C ARG A 66 1.73 4.52 -3.10
N LEU A 67 0.82 4.64 -4.07
CA LEU A 67 0.09 3.49 -4.59
C LEU A 67 1.06 2.43 -5.13
N LYS A 68 1.88 2.84 -6.10
CA LYS A 68 2.85 1.95 -6.71
C LYS A 68 3.66 1.22 -5.64
N LYS A 69 4.20 1.98 -4.69
CA LYS A 69 5.00 1.41 -3.60
C LYS A 69 4.39 0.09 -3.13
N CYS A 70 3.09 -0.07 -3.31
CA CYS A 70 2.40 -1.28 -2.91
C CYS A 70 2.69 -2.43 -3.87
N LEU A 71 2.55 -2.15 -5.16
CA LEU A 71 2.80 -3.17 -6.19
C LEU A 71 4.29 -3.53 -6.23
N LYS A 72 5.10 -2.77 -5.52
CA LYS A 72 6.54 -3.02 -5.48
C LYS A 72 6.91 -3.84 -4.26
N VAL A 73 6.59 -3.31 -3.08
CA VAL A 73 6.89 -4.00 -1.83
C VAL A 73 6.47 -5.47 -1.89
N GLY A 74 5.35 -5.72 -2.57
CA GLY A 74 4.85 -7.08 -2.68
C GLY A 74 3.34 -7.14 -2.85
N MET A 75 2.66 -6.12 -2.34
CA MET A 75 1.21 -6.04 -2.42
C MET A 75 0.74 -6.30 -3.85
N ARG A 76 -0.02 -7.37 -4.05
CA ARG A 76 -0.53 -7.72 -5.36
C ARG A 76 -1.97 -7.25 -5.52
N ARG A 77 -2.42 -7.14 -6.77
CA ARG A 77 -3.78 -6.70 -7.07
C ARG A 77 -4.75 -7.87 -6.98
N GLU A 78 -4.39 -8.98 -7.63
CA GLU A 78 -5.23 -10.16 -7.63
C GLU A 78 -5.82 -10.42 -6.24
N ALA A 79 -5.09 -10.01 -5.22
CA ALA A 79 -5.54 -10.18 -3.84
C ALA A 79 -6.77 -9.34 -3.55
N VAL A 80 -6.68 -8.05 -3.86
CA VAL A 80 -7.79 -7.13 -3.63
C VAL A 80 -9.08 -7.66 -4.26
N GLN A 81 -8.95 -8.30 -5.41
CA GLN A 81 -10.10 -8.85 -6.10
C GLN A 81 -9.79 -10.22 -6.67
N ARG A 82 -10.52 -11.23 -6.21
CA ARG A 82 -10.31 -12.61 -6.67
C ARG A 82 -10.80 -12.77 -8.11
N GLY A 83 -9.91 -13.24 -8.97
CA GLY A 83 -10.25 -13.43 -10.37
C GLY A 83 -9.20 -12.88 -11.31
N SER A 84 -8.03 -13.50 -11.30
CA SER A 84 -6.93 -13.06 -12.16
C SER A 84 -6.56 -14.14 -13.16
N GLY A 85 -7.25 -14.16 -14.29
CA GLY A 85 -6.97 -15.16 -15.32
C GLY A 85 -8.24 -15.73 -15.92
N PRO A 86 -8.29 -17.06 -16.01
CA PRO A 86 -9.45 -17.78 -16.56
C PRO A 86 -10.67 -17.69 -15.66
N SER A 87 -11.82 -17.33 -16.24
CA SER A 87 -13.06 -17.21 -15.48
C SER A 87 -13.19 -18.36 -14.48
N SER A 88 -12.91 -19.58 -14.94
CA SER A 88 -13.01 -20.75 -14.10
C SER A 88 -11.99 -20.69 -12.96
N GLY A 89 -12.39 -21.19 -11.80
CA GLY A 89 -11.50 -21.18 -10.64
C GLY A 89 -12.24 -21.40 -9.34
ZN ZN B . 0.87 2.66 5.55
ZN ZN C . 5.30 10.85 -6.78
N GLY A 1 12.29 1.18 11.70
CA GLY A 1 11.63 0.85 12.95
C GLY A 1 12.09 1.74 14.10
N SER A 2 11.89 1.27 15.32
CA SER A 2 12.28 2.03 16.50
C SER A 2 13.15 1.18 17.43
N SER A 3 13.67 1.80 18.48
CA SER A 3 14.52 1.11 19.44
C SER A 3 14.06 -0.34 19.62
N GLY A 4 12.81 -0.51 20.06
CA GLY A 4 12.26 -1.83 20.26
C GLY A 4 11.33 -2.27 19.16
N SER A 5 11.80 -3.16 18.28
CA SER A 5 11.00 -3.64 17.17
C SER A 5 10.12 -4.81 17.61
N SER A 6 8.94 -4.50 18.14
CA SER A 6 8.01 -5.52 18.60
C SER A 6 6.88 -5.72 17.60
N GLY A 7 6.30 -4.61 17.15
CA GLY A 7 5.21 -4.67 16.19
C GLY A 7 5.69 -4.54 14.76
N ILE A 8 4.83 -4.92 13.82
CA ILE A 8 5.18 -4.84 12.39
C ILE A 8 4.91 -3.44 11.84
N GLU A 9 5.78 -3.00 10.94
CA GLU A 9 5.64 -1.68 10.33
C GLU A 9 5.10 -1.79 8.91
N CYS A 10 4.71 -0.65 8.34
CA CYS A 10 4.18 -0.62 6.98
C CYS A 10 5.30 -0.56 5.96
N VAL A 11 5.28 -1.48 5.00
CA VAL A 11 6.30 -1.53 3.96
C VAL A 11 6.08 -0.43 2.92
N VAL A 12 5.16 0.48 3.22
CA VAL A 12 4.84 1.59 2.32
C VAL A 12 5.20 2.93 2.94
N CYS A 13 4.62 3.21 4.10
CA CYS A 13 4.87 4.45 4.81
C CYS A 13 5.68 4.20 6.09
N GLY A 14 5.71 2.95 6.52
CA GLY A 14 6.45 2.60 7.72
C GLY A 14 5.55 2.52 8.94
N ASP A 15 4.33 3.04 8.82
CA ASP A 15 3.38 3.01 9.93
C ASP A 15 3.15 1.59 10.41
N LYS A 16 3.01 1.43 11.72
CA LYS A 16 2.78 0.12 12.33
C LYS A 16 1.75 -0.67 11.52
N SER A 17 2.22 -1.63 10.75
CA SER A 17 1.34 -2.47 9.93
C SER A 17 0.21 -3.05 10.78
N SER A 18 -0.97 -3.14 10.18
CA SER A 18 -2.13 -3.68 10.88
C SER A 18 -2.40 -5.13 10.47
N GLY A 19 -1.32 -5.84 10.11
CA GLY A 19 -1.46 -7.22 9.70
C GLY A 19 -0.95 -7.47 8.30
N LYS A 20 -0.96 -8.72 7.87
CA LYS A 20 -0.50 -9.09 6.54
C LYS A 20 -1.64 -9.01 5.52
N HIS A 21 -1.94 -7.79 5.08
CA HIS A 21 -3.00 -7.57 4.11
C HIS A 21 -2.45 -7.63 2.68
N TYR A 22 -3.08 -8.44 1.84
CA TYR A 22 -2.65 -8.58 0.45
C TYR A 22 -1.29 -9.26 0.37
N GLY A 23 -1.08 -10.24 1.24
CA GLY A 23 0.19 -10.97 1.24
C GLY A 23 1.36 -10.07 1.57
N GLN A 24 1.08 -8.95 2.23
CA GLN A 24 2.12 -8.00 2.60
C GLN A 24 1.75 -7.24 3.85
N PHE A 25 2.74 -6.98 4.71
CA PHE A 25 2.51 -6.26 5.95
C PHE A 25 2.37 -4.76 5.70
N THR A 26 1.15 -4.25 5.78
CA THR A 26 0.88 -2.84 5.55
C THR A 26 -0.11 -2.30 6.59
N CYS A 27 0.00 -1.02 6.88
CA CYS A 27 -0.88 -0.36 7.85
C CYS A 27 -2.29 -0.25 7.29
N GLU A 28 -3.23 0.14 8.16
CA GLU A 28 -4.62 0.30 7.76
C GLU A 28 -4.78 1.43 6.75
N GLY A 29 -3.98 2.48 6.91
CA GLY A 29 -4.03 3.62 6.01
C GLY A 29 -3.70 3.24 4.59
N CYS A 30 -2.73 2.35 4.42
CA CYS A 30 -2.32 1.90 3.09
C CYS A 30 -3.15 0.71 2.63
N LYS A 31 -3.44 -0.19 3.56
CA LYS A 31 -4.24 -1.37 3.26
C LYS A 31 -5.45 -1.01 2.39
N SER A 32 -6.20 -0.01 2.82
CA SER A 32 -7.38 0.43 2.08
C SER A 32 -6.98 1.28 0.88
N PHE A 33 -6.10 2.25 1.11
CA PHE A 33 -5.63 3.13 0.05
C PHE A 33 -5.24 2.33 -1.19
N PHE A 34 -4.64 1.17 -0.96
CA PHE A 34 -4.22 0.31 -2.06
C PHE A 34 -5.42 -0.31 -2.78
N LYS A 35 -6.33 -0.89 -2.01
CA LYS A 35 -7.52 -1.51 -2.57
C LYS A 35 -8.40 -0.48 -3.27
N ARG A 36 -8.89 0.49 -2.49
CA ARG A 36 -9.74 1.54 -3.03
C ARG A 36 -9.27 1.96 -4.41
N SER A 37 -7.97 1.81 -4.67
CA SER A 37 -7.39 2.19 -5.95
C SER A 37 -7.31 0.98 -6.87
N VAL A 38 -7.04 -0.19 -6.29
CA VAL A 38 -6.93 -1.41 -7.06
C VAL A 38 -8.30 -1.95 -7.45
N ARG A 39 -9.06 -2.38 -6.45
CA ARG A 39 -10.40 -2.91 -6.68
C ARG A 39 -11.20 -1.99 -7.59
N ARG A 40 -10.87 -0.71 -7.57
CA ARG A 40 -11.56 0.27 -8.40
C ARG A 40 -10.83 0.48 -9.73
N ASN A 41 -9.56 0.11 -9.76
CA ASN A 41 -8.75 0.25 -10.96
C ASN A 41 -8.45 1.72 -11.25
N LEU A 42 -8.33 2.51 -10.19
CA LEU A 42 -8.05 3.94 -10.33
C LEU A 42 -6.65 4.17 -10.90
N THR A 43 -6.36 5.41 -11.26
CA THR A 43 -5.06 5.76 -11.81
C THR A 43 -4.71 7.21 -11.52
N TYR A 44 -3.73 7.41 -10.65
CA TYR A 44 -3.29 8.75 -10.27
C TYR A 44 -2.12 9.20 -11.14
N THR A 45 -2.03 10.51 -11.37
CA THR A 45 -0.97 11.08 -12.17
C THR A 45 -0.03 11.94 -11.33
N CYS A 46 1.09 11.35 -10.92
CA CYS A 46 2.06 12.06 -10.10
C CYS A 46 2.58 13.30 -10.83
N ARG A 47 2.14 14.47 -10.38
CA ARG A 47 2.55 15.73 -10.98
C ARG A 47 4.06 15.93 -10.83
N ALA A 48 4.69 15.06 -10.07
CA ALA A 48 6.13 15.14 -9.84
C ALA A 48 6.88 14.12 -10.69
N ASN A 49 8.19 14.02 -10.46
CA ASN A 49 9.01 13.08 -11.22
C ASN A 49 8.90 11.67 -10.63
N ARG A 50 7.71 11.33 -10.16
CA ARG A 50 7.47 10.02 -9.58
C ARG A 50 8.60 9.62 -8.64
N ASN A 51 9.10 10.59 -7.87
CA ASN A 51 10.17 10.34 -6.93
C ASN A 51 9.83 10.88 -5.55
N CYS A 52 8.55 11.15 -5.33
CA CYS A 52 8.08 11.67 -4.04
C CYS A 52 8.40 10.70 -2.91
N PRO A 53 8.96 11.22 -1.81
CA PRO A 53 9.31 10.42 -0.64
C PRO A 53 8.09 9.92 0.11
N ILE A 54 7.78 8.63 -0.07
CA ILE A 54 6.63 8.03 0.60
C ILE A 54 7.00 7.55 2.00
N ASP A 55 6.38 8.15 3.00
CA ASP A 55 6.63 7.78 4.39
C ASP A 55 5.40 8.03 5.25
N GLN A 56 5.45 7.58 6.50
CA GLN A 56 4.34 7.75 7.43
C GLN A 56 4.44 9.08 8.15
N HIS A 57 5.61 9.35 8.73
CA HIS A 57 5.83 10.60 9.46
C HIS A 57 5.13 11.76 8.77
N HIS A 58 5.44 11.96 7.49
CA HIS A 58 4.84 13.04 6.72
C HIS A 58 3.32 12.92 6.70
N ARG A 59 2.64 14.00 7.07
CA ARG A 59 1.19 14.01 7.10
C ARG A 59 0.61 13.34 5.86
N ASN A 60 0.80 13.97 4.70
CA ASN A 60 0.30 13.43 3.45
C ASN A 60 1.44 13.25 2.44
N GLN A 61 1.34 12.21 1.61
CA GLN A 61 2.36 11.95 0.61
C GLN A 61 1.72 11.69 -0.76
N CYS A 62 2.50 11.87 -1.81
CA CYS A 62 2.02 11.66 -3.17
C CYS A 62 1.04 10.48 -3.22
N GLN A 63 0.10 10.54 -4.16
CA GLN A 63 -0.90 9.48 -4.31
C GLN A 63 -0.34 8.35 -5.18
N TYR A 64 0.00 8.67 -6.41
CA TYR A 64 0.53 7.67 -7.35
C TYR A 64 1.72 6.95 -6.74
N CYS A 65 2.80 7.70 -6.49
CA CYS A 65 4.01 7.14 -5.90
C CYS A 65 3.67 6.18 -4.77
N ARG A 66 3.03 6.71 -3.73
CA ARG A 66 2.65 5.90 -2.57
C ARG A 66 1.95 4.62 -3.02
N LEU A 67 0.98 4.76 -3.91
CA LEU A 67 0.23 3.61 -4.42
C LEU A 67 1.18 2.58 -5.04
N LYS A 68 1.95 3.01 -6.03
CA LYS A 68 2.89 2.13 -6.70
C LYS A 68 3.72 1.35 -5.69
N LYS A 69 4.25 2.05 -4.70
CA LYS A 69 5.07 1.42 -3.66
C LYS A 69 4.42 0.13 -3.18
N CYS A 70 3.10 0.05 -3.32
CA CYS A 70 2.36 -1.14 -2.89
C CYS A 70 2.61 -2.31 -3.83
N LEU A 71 2.39 -2.08 -5.12
CA LEU A 71 2.58 -3.11 -6.13
C LEU A 71 4.06 -3.52 -6.22
N LYS A 72 4.92 -2.74 -5.57
CA LYS A 72 6.35 -3.02 -5.57
C LYS A 72 6.73 -3.85 -4.36
N VAL A 73 6.48 -3.31 -3.16
CA VAL A 73 6.80 -3.99 -1.92
C VAL A 73 6.38 -5.46 -1.98
N GLY A 74 5.31 -5.73 -2.71
CA GLY A 74 4.81 -7.08 -2.83
C GLY A 74 3.30 -7.16 -2.99
N MET A 75 2.61 -6.19 -2.39
CA MET A 75 1.15 -6.13 -2.45
C MET A 75 0.66 -6.47 -3.85
N ARG A 76 -0.10 -7.55 -3.96
CA ARG A 76 -0.63 -7.99 -5.25
C ARG A 76 -2.10 -7.61 -5.38
N ARG A 77 -2.50 -7.26 -6.59
CA ARG A 77 -3.88 -6.86 -6.86
C ARG A 77 -4.82 -8.06 -6.77
N GLU A 78 -4.44 -9.15 -7.43
CA GLU A 78 -5.24 -10.37 -7.43
C GLU A 78 -5.94 -10.55 -6.08
N ALA A 79 -5.19 -10.34 -4.99
CA ALA A 79 -5.74 -10.49 -3.66
C ALA A 79 -6.90 -9.51 -3.42
N VAL A 80 -6.65 -8.23 -3.68
CA VAL A 80 -7.67 -7.21 -3.51
C VAL A 80 -9.02 -7.68 -4.04
N GLN A 81 -9.01 -8.23 -5.25
CA GLN A 81 -10.23 -8.72 -5.88
C GLN A 81 -9.97 -10.00 -6.65
N ARG A 82 -10.87 -10.97 -6.50
CA ARG A 82 -10.73 -12.26 -7.18
C ARG A 82 -11.11 -12.12 -8.66
N GLY A 83 -10.16 -11.69 -9.47
CA GLY A 83 -10.41 -11.54 -10.90
C GLY A 83 -9.58 -12.47 -11.74
N SER A 84 -10.19 -13.57 -12.17
CA SER A 84 -9.50 -14.56 -12.99
C SER A 84 -9.83 -14.38 -14.47
N GLY A 85 -9.15 -13.43 -15.11
CA GLY A 85 -9.38 -13.16 -16.51
C GLY A 85 -8.55 -12.01 -17.03
N PRO A 86 -8.29 -12.01 -18.35
CA PRO A 86 -7.50 -10.96 -19.00
C PRO A 86 -8.24 -9.63 -19.05
N SER A 87 -7.49 -8.56 -19.27
CA SER A 87 -8.08 -7.22 -19.35
C SER A 87 -8.23 -6.77 -20.79
N SER A 88 -8.67 -7.68 -21.65
CA SER A 88 -8.85 -7.38 -23.07
C SER A 88 -10.00 -6.40 -23.27
N GLY A 89 -11.20 -6.80 -22.86
CA GLY A 89 -12.37 -5.94 -23.01
C GLY A 89 -13.28 -6.00 -21.79
ZN ZN B . 1.13 2.62 5.45
ZN ZN C . 4.84 11.16 -6.90
N GLY A 1 17.32 -5.82 12.93
CA GLY A 1 16.72 -5.92 14.24
C GLY A 1 16.17 -7.31 14.53
N SER A 2 17.07 -8.29 14.61
CA SER A 2 16.67 -9.67 14.88
C SER A 2 16.25 -9.84 16.34
N SER A 3 17.14 -9.45 17.25
CA SER A 3 16.87 -9.57 18.67
C SER A 3 15.41 -9.27 18.98
N GLY A 4 14.63 -10.32 19.17
CA GLY A 4 13.22 -10.15 19.47
C GLY A 4 12.40 -9.83 18.23
N SER A 5 11.11 -10.13 18.29
CA SER A 5 10.21 -9.88 17.16
C SER A 5 9.20 -8.79 17.51
N SER A 6 9.64 -7.53 17.43
CA SER A 6 8.78 -6.40 17.74
C SER A 6 7.63 -6.31 16.73
N GLY A 7 6.69 -5.41 17.00
CA GLY A 7 5.56 -5.24 16.11
C GLY A 7 5.97 -5.02 14.67
N ILE A 8 5.06 -5.30 13.74
CA ILE A 8 5.34 -5.13 12.32
C ILE A 8 5.01 -3.72 11.86
N GLU A 9 5.76 -3.22 10.89
CA GLU A 9 5.55 -1.88 10.36
C GLU A 9 5.04 -1.94 8.92
N CYS A 10 4.61 -0.80 8.41
CA CYS A 10 4.10 -0.72 7.04
C CYS A 10 5.24 -0.64 6.04
N VAL A 11 5.23 -1.55 5.07
CA VAL A 11 6.26 -1.59 4.05
C VAL A 11 6.07 -0.48 3.02
N VAL A 12 5.12 0.42 3.31
CA VAL A 12 4.84 1.53 2.41
C VAL A 12 5.19 2.87 3.06
N CYS A 13 4.67 3.10 4.26
CA CYS A 13 4.93 4.32 4.99
C CYS A 13 5.74 4.05 6.25
N GLY A 14 5.75 2.78 6.68
CA GLY A 14 6.49 2.41 7.87
C GLY A 14 5.61 2.37 9.10
N ASP A 15 4.35 2.77 8.95
CA ASP A 15 3.41 2.79 10.06
C ASP A 15 3.11 1.37 10.54
N LYS A 16 3.02 1.20 11.85
CA LYS A 16 2.74 -0.11 12.43
C LYS A 16 1.67 -0.85 11.63
N SER A 17 2.10 -1.88 10.90
CA SER A 17 1.19 -2.67 10.09
C SER A 17 0.11 -3.32 10.95
N SER A 18 -1.08 -3.50 10.37
CA SER A 18 -2.18 -4.12 11.09
C SER A 18 -2.34 -5.58 10.70
N GLY A 19 -1.31 -6.13 10.07
CA GLY A 19 -1.36 -7.53 9.66
C GLY A 19 -0.95 -7.71 8.20
N LYS A 20 -0.81 -8.96 7.78
CA LYS A 20 -0.43 -9.27 6.41
C LYS A 20 -1.59 -9.02 5.45
N HIS A 21 -1.83 -7.74 5.14
CA HIS A 21 -2.92 -7.38 4.24
C HIS A 21 -2.46 -7.47 2.78
N TYR A 22 -3.12 -8.33 2.02
CA TYR A 22 -2.79 -8.53 0.61
C TYR A 22 -1.45 -9.24 0.46
N GLY A 23 -1.20 -10.22 1.33
CA GLY A 23 0.04 -10.96 1.28
C GLY A 23 1.24 -10.12 1.65
N GLN A 24 0.97 -8.96 2.26
CA GLN A 24 2.04 -8.05 2.67
C GLN A 24 1.67 -7.32 3.95
N PHE A 25 2.69 -7.01 4.75
CA PHE A 25 2.47 -6.31 6.01
C PHE A 25 2.35 -4.81 5.79
N THR A 26 1.13 -4.28 5.87
CA THR A 26 0.89 -2.87 5.68
C THR A 26 -0.11 -2.33 6.69
N CYS A 27 -0.03 -1.05 6.99
CA CYS A 27 -0.93 -0.41 7.94
C CYS A 27 -2.34 -0.29 7.37
N GLU A 28 -3.28 0.15 8.20
CA GLU A 28 -4.67 0.30 7.77
C GLU A 28 -4.80 1.46 6.78
N GLY A 29 -3.95 2.46 6.93
CA GLY A 29 -3.98 3.61 6.05
C GLY A 29 -3.70 3.25 4.61
N CYS A 30 -2.67 2.43 4.40
CA CYS A 30 -2.29 2.01 3.06
C CYS A 30 -3.13 0.81 2.60
N LYS A 31 -3.43 -0.09 3.54
CA LYS A 31 -4.22 -1.27 3.24
C LYS A 31 -5.44 -0.91 2.40
N SER A 32 -6.24 0.03 2.90
CA SER A 32 -7.44 0.45 2.19
C SER A 32 -7.08 1.28 0.96
N PHE A 33 -6.11 2.17 1.12
CA PHE A 33 -5.67 3.02 0.02
C PHE A 33 -5.31 2.19 -1.21
N PHE A 34 -4.74 1.01 -0.96
CA PHE A 34 -4.34 0.11 -2.04
C PHE A 34 -5.57 -0.47 -2.75
N LYS A 35 -6.52 -0.95 -1.95
CA LYS A 35 -7.74 -1.54 -2.50
C LYS A 35 -8.57 -0.49 -3.23
N ARG A 36 -9.11 0.47 -2.48
CA ARG A 36 -9.92 1.53 -3.06
C ARG A 36 -9.39 1.92 -4.45
N SER A 37 -8.08 1.81 -4.62
CA SER A 37 -7.45 2.15 -5.90
C SER A 37 -7.40 0.94 -6.82
N VAL A 38 -7.05 -0.21 -6.26
CA VAL A 38 -6.96 -1.44 -7.02
C VAL A 38 -8.35 -1.93 -7.45
N ARG A 39 -9.23 -2.15 -6.47
CA ARG A 39 -10.57 -2.61 -6.74
C ARG A 39 -11.28 -1.70 -7.74
N ARG A 40 -10.95 -0.41 -7.68
CA ARG A 40 -11.55 0.58 -8.59
C ARG A 40 -10.71 0.73 -9.85
N ASN A 41 -9.44 0.31 -9.78
CA ASN A 41 -8.55 0.40 -10.92
C ASN A 41 -8.19 1.86 -11.22
N LEU A 42 -8.02 2.65 -10.16
CA LEU A 42 -7.69 4.06 -10.30
C LEU A 42 -6.24 4.23 -10.76
N THR A 43 -5.88 5.45 -11.16
CA THR A 43 -4.54 5.74 -11.62
C THR A 43 -4.18 7.20 -11.37
N TYR A 44 -3.26 7.44 -10.44
CA TYR A 44 -2.83 8.80 -10.11
C TYR A 44 -1.52 9.13 -10.80
N THR A 45 -1.25 10.43 -10.96
CA THR A 45 -0.02 10.89 -11.61
C THR A 45 0.88 11.61 -10.62
N CYS A 46 2.18 11.36 -10.72
CA CYS A 46 3.15 12.00 -9.84
C CYS A 46 3.91 13.10 -10.57
N ARG A 47 3.47 14.34 -10.38
CA ARG A 47 4.11 15.49 -11.02
C ARG A 47 5.60 15.49 -10.76
N ALA A 48 6.03 14.72 -9.76
CA ALA A 48 7.44 14.63 -9.40
C ALA A 48 8.14 13.53 -10.21
N ASN A 49 9.39 13.27 -9.85
CA ASN A 49 10.17 12.24 -10.54
C ASN A 49 9.80 10.85 -10.06
N ARG A 50 8.59 10.73 -9.51
CA ARG A 50 8.11 9.44 -9.00
C ARG A 50 9.10 8.85 -8.01
N ASN A 51 9.67 9.70 -7.17
CA ASN A 51 10.64 9.27 -6.16
C ASN A 51 10.28 9.82 -4.79
N CYS A 52 9.01 10.21 -4.63
CA CYS A 52 8.55 10.77 -3.36
C CYS A 52 8.72 9.76 -2.23
N PRO A 53 9.37 10.20 -1.14
CA PRO A 53 9.62 9.35 0.03
C PRO A 53 8.34 9.02 0.80
N ILE A 54 7.69 7.92 0.42
CA ILE A 54 6.45 7.50 1.07
C ILE A 54 6.72 6.97 2.48
N ASP A 55 6.62 7.85 3.47
CA ASP A 55 6.85 7.48 4.86
C ASP A 55 5.56 7.60 5.68
N GLN A 56 5.68 7.41 6.98
CA GLN A 56 4.52 7.48 7.87
C GLN A 56 4.57 8.76 8.70
N HIS A 57 5.76 9.14 9.13
CA HIS A 57 5.94 10.35 9.93
C HIS A 57 5.00 11.46 9.47
N HIS A 58 5.16 11.88 8.21
CA HIS A 58 4.33 12.93 7.64
C HIS A 58 2.97 12.36 7.19
N ARG A 59 1.94 13.20 7.26
CA ARG A 59 0.59 12.77 6.87
C ARG A 59 0.42 12.85 5.35
N ASN A 60 1.03 13.87 4.75
CA ASN A 60 0.94 14.07 3.30
C ASN A 60 1.88 13.11 2.57
N GLN A 61 1.37 12.47 1.52
CA GLN A 61 2.17 11.53 0.73
C GLN A 61 1.71 11.51 -0.71
N CYS A 62 2.64 11.25 -1.63
CA CYS A 62 2.34 11.21 -3.05
C CYS A 62 1.39 10.06 -3.36
N GLN A 63 0.27 10.38 -4.01
CA GLN A 63 -0.72 9.38 -4.37
C GLN A 63 -0.10 8.26 -5.20
N TYR A 64 0.31 8.60 -6.43
CA TYR A 64 0.92 7.63 -7.33
C TYR A 64 2.00 6.84 -6.61
N CYS A 65 3.13 7.50 -6.36
CA CYS A 65 4.26 6.86 -5.68
C CYS A 65 3.77 5.89 -4.61
N ARG A 66 2.87 6.36 -3.75
CA ARG A 66 2.31 5.55 -2.68
C ARG A 66 1.63 4.31 -3.24
N LEU A 67 0.56 4.53 -4.01
CA LEU A 67 -0.19 3.44 -4.61
C LEU A 67 0.75 2.42 -5.26
N LYS A 68 1.64 2.91 -6.10
CA LYS A 68 2.60 2.04 -6.78
C LYS A 68 3.47 1.29 -5.78
N LYS A 69 4.05 2.02 -4.85
CA LYS A 69 4.90 1.41 -3.82
C LYS A 69 4.34 0.06 -3.38
N CYS A 70 3.03 -0.08 -3.47
CA CYS A 70 2.37 -1.32 -3.08
C CYS A 70 2.78 -2.47 -3.99
N LEU A 71 2.65 -2.28 -5.30
CA LEU A 71 3.01 -3.29 -6.26
C LEU A 71 4.52 -3.54 -6.26
N LYS A 72 5.25 -2.68 -5.55
CA LYS A 72 6.70 -2.81 -5.46
C LYS A 72 7.10 -3.59 -4.22
N VAL A 73 6.67 -3.11 -3.05
CA VAL A 73 6.97 -3.76 -1.79
C VAL A 73 6.59 -5.24 -1.83
N GLY A 74 5.50 -5.54 -2.53
CA GLY A 74 5.05 -6.92 -2.63
C GLY A 74 3.55 -7.03 -2.79
N MET A 75 2.82 -6.06 -2.23
CA MET A 75 1.37 -6.05 -2.31
C MET A 75 0.90 -6.45 -3.71
N ARG A 76 -0.06 -7.36 -3.77
CA ARG A 76 -0.59 -7.84 -5.03
C ARG A 76 -2.01 -7.33 -5.25
N ARG A 77 -2.37 -7.09 -6.52
CA ARG A 77 -3.70 -6.60 -6.85
C ARG A 77 -4.72 -7.74 -6.85
N GLU A 78 -4.30 -8.91 -7.33
CA GLU A 78 -5.18 -10.07 -7.38
C GLU A 78 -5.83 -10.31 -6.02
N ALA A 79 -5.15 -9.93 -4.95
CA ALA A 79 -5.67 -10.11 -3.60
C ALA A 79 -6.85 -9.17 -3.35
N VAL A 80 -6.66 -7.89 -3.65
CA VAL A 80 -7.71 -6.89 -3.45
C VAL A 80 -9.07 -7.45 -3.89
N GLN A 81 -9.09 -8.12 -5.03
CA GLN A 81 -10.32 -8.69 -5.56
C GLN A 81 -10.30 -10.22 -5.46
N ARG A 82 -10.36 -10.73 -4.25
CA ARG A 82 -10.35 -12.17 -4.02
C ARG A 82 -11.27 -12.55 -2.87
N GLY A 83 -12.11 -13.55 -3.08
CA GLY A 83 -13.03 -14.00 -2.06
C GLY A 83 -14.47 -13.65 -2.37
N SER A 84 -15.16 -14.54 -3.07
CA SER A 84 -16.55 -14.33 -3.44
C SER A 84 -17.49 -14.60 -2.27
N GLY A 85 -18.55 -13.81 -2.17
CA GLY A 85 -19.50 -13.98 -1.08
C GLY A 85 -20.26 -12.70 -0.78
N PRO A 86 -21.27 -12.40 -1.60
CA PRO A 86 -22.10 -11.20 -1.44
C PRO A 86 -23.00 -11.29 -0.20
N SER A 87 -23.67 -12.43 -0.04
CA SER A 87 -24.57 -12.62 1.10
C SER A 87 -24.00 -11.98 2.35
N SER A 88 -22.82 -12.43 2.78
CA SER A 88 -22.17 -11.90 3.97
C SER A 88 -22.06 -10.38 3.89
N GLY A 89 -23.03 -9.68 4.48
CA GLY A 89 -23.03 -8.23 4.46
C GLY A 89 -24.31 -7.64 3.91
ZN ZN B . 1.09 2.58 5.55
ZN ZN C . 5.61 10.84 -6.41
N GLY A 1 10.13 7.68 18.36
CA GLY A 1 9.98 6.51 19.21
C GLY A 1 10.46 6.76 20.63
N SER A 2 9.65 6.37 21.60
CA SER A 2 10.01 6.56 23.01
C SER A 2 10.69 5.31 23.56
N SER A 3 10.15 4.15 23.23
CA SER A 3 10.72 2.89 23.71
C SER A 3 10.74 1.86 22.58
N GLY A 4 11.33 0.69 22.86
CA GLY A 4 11.41 -0.37 21.87
C GLY A 4 10.04 -0.87 21.45
N SER A 5 9.97 -1.45 20.26
CA SER A 5 8.71 -1.96 19.74
C SER A 5 8.93 -3.30 19.03
N SER A 6 8.20 -4.33 19.47
CA SER A 6 8.31 -5.65 18.88
C SER A 6 7.12 -5.96 17.99
N GLY A 7 6.74 -5.00 17.16
CA GLY A 7 5.60 -5.18 16.27
C GLY A 7 5.97 -5.02 14.81
N ILE A 8 5.00 -5.23 13.93
CA ILE A 8 5.24 -5.12 12.50
C ILE A 8 4.97 -3.70 12.00
N GLU A 9 5.76 -3.25 11.03
CA GLU A 9 5.61 -1.91 10.49
C GLU A 9 5.11 -1.97 9.04
N CYS A 10 4.62 -0.84 8.55
CA CYS A 10 4.11 -0.77 7.18
C CYS A 10 5.25 -0.65 6.17
N VAL A 11 5.26 -1.56 5.20
CA VAL A 11 6.30 -1.56 4.18
C VAL A 11 6.07 -0.44 3.17
N VAL A 12 5.09 0.41 3.45
CA VAL A 12 4.77 1.53 2.56
C VAL A 12 5.11 2.86 3.22
N CYS A 13 4.56 3.08 4.40
CA CYS A 13 4.81 4.32 5.14
C CYS A 13 5.56 4.04 6.44
N GLY A 14 5.61 2.77 6.83
CA GLY A 14 6.30 2.40 8.06
C GLY A 14 5.35 2.27 9.23
N ASP A 15 4.14 2.81 9.08
CA ASP A 15 3.15 2.76 10.15
C ASP A 15 2.98 1.33 10.66
N LYS A 16 2.83 1.20 11.98
CA LYS A 16 2.67 -0.11 12.60
C LYS A 16 1.61 -0.93 11.86
N SER A 17 2.07 -1.94 11.13
CA SER A 17 1.16 -2.80 10.38
C SER A 17 0.23 -3.56 11.31
N SER A 18 -1.02 -3.75 10.88
CA SER A 18 -2.01 -4.46 11.68
C SER A 18 -1.98 -5.95 11.38
N GLY A 19 -1.31 -6.32 10.29
CA GLY A 19 -1.22 -7.71 9.91
C GLY A 19 -0.85 -7.90 8.46
N LYS A 20 -0.80 -9.15 8.01
CA LYS A 20 -0.45 -9.46 6.63
C LYS A 20 -1.63 -9.19 5.70
N HIS A 21 -1.64 -8.01 5.09
CA HIS A 21 -2.72 -7.64 4.18
C HIS A 21 -2.24 -7.72 2.73
N TYR A 22 -2.95 -8.48 1.92
CA TYR A 22 -2.61 -8.64 0.51
C TYR A 22 -1.24 -9.28 0.36
N GLY A 23 -0.98 -10.33 1.15
CA GLY A 23 0.29 -11.02 1.09
C GLY A 23 1.46 -10.11 1.46
N GLN A 24 1.15 -9.01 2.14
CA GLN A 24 2.18 -8.06 2.55
C GLN A 24 1.77 -7.33 3.81
N PHE A 25 2.73 -7.09 4.70
CA PHE A 25 2.47 -6.39 5.95
C PHE A 25 2.32 -4.89 5.72
N THR A 26 1.09 -4.39 5.82
CA THR A 26 0.83 -2.97 5.63
C THR A 26 -0.21 -2.47 6.63
N CYS A 27 -0.06 -1.21 7.04
CA CYS A 27 -0.97 -0.62 8.00
C CYS A 27 -2.38 -0.50 7.41
N GLU A 28 -3.36 -0.27 8.26
CA GLU A 28 -4.75 -0.14 7.84
C GLU A 28 -4.92 1.06 6.91
N GLY A 29 -4.10 2.08 7.13
CA GLY A 29 -4.19 3.28 6.32
C GLY A 29 -3.80 3.03 4.87
N CYS A 30 -2.82 2.15 4.67
CA CYS A 30 -2.36 1.82 3.33
C CYS A 30 -3.18 0.68 2.73
N LYS A 31 -3.52 -0.30 3.57
CA LYS A 31 -4.30 -1.45 3.13
C LYS A 31 -5.52 -1.00 2.34
N SER A 32 -6.25 -0.03 2.88
CA SER A 32 -7.45 0.49 2.21
C SER A 32 -7.08 1.33 0.99
N PHE A 33 -6.22 2.32 1.20
CA PHE A 33 -5.79 3.19 0.12
C PHE A 33 -5.40 2.38 -1.11
N PHE A 34 -4.78 1.22 -0.89
CA PHE A 34 -4.37 0.35 -1.98
C PHE A 34 -5.57 -0.21 -2.71
N LYS A 35 -6.50 -0.78 -1.96
CA LYS A 35 -7.71 -1.37 -2.54
C LYS A 35 -8.53 -0.31 -3.28
N ARG A 36 -9.02 0.68 -2.55
CA ARG A 36 -9.81 1.75 -3.14
C ARG A 36 -9.27 2.12 -4.52
N SER A 37 -7.97 1.92 -4.72
CA SER A 37 -7.34 2.24 -5.99
C SER A 37 -7.22 0.99 -6.87
N VAL A 38 -6.98 -0.15 -6.23
CA VAL A 38 -6.85 -1.41 -6.95
C VAL A 38 -8.21 -1.92 -7.41
N ARG A 39 -9.13 -2.08 -6.47
CA ARG A 39 -10.47 -2.57 -6.78
C ARG A 39 -11.17 -1.62 -7.74
N ARG A 40 -10.76 -0.37 -7.74
CA ARG A 40 -11.35 0.64 -8.62
C ARG A 40 -10.51 0.83 -9.88
N ASN A 41 -9.27 0.39 -9.82
CA ASN A 41 -8.35 0.51 -10.95
C ASN A 41 -8.05 1.98 -11.26
N LEU A 42 -7.61 2.71 -10.24
CA LEU A 42 -7.29 4.13 -10.39
C LEU A 42 -5.80 4.32 -10.72
N THR A 43 -5.52 5.29 -11.57
CA THR A 43 -4.14 5.58 -11.97
C THR A 43 -3.80 7.04 -11.73
N TYR A 44 -3.36 7.35 -10.52
CA TYR A 44 -2.99 8.72 -10.16
C TYR A 44 -1.86 9.23 -11.05
N THR A 45 -1.84 10.53 -11.28
CA THR A 45 -0.80 11.15 -12.12
C THR A 45 0.20 11.91 -11.27
N CYS A 46 1.34 11.29 -11.01
CA CYS A 46 2.39 11.91 -10.20
C CYS A 46 2.86 13.21 -10.83
N ARG A 47 2.53 14.34 -10.18
CA ARG A 47 2.91 15.64 -10.69
C ARG A 47 4.35 15.96 -10.31
N ALA A 48 5.12 14.93 -9.99
CA ALA A 48 6.52 15.11 -9.62
C ALA A 48 7.41 14.11 -10.35
N ASN A 49 8.68 14.07 -9.95
CA ASN A 49 9.64 13.14 -10.58
C ASN A 49 9.47 11.73 -10.02
N ARG A 50 8.23 11.31 -9.84
CA ARG A 50 7.94 9.99 -9.31
C ARG A 50 8.95 9.59 -8.25
N ASN A 51 9.46 10.58 -7.53
CA ASN A 51 10.45 10.34 -6.48
C ASN A 51 9.93 10.83 -5.12
N CYS A 52 8.64 11.12 -5.06
CA CYS A 52 8.03 11.60 -3.83
C CYS A 52 8.23 10.60 -2.69
N PRO A 53 8.70 11.11 -1.54
CA PRO A 53 8.95 10.28 -0.36
C PRO A 53 7.66 9.78 0.28
N ILE A 54 7.45 8.48 0.22
CA ILE A 54 6.26 7.87 0.80
C ILE A 54 6.54 7.32 2.19
N ASP A 55 6.17 8.08 3.21
CA ASP A 55 6.38 7.67 4.59
C ASP A 55 5.11 7.87 5.41
N GLN A 56 5.19 7.56 6.70
CA GLN A 56 4.06 7.71 7.60
C GLN A 56 3.99 9.11 8.19
N HIS A 57 5.10 9.55 8.78
CA HIS A 57 5.18 10.87 9.38
C HIS A 57 5.72 11.89 8.39
N HIS A 58 5.13 11.91 7.19
CA HIS A 58 5.56 12.84 6.15
C HIS A 58 4.37 13.61 5.59
N ARG A 59 4.65 14.76 4.98
CA ARG A 59 3.59 15.59 4.40
C ARG A 59 2.80 14.81 3.37
N ASN A 60 1.83 15.49 2.74
CA ASN A 60 1.00 14.86 1.73
C ASN A 60 1.79 13.84 0.92
N GLN A 61 1.51 12.57 1.15
CA GLN A 61 2.21 11.49 0.45
C GLN A 61 1.64 11.31 -0.96
N CYS A 62 2.48 11.56 -1.96
CA CYS A 62 2.06 11.43 -3.35
C CYS A 62 1.12 10.25 -3.53
N GLN A 63 0.17 10.39 -4.45
CA GLN A 63 -0.80 9.35 -4.72
C GLN A 63 -0.18 8.22 -5.55
N TYR A 64 0.25 8.56 -6.76
CA TYR A 64 0.86 7.57 -7.65
C TYR A 64 2.01 6.86 -6.96
N CYS A 65 3.07 7.60 -6.66
CA CYS A 65 4.23 7.04 -5.99
C CYS A 65 3.82 6.02 -4.93
N ARG A 66 2.86 6.41 -4.09
CA ARG A 66 2.38 5.53 -3.03
C ARG A 66 1.70 4.30 -3.62
N LEU A 67 0.59 4.51 -4.31
CA LEU A 67 -0.15 3.41 -4.93
C LEU A 67 0.80 2.42 -5.59
N LYS A 68 1.83 2.94 -6.23
CA LYS A 68 2.81 2.10 -6.91
C LYS A 68 3.69 1.37 -5.90
N LYS A 69 4.08 2.06 -4.84
CA LYS A 69 4.91 1.49 -3.80
C LYS A 69 4.31 0.18 -3.29
N CYS A 70 3.00 0.05 -3.43
CA CYS A 70 2.30 -1.16 -2.98
C CYS A 70 2.70 -2.36 -3.81
N LEU A 71 2.59 -2.23 -5.14
CA LEU A 71 2.94 -3.31 -6.05
C LEU A 71 4.42 -3.64 -5.96
N LYS A 72 5.22 -2.65 -5.58
CA LYS A 72 6.66 -2.83 -5.45
C LYS A 72 7.00 -3.63 -4.20
N VAL A 73 6.54 -3.15 -3.05
CA VAL A 73 6.80 -3.82 -1.78
C VAL A 73 6.36 -5.27 -1.83
N GLY A 74 5.40 -5.57 -2.69
CA GLY A 74 4.90 -6.94 -2.83
C GLY A 74 3.40 -6.99 -2.99
N MET A 75 2.70 -6.09 -2.32
CA MET A 75 1.24 -6.04 -2.39
C MET A 75 0.76 -6.39 -3.80
N ARG A 76 0.00 -7.48 -3.90
CA ARG A 76 -0.53 -7.92 -5.19
C ARG A 76 -1.99 -7.48 -5.36
N ARG A 77 -2.31 -7.00 -6.56
CA ARG A 77 -3.67 -6.55 -6.85
C ARG A 77 -4.67 -7.69 -6.70
N GLU A 78 -4.36 -8.83 -7.33
CA GLU A 78 -5.24 -9.99 -7.27
C GLU A 78 -5.79 -10.18 -5.86
N ALA A 79 -4.98 -9.87 -4.86
CA ALA A 79 -5.39 -10.00 -3.47
C ALA A 79 -6.62 -9.15 -3.18
N VAL A 80 -6.56 -7.87 -3.57
CA VAL A 80 -7.67 -6.96 -3.35
C VAL A 80 -9.00 -7.60 -3.75
N GLN A 81 -9.06 -8.10 -4.98
CA GLN A 81 -10.27 -8.73 -5.49
C GLN A 81 -9.99 -10.15 -5.97
N ARG A 82 -10.48 -11.14 -5.24
CA ARG A 82 -10.27 -12.53 -5.59
C ARG A 82 -11.61 -13.26 -5.74
N GLY A 83 -12.57 -12.59 -6.39
CA GLY A 83 -13.87 -13.20 -6.59
C GLY A 83 -14.99 -12.18 -6.54
N SER A 84 -15.06 -11.31 -7.54
CA SER A 84 -16.09 -10.28 -7.59
C SER A 84 -16.88 -10.37 -8.89
N GLY A 85 -17.99 -11.09 -8.85
CA GLY A 85 -18.82 -11.24 -10.03
C GLY A 85 -20.29 -11.36 -9.69
N PRO A 86 -20.87 -10.25 -9.21
CA PRO A 86 -22.30 -10.21 -8.84
C PRO A 86 -23.22 -10.29 -10.06
N SER A 87 -24.35 -10.97 -9.89
CA SER A 87 -25.31 -11.12 -10.96
C SER A 87 -26.21 -9.88 -11.09
N SER A 88 -26.00 -9.12 -12.16
CA SER A 88 -26.78 -7.91 -12.40
C SER A 88 -27.54 -8.00 -13.71
N GLY A 89 -28.12 -9.16 -13.98
CA GLY A 89 -28.86 -9.36 -15.21
C GLY A 89 -30.28 -9.83 -14.95
ZN ZN B . 1.04 2.51 5.74
ZN ZN C . 5.08 10.98 -6.93
N GLY A 1 11.96 4.38 16.03
CA GLY A 1 12.24 3.17 16.80
C GLY A 1 13.20 2.24 16.09
N SER A 2 14.47 2.31 16.45
CA SER A 2 15.49 1.46 15.84
C SER A 2 15.76 0.22 16.69
N SER A 3 15.96 0.44 17.99
CA SER A 3 16.22 -0.67 18.91
C SER A 3 15.20 -0.68 20.04
N GLY A 4 14.04 -1.30 19.77
CA GLY A 4 13.00 -1.38 20.78
C GLY A 4 11.62 -1.53 20.17
N SER A 5 11.37 -0.81 19.07
CA SER A 5 10.08 -0.87 18.39
C SER A 5 9.52 -2.29 18.43
N SER A 6 8.21 -2.39 18.64
CA SER A 6 7.55 -3.68 18.70
C SER A 6 6.46 -3.80 17.62
N GLY A 7 6.19 -5.02 17.18
CA GLY A 7 5.19 -5.22 16.15
C GLY A 7 5.70 -4.94 14.76
N ILE A 8 4.95 -5.38 13.76
CA ILE A 8 5.34 -5.18 12.37
C ILE A 8 5.09 -3.74 11.94
N GLU A 9 5.71 -3.34 10.83
CA GLU A 9 5.55 -1.98 10.30
C GLU A 9 5.03 -2.00 8.88
N CYS A 10 4.62 -0.84 8.38
CA CYS A 10 4.10 -0.72 7.02
C CYS A 10 5.23 -0.59 6.01
N VAL A 11 5.31 -1.53 5.07
CA VAL A 11 6.34 -1.52 4.05
C VAL A 11 6.11 -0.38 3.06
N VAL A 12 5.07 0.42 3.30
CA VAL A 12 4.74 1.53 2.43
C VAL A 12 5.10 2.86 3.09
N CYS A 13 4.64 3.06 4.32
CA CYS A 13 4.92 4.28 5.06
C CYS A 13 5.74 3.99 6.31
N GLY A 14 5.77 2.72 6.72
CA GLY A 14 6.51 2.34 7.90
C GLY A 14 5.65 2.28 9.14
N ASP A 15 4.40 2.73 9.01
CA ASP A 15 3.48 2.74 10.13
C ASP A 15 3.19 1.31 10.61
N LYS A 16 3.13 1.14 11.93
CA LYS A 16 2.85 -0.17 12.51
C LYS A 16 1.74 -0.89 11.75
N SER A 17 2.12 -1.91 10.99
CA SER A 17 1.16 -2.68 10.22
C SER A 17 0.17 -3.40 11.13
N SER A 18 -1.07 -3.54 10.67
CA SER A 18 -2.11 -4.19 11.45
C SER A 18 -2.12 -5.70 11.18
N GLY A 19 -1.47 -6.10 10.09
CA GLY A 19 -1.42 -7.51 9.73
C GLY A 19 -0.97 -7.73 8.30
N LYS A 20 -0.90 -8.99 7.90
CA LYS A 20 -0.49 -9.34 6.55
C LYS A 20 -1.63 -9.13 5.56
N HIS A 21 -1.78 -7.90 5.09
CA HIS A 21 -2.83 -7.56 4.14
C HIS A 21 -2.32 -7.68 2.70
N TYR A 22 -2.90 -8.60 1.94
CA TYR A 22 -2.51 -8.82 0.56
C TYR A 22 -1.10 -9.42 0.48
N GLY A 23 -0.85 -10.45 1.28
CA GLY A 23 0.44 -11.09 1.29
C GLY A 23 1.56 -10.14 1.68
N GLN A 24 1.20 -9.02 2.32
CA GLN A 24 2.18 -8.03 2.74
C GLN A 24 1.68 -7.27 3.96
N PHE A 25 2.61 -6.94 4.87
CA PHE A 25 2.28 -6.23 6.09
C PHE A 25 2.19 -4.72 5.83
N THR A 26 0.98 -4.18 5.91
CA THR A 26 0.77 -2.76 5.69
C THR A 26 -0.28 -2.20 6.64
N CYS A 27 -0.03 -1.01 7.16
CA CYS A 27 -0.95 -0.37 8.09
C CYS A 27 -2.35 -0.29 7.50
N GLU A 28 -3.30 0.19 8.29
CA GLU A 28 -4.68 0.31 7.85
C GLU A 28 -4.84 1.48 6.89
N GLY A 29 -3.94 2.46 6.99
CA GLY A 29 -3.99 3.63 6.13
C GLY A 29 -3.70 3.29 4.69
N CYS A 30 -2.71 2.41 4.48
CA CYS A 30 -2.32 2.01 3.13
C CYS A 30 -3.12 0.79 2.68
N LYS A 31 -3.54 -0.02 3.64
CA LYS A 31 -4.32 -1.23 3.34
C LYS A 31 -5.56 -0.88 2.53
N SER A 32 -6.26 0.17 2.95
CA SER A 32 -7.47 0.61 2.26
C SER A 32 -7.13 1.46 1.05
N PHE A 33 -6.01 2.16 1.11
CA PHE A 33 -5.57 3.01 0.02
C PHE A 33 -5.20 2.18 -1.21
N PHE A 34 -4.65 0.99 -0.97
CA PHE A 34 -4.26 0.10 -2.06
C PHE A 34 -5.49 -0.51 -2.72
N LYS A 35 -6.46 -0.93 -1.92
CA LYS A 35 -7.68 -1.53 -2.44
C LYS A 35 -8.51 -0.50 -3.19
N ARG A 36 -8.98 0.52 -2.47
CA ARG A 36 -9.80 1.56 -3.07
C ARG A 36 -9.19 2.03 -4.40
N SER A 37 -7.89 1.80 -4.56
CA SER A 37 -7.18 2.20 -5.78
C SER A 37 -7.13 1.05 -6.77
N VAL A 38 -6.91 -0.16 -6.26
CA VAL A 38 -6.83 -1.35 -7.10
C VAL A 38 -8.22 -1.83 -7.51
N ARG A 39 -9.05 -2.12 -6.51
CA ARG A 39 -10.41 -2.59 -6.77
C ARG A 39 -11.14 -1.63 -7.71
N ARG A 40 -10.77 -0.36 -7.65
CA ARG A 40 -11.40 0.66 -8.50
C ARG A 40 -10.58 0.88 -9.77
N ASN A 41 -9.30 0.52 -9.71
CA ASN A 41 -8.42 0.69 -10.85
C ASN A 41 -8.02 2.16 -11.03
N LEU A 42 -7.94 2.88 -9.91
CA LEU A 42 -7.59 4.29 -9.94
C LEU A 42 -6.12 4.47 -10.34
N THR A 43 -5.85 5.52 -11.13
CA THR A 43 -4.50 5.80 -11.58
C THR A 43 -4.15 7.26 -11.36
N TYR A 44 -3.64 7.58 -10.17
CA TYR A 44 -3.26 8.93 -9.83
C TYR A 44 -2.03 9.38 -10.63
N THR A 45 -1.91 10.69 -10.83
CA THR A 45 -0.78 11.23 -11.58
C THR A 45 0.22 11.92 -10.65
N CYS A 46 1.50 11.63 -10.85
CA CYS A 46 2.55 12.21 -10.02
C CYS A 46 3.20 13.40 -10.74
N ARG A 47 2.71 14.60 -10.45
CA ARG A 47 3.25 15.81 -11.05
C ARG A 47 4.74 15.95 -10.78
N ALA A 48 5.25 15.12 -9.86
CA ALA A 48 6.66 15.16 -9.51
C ALA A 48 7.45 14.12 -10.31
N ASN A 49 8.73 13.98 -9.98
CA ASN A 49 9.59 13.02 -10.67
C ASN A 49 9.41 11.62 -10.10
N ARG A 50 8.19 11.30 -9.70
CA ARG A 50 7.89 9.99 -9.14
C ARG A 50 8.97 9.55 -8.16
N ASN A 51 9.52 10.52 -7.43
CA ASN A 51 10.57 10.23 -6.46
C ASN A 51 10.16 10.69 -5.06
N CYS A 52 8.85 10.91 -4.89
CA CYS A 52 8.32 11.35 -3.60
C CYS A 52 8.61 10.32 -2.51
N PRO A 53 9.28 10.75 -1.44
CA PRO A 53 9.63 9.89 -0.31
C PRO A 53 8.41 9.46 0.50
N ILE A 54 7.76 8.39 0.06
CA ILE A 54 6.58 7.88 0.74
C ILE A 54 6.93 7.36 2.12
N ASP A 55 6.45 8.06 3.15
CA ASP A 55 6.72 7.66 4.54
C ASP A 55 5.47 7.86 5.40
N GLN A 56 5.59 7.51 6.68
CA GLN A 56 4.48 7.64 7.61
C GLN A 56 4.50 9.00 8.29
N HIS A 57 5.59 9.28 9.01
CA HIS A 57 5.74 10.54 9.71
C HIS A 57 5.09 11.68 8.93
N HIS A 58 5.42 11.77 7.65
CA HIS A 58 4.88 12.81 6.79
C HIS A 58 3.47 12.46 6.32
N ARG A 59 2.61 13.47 6.19
CA ARG A 59 1.24 13.26 5.76
C ARG A 59 1.01 13.82 4.36
N ASN A 60 -0.20 13.66 3.85
CA ASN A 60 -0.55 14.15 2.52
C ASN A 60 0.53 13.76 1.51
N GLN A 61 1.08 12.55 1.66
CA GLN A 61 2.11 12.07 0.76
C GLN A 61 1.56 11.88 -0.65
N CYS A 62 2.46 11.67 -1.61
CA CYS A 62 2.06 11.49 -3.00
C CYS A 62 0.99 10.42 -3.12
N GLN A 63 0.28 10.42 -4.25
CA GLN A 63 -0.78 9.45 -4.49
C GLN A 63 -0.28 8.31 -5.37
N TYR A 64 0.22 8.66 -6.55
CA TYR A 64 0.73 7.66 -7.49
C TYR A 64 1.89 6.87 -6.87
N CYS A 65 2.90 7.60 -6.41
CA CYS A 65 4.08 6.97 -5.81
C CYS A 65 3.67 5.99 -4.71
N ARG A 66 2.87 6.47 -3.76
CA ARG A 66 2.40 5.63 -2.66
C ARG A 66 1.64 4.42 -3.18
N LEU A 67 0.67 4.67 -4.06
CA LEU A 67 -0.13 3.59 -4.63
C LEU A 67 0.75 2.54 -5.29
N LYS A 68 1.75 3.01 -6.05
CA LYS A 68 2.67 2.11 -6.73
C LYS A 68 3.53 1.34 -5.74
N LYS A 69 4.12 2.06 -4.79
CA LYS A 69 4.97 1.45 -3.77
C LYS A 69 4.37 0.13 -3.30
N CYS A 70 3.06 0.00 -3.42
CA CYS A 70 2.36 -1.22 -3.01
C CYS A 70 2.71 -2.38 -3.93
N LEU A 71 2.59 -2.15 -5.24
CA LEU A 71 2.89 -3.18 -6.22
C LEU A 71 4.40 -3.46 -6.28
N LYS A 72 5.17 -2.63 -5.60
CA LYS A 72 6.62 -2.79 -5.56
C LYS A 72 7.05 -3.67 -4.39
N VAL A 73 6.62 -3.29 -3.20
CA VAL A 73 6.96 -4.04 -2.00
C VAL A 73 6.55 -5.51 -2.13
N GLY A 74 5.41 -5.74 -2.76
CA GLY A 74 4.94 -7.10 -2.95
C GLY A 74 3.43 -7.18 -3.08
N MET A 75 2.73 -6.23 -2.44
CA MET A 75 1.27 -6.20 -2.49
C MET A 75 0.77 -6.61 -3.88
N ARG A 76 -0.06 -7.64 -3.92
CA ARG A 76 -0.60 -8.13 -5.18
C ARG A 76 -2.05 -7.67 -5.34
N ARG A 77 -2.40 -7.27 -6.56
CA ARG A 77 -3.75 -6.80 -6.86
C ARG A 77 -4.75 -7.96 -6.83
N GLU A 78 -4.34 -9.09 -7.39
CA GLU A 78 -5.19 -10.27 -7.44
C GLU A 78 -5.89 -10.49 -6.11
N ALA A 79 -5.18 -10.19 -5.02
CA ALA A 79 -5.72 -10.35 -3.68
C ALA A 79 -6.88 -9.39 -3.43
N VAL A 80 -6.67 -8.12 -3.78
CA VAL A 80 -7.69 -7.11 -3.60
C VAL A 80 -9.05 -7.60 -4.06
N GLN A 81 -9.07 -8.31 -5.18
CA GLN A 81 -10.31 -8.85 -5.73
C GLN A 81 -10.19 -10.34 -5.98
N ARG A 82 -10.72 -11.14 -5.05
CA ARG A 82 -10.67 -12.60 -5.17
C ARG A 82 -11.28 -13.05 -6.50
N GLY A 83 -10.82 -14.19 -6.98
CA GLY A 83 -11.32 -14.72 -8.24
C GLY A 83 -12.64 -15.46 -8.06
N SER A 84 -13.70 -14.70 -7.79
CA SER A 84 -15.02 -15.29 -7.60
C SER A 84 -15.96 -14.88 -8.73
N GLY A 85 -15.83 -15.55 -9.88
CA GLY A 85 -16.67 -15.25 -11.01
C GLY A 85 -17.37 -16.48 -11.56
N PRO A 86 -17.59 -16.50 -12.88
CA PRO A 86 -18.26 -17.62 -13.56
C PRO A 86 -17.39 -18.88 -13.58
N SER A 87 -17.88 -19.94 -12.95
CA SER A 87 -17.15 -21.20 -12.91
C SER A 87 -17.23 -21.94 -14.23
N SER A 88 -18.45 -22.30 -14.62
CA SER A 88 -18.67 -23.01 -15.88
C SER A 88 -18.35 -22.12 -17.07
N GLY A 89 -17.12 -22.25 -17.58
CA GLY A 89 -16.71 -21.45 -18.71
C GLY A 89 -15.26 -21.00 -18.60
ZN ZN B . 1.04 2.57 5.64
ZN ZN C . 5.09 11.02 -6.56
N GLY A 1 18.63 -2.31 12.49
CA GLY A 1 18.18 -1.78 13.76
C GLY A 1 18.53 -2.70 14.92
N SER A 2 17.94 -3.89 14.93
CA SER A 2 18.19 -4.86 16.00
C SER A 2 17.63 -4.35 17.33
N SER A 3 16.41 -3.83 17.28
CA SER A 3 15.75 -3.32 18.48
C SER A 3 14.61 -4.24 18.91
N GLY A 4 14.01 -3.92 20.06
CA GLY A 4 12.90 -4.72 20.56
C GLY A 4 11.59 -4.38 19.89
N SER A 5 11.51 -4.62 18.59
CA SER A 5 10.29 -4.34 17.83
C SER A 5 9.11 -5.13 18.37
N SER A 6 8.06 -4.42 18.76
CA SER A 6 6.87 -5.06 19.29
C SER A 6 5.95 -5.55 18.17
N GLY A 7 5.68 -4.65 17.23
CA GLY A 7 4.81 -5.01 16.11
C GLY A 7 5.47 -4.74 14.77
N ILE A 8 4.81 -5.17 13.69
CA ILE A 8 5.33 -4.98 12.36
C ILE A 8 5.06 -3.55 11.85
N GLU A 9 5.89 -3.08 10.93
CA GLU A 9 5.75 -1.74 10.38
C GLU A 9 5.25 -1.80 8.95
N CYS A 10 4.72 -0.68 8.46
CA CYS A 10 4.21 -0.60 7.09
C CYS A 10 5.36 -0.48 6.08
N VAL A 11 5.44 -1.46 5.17
CA VAL A 11 6.48 -1.46 4.17
C VAL A 11 6.27 -0.34 3.15
N VAL A 12 5.23 0.46 3.37
CA VAL A 12 4.92 1.58 2.48
C VAL A 12 5.28 2.91 3.13
N CYS A 13 4.71 3.18 4.30
CA CYS A 13 4.97 4.42 5.01
C CYS A 13 5.73 4.15 6.31
N GLY A 14 5.74 2.89 6.73
CA GLY A 14 6.44 2.52 7.94
C GLY A 14 5.50 2.40 9.13
N ASP A 15 4.31 2.97 9.00
CA ASP A 15 3.32 2.92 10.07
C ASP A 15 3.12 1.50 10.57
N LYS A 16 3.00 1.36 11.88
CA LYS A 16 2.80 0.04 12.50
C LYS A 16 1.74 -0.76 11.75
N SER A 17 2.17 -1.72 10.95
CA SER A 17 1.25 -2.55 10.18
C SER A 17 0.24 -3.23 11.10
N SER A 18 -0.98 -3.41 10.60
CA SER A 18 -2.04 -4.05 11.37
C SER A 18 -2.06 -5.55 11.13
N GLY A 19 -1.35 -5.99 10.09
CA GLY A 19 -1.30 -7.41 9.76
C GLY A 19 -0.85 -7.65 8.33
N LYS A 20 -0.95 -8.90 7.89
CA LYS A 20 -0.54 -9.27 6.54
C LYS A 20 -1.69 -9.05 5.56
N HIS A 21 -1.81 -7.83 5.07
CA HIS A 21 -2.86 -7.48 4.12
C HIS A 21 -2.33 -7.53 2.69
N TYR A 22 -2.99 -8.31 1.84
CA TYR A 22 -2.58 -8.44 0.45
C TYR A 22 -1.23 -9.15 0.34
N GLY A 23 -1.01 -10.12 1.21
CA GLY A 23 0.24 -10.86 1.20
C GLY A 23 1.42 -10.01 1.60
N GLN A 24 1.14 -8.85 2.21
CA GLN A 24 2.18 -7.94 2.64
C GLN A 24 1.78 -7.22 3.93
N PHE A 25 2.76 -6.93 4.78
CA PHE A 25 2.51 -6.25 6.03
C PHE A 25 2.42 -4.74 5.82
N THR A 26 1.21 -4.21 5.94
CA THR A 26 0.98 -2.78 5.76
C THR A 26 -0.02 -2.25 6.77
N CYS A 27 0.01 -0.94 7.00
CA CYS A 27 -0.89 -0.30 7.95
C CYS A 27 -2.30 -0.19 7.37
N GLU A 28 -3.27 0.09 8.23
CA GLU A 28 -4.66 0.22 7.80
C GLU A 28 -4.82 1.40 6.83
N GLY A 29 -3.93 2.37 6.94
CA GLY A 29 -3.98 3.53 6.08
C GLY A 29 -3.66 3.19 4.63
N CYS A 30 -2.64 2.37 4.44
CA CYS A 30 -2.23 1.97 3.10
C CYS A 30 -3.05 0.76 2.62
N LYS A 31 -3.44 -0.09 3.56
CA LYS A 31 -4.23 -1.28 3.22
C LYS A 31 -5.44 -0.91 2.38
N SER A 32 -6.24 0.04 2.88
CA SER A 32 -7.43 0.47 2.17
C SER A 32 -7.07 1.32 0.95
N PHE A 33 -6.16 2.27 1.15
CA PHE A 33 -5.71 3.15 0.08
C PHE A 33 -5.33 2.34 -1.16
N PHE A 34 -4.75 1.16 -0.93
CA PHE A 34 -4.34 0.30 -2.03
C PHE A 34 -5.55 -0.32 -2.73
N LYS A 35 -6.48 -0.84 -1.92
CA LYS A 35 -7.69 -1.47 -2.45
C LYS A 35 -8.55 -0.45 -3.19
N ARG A 36 -9.08 0.52 -2.44
CA ARG A 36 -9.92 1.55 -3.01
C ARG A 36 -9.41 1.97 -4.39
N SER A 37 -8.10 1.82 -4.60
CA SER A 37 -7.48 2.18 -5.86
C SER A 37 -7.38 0.98 -6.79
N VAL A 38 -7.17 -0.20 -6.20
CA VAL A 38 -7.05 -1.42 -6.98
C VAL A 38 -8.43 -1.99 -7.31
N ARG A 39 -9.21 -2.29 -6.28
CA ARG A 39 -10.55 -2.83 -6.47
C ARG A 39 -11.37 -1.95 -7.40
N ARG A 40 -11.05 -0.67 -7.44
CA ARG A 40 -11.75 0.28 -8.30
C ARG A 40 -11.03 0.46 -9.62
N ASN A 41 -9.73 0.16 -9.63
CA ASN A 41 -8.92 0.29 -10.84
C ASN A 41 -8.67 1.75 -11.16
N LEU A 42 -8.40 2.55 -10.13
CA LEU A 42 -8.14 3.97 -10.30
C LEU A 42 -6.73 4.21 -10.82
N THR A 43 -6.44 5.45 -11.21
CA THR A 43 -5.12 5.80 -11.72
C THR A 43 -4.78 7.26 -11.40
N TYR A 44 -3.70 7.45 -10.65
CA TYR A 44 -3.27 8.79 -10.26
C TYR A 44 -2.07 9.23 -11.09
N THR A 45 -1.81 10.53 -11.11
CA THR A 45 -0.69 11.08 -11.86
C THR A 45 0.26 11.86 -10.95
N CYS A 46 1.37 11.24 -10.59
CA CYS A 46 2.35 11.88 -9.72
C CYS A 46 2.85 13.19 -10.32
N ARG A 47 2.47 14.30 -9.71
CA ARG A 47 2.86 15.62 -10.18
C ARG A 47 4.37 15.79 -10.10
N ALA A 48 5.03 14.88 -9.40
CA ALA A 48 6.47 14.93 -9.24
C ALA A 48 7.17 13.93 -10.17
N ASN A 49 8.48 13.78 -10.00
CA ASN A 49 9.25 12.85 -10.82
C ASN A 49 9.11 11.43 -10.32
N ARG A 50 7.94 11.12 -9.75
CA ARG A 50 7.68 9.79 -9.23
C ARG A 50 8.77 9.35 -8.25
N ASN A 51 9.26 10.30 -7.47
CA ASN A 51 10.32 10.02 -6.50
C ASN A 51 9.92 10.52 -5.11
N CYS A 52 8.62 10.67 -4.89
CA CYS A 52 8.10 11.13 -3.61
C CYS A 52 8.37 10.11 -2.52
N PRO A 53 9.08 10.53 -1.46
CA PRO A 53 9.41 9.67 -0.33
C PRO A 53 8.19 9.32 0.52
N ILE A 54 7.52 8.23 0.16
CA ILE A 54 6.34 7.79 0.89
C ILE A 54 6.70 7.33 2.30
N ASP A 55 6.33 8.14 3.29
CA ASP A 55 6.60 7.83 4.68
C ASP A 55 5.33 7.88 5.52
N GLN A 56 5.48 7.72 6.82
CA GLN A 56 4.34 7.75 7.74
C GLN A 56 4.24 9.10 8.45
N HIS A 57 5.38 9.62 8.89
CA HIS A 57 5.43 10.90 9.58
C HIS A 57 4.51 11.91 8.91
N HIS A 58 4.61 12.02 7.59
CA HIS A 58 3.79 12.95 6.83
C HIS A 58 2.39 12.37 6.58
N ARG A 59 1.43 13.23 6.28
CA ARG A 59 0.07 12.81 6.03
C ARG A 59 -0.23 12.79 4.53
N ASN A 60 -0.23 13.98 3.92
CA ASN A 60 -0.49 14.11 2.50
C ASN A 60 0.63 13.49 1.67
N GLN A 61 0.47 12.23 1.32
CA GLN A 61 1.48 11.52 0.52
C GLN A 61 1.04 11.40 -0.93
N CYS A 62 2.02 11.31 -1.83
CA CYS A 62 1.73 11.18 -3.25
C CYS A 62 0.84 9.98 -3.53
N GLN A 63 -0.23 10.20 -4.28
CA GLN A 63 -1.17 9.15 -4.61
C GLN A 63 -0.47 8.04 -5.42
N TYR A 64 -0.06 8.38 -6.63
CA TYR A 64 0.62 7.42 -7.50
C TYR A 64 1.74 6.71 -6.76
N CYS A 65 2.83 7.45 -6.50
CA CYS A 65 3.98 6.89 -5.80
C CYS A 65 3.53 5.93 -4.70
N ARG A 66 2.74 6.44 -3.76
CA ARG A 66 2.25 5.64 -2.65
C ARG A 66 1.65 4.33 -3.16
N LEU A 67 0.71 4.44 -4.10
CA LEU A 67 0.07 3.26 -4.67
C LEU A 67 1.09 2.31 -5.28
N LYS A 68 1.85 2.81 -6.24
CA LYS A 68 2.88 2.00 -6.90
C LYS A 68 3.75 1.28 -5.87
N LYS A 69 4.16 2.02 -4.85
CA LYS A 69 5.00 1.45 -3.79
C LYS A 69 4.42 0.13 -3.29
N CYS A 70 3.11 0.00 -3.36
CA CYS A 70 2.43 -1.22 -2.91
C CYS A 70 2.77 -2.39 -3.82
N LEU A 71 2.62 -2.20 -5.13
CA LEU A 71 2.92 -3.25 -6.10
C LEU A 71 4.39 -3.63 -6.05
N LYS A 72 5.22 -2.72 -5.53
CA LYS A 72 6.66 -2.97 -5.43
C LYS A 72 6.97 -3.81 -4.19
N VAL A 73 6.61 -3.29 -3.01
CA VAL A 73 6.85 -3.99 -1.76
C VAL A 73 6.35 -5.43 -1.83
N GLY A 74 5.34 -5.66 -2.65
CA GLY A 74 4.77 -6.99 -2.79
C GLY A 74 3.27 -6.98 -3.00
N MET A 75 2.60 -6.05 -2.33
CA MET A 75 1.14 -5.93 -2.44
C MET A 75 0.68 -6.25 -3.86
N ARG A 76 -0.10 -7.32 -3.99
CA ARG A 76 -0.61 -7.73 -5.29
C ARG A 76 -2.03 -7.24 -5.50
N ARG A 77 -2.38 -6.94 -6.74
CA ARG A 77 -3.71 -6.46 -7.07
C ARG A 77 -4.73 -7.60 -7.02
N GLU A 78 -4.34 -8.77 -7.50
CA GLU A 78 -5.22 -9.94 -7.50
C GLU A 78 -5.76 -10.21 -6.10
N ALA A 79 -4.97 -9.86 -5.09
CA ALA A 79 -5.37 -10.06 -3.70
C ALA A 79 -6.58 -9.20 -3.35
N VAL A 80 -6.53 -7.93 -3.74
CA VAL A 80 -7.62 -7.00 -3.47
C VAL A 80 -8.95 -7.54 -3.99
N GLN A 81 -9.01 -7.77 -5.29
CA GLN A 81 -10.22 -8.28 -5.92
C GLN A 81 -10.95 -9.25 -4.99
N ARG A 82 -12.03 -8.78 -4.39
CA ARG A 82 -12.81 -9.59 -3.47
C ARG A 82 -13.33 -10.85 -4.17
N GLY A 83 -14.20 -10.66 -5.15
CA GLY A 83 -14.74 -11.79 -5.88
C GLY A 83 -13.68 -12.60 -6.59
N SER A 84 -13.98 -13.87 -6.84
CA SER A 84 -13.02 -14.76 -7.52
C SER A 84 -13.29 -14.79 -9.02
N GLY A 85 -12.55 -13.98 -9.77
CA GLY A 85 -12.71 -13.93 -11.20
C GLY A 85 -11.91 -15.01 -11.92
N PRO A 86 -11.56 -14.76 -13.18
CA PRO A 86 -10.79 -15.70 -13.99
C PRO A 86 -9.35 -15.85 -13.51
N SER A 87 -8.83 -14.80 -12.89
CA SER A 87 -7.47 -14.82 -12.38
C SER A 87 -7.42 -15.35 -10.95
N SER A 88 -6.95 -16.58 -10.80
CA SER A 88 -6.85 -17.21 -9.49
C SER A 88 -5.44 -17.73 -9.23
N GLY A 89 -4.89 -18.46 -10.20
CA GLY A 89 -3.56 -19.00 -10.05
C GLY A 89 -2.48 -18.03 -10.49
ZN ZN B . 1.17 2.65 5.58
ZN ZN C . 5.04 10.94 -6.60
N GLY A 1 5.49 -1.03 26.49
CA GLY A 1 5.07 -0.65 25.15
C GLY A 1 6.10 0.18 24.43
N SER A 2 7.12 -0.48 23.89
CA SER A 2 8.19 0.22 23.17
C SER A 2 7.93 0.20 21.67
N SER A 3 8.56 1.13 20.95
CA SER A 3 8.40 1.22 19.51
C SER A 3 9.69 0.82 18.79
N GLY A 4 9.89 -0.48 18.61
CA GLY A 4 11.07 -0.96 17.94
C GLY A 4 11.08 -2.47 17.77
N SER A 5 11.22 -3.18 18.88
CA SER A 5 11.24 -4.64 18.86
C SER A 5 9.88 -5.21 19.24
N SER A 6 8.82 -4.61 18.71
CA SER A 6 7.46 -5.06 18.99
C SER A 6 6.47 -4.43 18.03
N GLY A 7 5.82 -5.27 17.23
CA GLY A 7 4.85 -4.78 16.27
C GLY A 7 5.43 -4.64 14.88
N ILE A 8 4.63 -4.98 13.87
CA ILE A 8 5.07 -4.89 12.48
C ILE A 8 4.86 -3.49 11.93
N GLU A 9 5.75 -3.06 11.04
CA GLU A 9 5.66 -1.74 10.44
C GLU A 9 5.16 -1.84 9.00
N CYS A 10 4.70 -0.71 8.46
CA CYS A 10 4.20 -0.67 7.09
C CYS A 10 5.34 -0.62 6.09
N VAL A 11 5.33 -1.55 5.14
CA VAL A 11 6.38 -1.60 4.11
C VAL A 11 6.19 -0.49 3.08
N VAL A 12 5.24 0.39 3.34
CA VAL A 12 4.95 1.50 2.42
C VAL A 12 5.32 2.84 3.05
N CYS A 13 4.76 3.12 4.22
CA CYS A 13 5.03 4.36 4.92
C CYS A 13 5.76 4.10 6.24
N GLY A 14 5.77 2.84 6.66
CA GLY A 14 6.44 2.47 7.89
C GLY A 14 5.48 2.36 9.07
N ASP A 15 4.32 2.99 8.93
CA ASP A 15 3.31 2.96 9.99
C ASP A 15 3.09 1.55 10.50
N LYS A 16 2.92 1.41 11.81
CA LYS A 16 2.71 0.11 12.43
C LYS A 16 1.69 -0.70 11.64
N SER A 17 2.17 -1.63 10.83
CA SER A 17 1.30 -2.48 10.02
C SER A 17 0.26 -3.19 10.89
N SER A 18 -0.99 -3.18 10.45
CA SER A 18 -2.08 -3.82 11.19
C SER A 18 -2.01 -5.33 11.04
N GLY A 19 -1.37 -5.79 9.97
CA GLY A 19 -1.25 -7.22 9.73
C GLY A 19 -0.86 -7.53 8.30
N LYS A 20 -0.86 -8.81 7.96
CA LYS A 20 -0.49 -9.25 6.62
C LYS A 20 -1.66 -9.03 5.64
N HIS A 21 -1.72 -7.84 5.07
CA HIS A 21 -2.78 -7.51 4.12
C HIS A 21 -2.29 -7.67 2.68
N TYR A 22 -3.04 -8.40 1.88
CA TYR A 22 -2.68 -8.63 0.49
C TYR A 22 -1.32 -9.31 0.38
N GLY A 23 -1.08 -10.27 1.26
CA GLY A 23 0.19 -10.99 1.24
C GLY A 23 1.36 -10.10 1.60
N GLN A 24 1.07 -8.95 2.22
CA GLN A 24 2.11 -8.01 2.62
C GLN A 24 1.70 -7.24 3.86
N PHE A 25 2.68 -6.90 4.69
CA PHE A 25 2.42 -6.17 5.92
C PHE A 25 2.29 -4.66 5.64
N THR A 26 1.07 -4.16 5.75
CA THR A 26 0.80 -2.74 5.51
C THR A 26 -0.20 -2.19 6.51
N CYS A 27 0.01 -0.95 6.93
CA CYS A 27 -0.88 -0.31 7.89
C CYS A 27 -2.28 -0.14 7.32
N GLU A 28 -3.26 0.04 8.19
CA GLU A 28 -4.65 0.22 7.77
C GLU A 28 -4.75 1.31 6.72
N GLY A 29 -4.00 2.38 6.90
CA GLY A 29 -4.03 3.48 5.96
C GLY A 29 -3.68 3.06 4.55
N CYS A 30 -2.60 2.27 4.42
CA CYS A 30 -2.16 1.79 3.12
C CYS A 30 -2.95 0.55 2.70
N LYS A 31 -3.55 -0.12 3.68
CA LYS A 31 -4.34 -1.32 3.42
C LYS A 31 -5.55 -1.00 2.55
N SER A 32 -6.30 0.02 2.93
CA SER A 32 -7.49 0.42 2.19
C SER A 32 -7.11 1.30 1.01
N PHE A 33 -6.13 2.17 1.20
CA PHE A 33 -5.67 3.07 0.15
C PHE A 33 -5.20 2.28 -1.07
N PHE A 34 -4.68 1.09 -0.83
CA PHE A 34 -4.19 0.23 -1.91
C PHE A 34 -5.35 -0.39 -2.68
N LYS A 35 -6.29 -0.98 -1.94
CA LYS A 35 -7.46 -1.61 -2.55
C LYS A 35 -8.35 -0.57 -3.21
N ARG A 36 -8.89 0.34 -2.41
CA ARG A 36 -9.77 1.39 -2.93
C ARG A 36 -9.33 1.83 -4.32
N SER A 37 -8.02 1.82 -4.56
CA SER A 37 -7.46 2.22 -5.85
C SER A 37 -7.48 1.06 -6.83
N VAL A 38 -6.96 -0.09 -6.40
CA VAL A 38 -6.91 -1.27 -7.24
C VAL A 38 -8.31 -1.79 -7.55
N ARG A 39 -9.06 -2.10 -6.49
CA ARG A 39 -10.42 -2.60 -6.65
C ARG A 39 -11.24 -1.70 -7.56
N ARG A 40 -10.90 -0.40 -7.56
CA ARG A 40 -11.61 0.57 -8.38
C ARG A 40 -10.89 0.76 -9.73
N ASN A 41 -9.67 0.24 -9.82
CA ASN A 41 -8.89 0.36 -11.04
C ASN A 41 -8.56 1.82 -11.34
N LEU A 42 -8.22 2.57 -10.30
CA LEU A 42 -7.89 3.98 -10.46
C LEU A 42 -6.44 4.15 -10.90
N THR A 43 -6.04 5.39 -11.17
CA THR A 43 -4.68 5.68 -11.60
C THR A 43 -4.36 7.16 -11.42
N TYR A 44 -3.45 7.46 -10.50
CA TYR A 44 -3.04 8.83 -10.25
C TYR A 44 -1.84 9.23 -11.09
N THR A 45 -1.82 10.48 -11.53
CA THR A 45 -0.73 10.98 -12.35
C THR A 45 0.23 11.83 -11.53
N CYS A 46 1.36 11.25 -11.14
CA CYS A 46 2.37 11.96 -10.36
C CYS A 46 2.89 13.17 -11.11
N ARG A 47 2.51 14.36 -10.66
CA ARG A 47 2.95 15.61 -11.29
C ARG A 47 4.45 15.83 -11.07
N ALA A 48 5.05 15.00 -10.23
CA ALA A 48 6.47 15.10 -9.94
C ALA A 48 7.28 14.09 -10.74
N ASN A 49 8.57 13.98 -10.45
CA ASN A 49 9.44 13.05 -11.14
C ASN A 49 9.27 11.63 -10.60
N ARG A 50 8.05 11.29 -10.21
CA ARG A 50 7.76 9.97 -9.68
C ARG A 50 8.83 9.54 -8.69
N ASN A 51 9.43 10.51 -8.01
CA ASN A 51 10.47 10.23 -7.03
C ASN A 51 10.09 10.78 -5.66
N CYS A 52 8.80 10.98 -5.45
CA CYS A 52 8.29 11.49 -4.18
C CYS A 52 8.58 10.52 -3.03
N PRO A 53 9.16 11.04 -1.95
CA PRO A 53 9.50 10.23 -0.77
C PRO A 53 8.27 9.76 -0.01
N ILE A 54 7.95 8.48 -0.15
CA ILE A 54 6.78 7.92 0.52
C ILE A 54 7.14 7.44 1.92
N ASP A 55 6.57 8.10 2.93
CA ASP A 55 6.83 7.76 4.32
C ASP A 55 5.56 7.93 5.17
N GLN A 56 5.68 7.62 6.45
CA GLN A 56 4.55 7.74 7.37
C GLN A 56 4.58 9.08 8.09
N HIS A 57 5.65 9.32 8.84
CA HIS A 57 5.80 10.57 9.58
C HIS A 57 5.19 11.74 8.82
N HIS A 58 5.60 11.89 7.56
CA HIS A 58 5.10 12.98 6.72
C HIS A 58 3.62 12.78 6.42
N ARG A 59 2.89 13.89 6.31
CA ARG A 59 1.46 13.84 6.03
C ARG A 59 1.19 13.20 4.67
N ASN A 60 -0.09 13.14 4.30
CA ASN A 60 -0.47 12.54 3.03
C ASN A 60 0.58 12.80 1.96
N GLN A 61 1.24 11.74 1.51
CA GLN A 61 2.28 11.86 0.49
C GLN A 61 1.71 11.63 -0.90
N CYS A 62 2.55 11.73 -1.92
CA CYS A 62 2.13 11.52 -3.30
C CYS A 62 1.09 10.41 -3.38
N GLN A 63 0.27 10.45 -4.43
CA GLN A 63 -0.76 9.45 -4.63
C GLN A 63 -0.24 8.30 -5.49
N TYR A 64 0.24 8.63 -6.68
CA TYR A 64 0.76 7.62 -7.61
C TYR A 64 1.92 6.87 -6.97
N CYS A 65 2.97 7.60 -6.62
CA CYS A 65 4.16 7.01 -6.01
C CYS A 65 3.77 6.06 -4.88
N ARG A 66 2.98 6.57 -3.94
CA ARG A 66 2.54 5.77 -2.80
C ARG A 66 1.78 4.53 -3.27
N LEU A 67 0.72 4.76 -4.05
CA LEU A 67 -0.09 3.66 -4.57
C LEU A 67 0.78 2.59 -5.21
N LYS A 68 1.73 3.03 -6.04
CA LYS A 68 2.63 2.11 -6.72
C LYS A 68 3.49 1.34 -5.72
N LYS A 69 4.14 2.07 -4.82
CA LYS A 69 4.99 1.47 -3.80
C LYS A 69 4.39 0.15 -3.31
N CYS A 70 3.07 0.06 -3.36
CA CYS A 70 2.38 -1.15 -2.91
C CYS A 70 2.76 -2.34 -3.79
N LEU A 71 2.54 -2.22 -5.09
CA LEU A 71 2.85 -3.29 -6.02
C LEU A 71 4.34 -3.60 -6.01
N LYS A 72 5.14 -2.68 -5.47
CA LYS A 72 6.57 -2.86 -5.38
C LYS A 72 6.96 -3.67 -4.15
N VAL A 73 6.59 -3.16 -2.99
CA VAL A 73 6.88 -3.84 -1.73
C VAL A 73 6.50 -5.31 -1.80
N GLY A 74 5.53 -5.62 -2.65
CA GLY A 74 5.08 -7.00 -2.80
C GLY A 74 3.58 -7.11 -2.96
N MET A 75 2.85 -6.24 -2.28
CA MET A 75 1.39 -6.24 -2.36
C MET A 75 0.92 -6.68 -3.74
N ARG A 76 -0.13 -7.51 -3.76
CA ARG A 76 -0.68 -8.00 -5.01
C ARG A 76 -2.08 -7.45 -5.26
N ARG A 77 -2.43 -7.28 -6.52
CA ARG A 77 -3.73 -6.75 -6.90
C ARG A 77 -4.77 -7.87 -6.95
N GLU A 78 -4.34 -9.05 -7.40
CA GLU A 78 -5.24 -10.20 -7.49
C GLU A 78 -6.01 -10.40 -6.19
N ALA A 79 -5.33 -10.20 -5.07
CA ALA A 79 -5.95 -10.36 -3.76
C ALA A 79 -7.03 -9.31 -3.53
N VAL A 80 -6.69 -8.05 -3.77
CA VAL A 80 -7.63 -6.95 -3.59
C VAL A 80 -9.05 -7.38 -3.93
N GLN A 81 -9.18 -8.21 -4.97
CA GLN A 81 -10.48 -8.70 -5.40
C GLN A 81 -10.55 -10.22 -5.32
N ARG A 82 -10.73 -10.73 -4.11
CA ARG A 82 -10.82 -12.17 -3.89
C ARG A 82 -12.18 -12.56 -3.30
N GLY A 83 -12.65 -11.77 -2.34
CA GLY A 83 -13.92 -12.05 -1.71
C GLY A 83 -14.93 -12.63 -2.69
N SER A 84 -15.46 -13.80 -2.35
CA SER A 84 -16.43 -14.48 -3.19
C SER A 84 -17.86 -14.18 -2.72
N GLY A 85 -18.77 -14.00 -3.68
CA GLY A 85 -20.15 -13.73 -3.35
C GLY A 85 -20.95 -14.99 -3.11
N PRO A 86 -22.28 -14.84 -2.99
CA PRO A 86 -23.19 -15.96 -2.75
C PRO A 86 -23.31 -16.87 -3.97
N SER A 87 -22.65 -18.02 -3.90
CA SER A 87 -22.69 -18.99 -5.00
C SER A 87 -22.21 -18.35 -6.30
N SER A 88 -21.16 -17.54 -6.21
CA SER A 88 -20.61 -16.86 -7.37
C SER A 88 -19.28 -17.49 -7.79
N GLY A 89 -18.42 -17.74 -6.81
CA GLY A 89 -17.12 -18.34 -7.11
C GLY A 89 -16.11 -18.08 -6.00
ZN ZN B . 1.24 2.64 5.54
ZN ZN C . 5.03 11.00 -6.95
N GLY A 1 19.48 -6.37 26.96
CA GLY A 1 18.57 -5.68 26.06
C GLY A 1 18.26 -6.51 24.83
N SER A 2 17.02 -6.37 24.34
CA SER A 2 16.59 -7.12 23.16
C SER A 2 16.33 -6.18 21.99
N SER A 3 17.29 -6.09 21.08
CA SER A 3 17.17 -5.22 19.92
C SER A 3 16.02 -5.67 19.02
N GLY A 4 15.18 -4.72 18.62
CA GLY A 4 14.05 -5.03 17.77
C GLY A 4 12.73 -4.59 18.37
N SER A 5 12.21 -3.47 17.87
CA SER A 5 10.95 -2.93 18.36
C SER A 5 9.80 -3.89 18.07
N SER A 6 9.41 -4.66 19.07
CA SER A 6 8.32 -5.62 18.93
C SER A 6 7.13 -4.99 18.20
N GLY A 7 7.00 -5.28 16.92
CA GLY A 7 5.91 -4.73 16.13
C GLY A 7 6.24 -4.64 14.65
N ILE A 8 5.23 -4.84 13.82
CA ILE A 8 5.41 -4.78 12.38
C ILE A 8 5.16 -3.37 11.84
N GLU A 9 5.95 -2.96 10.85
CA GLU A 9 5.81 -1.64 10.26
C GLU A 9 5.26 -1.74 8.84
N CYS A 10 4.79 -0.62 8.31
CA CYS A 10 4.24 -0.57 6.96
C CYS A 10 5.36 -0.48 5.93
N VAL A 11 5.35 -1.40 4.97
CA VAL A 11 6.36 -1.42 3.91
C VAL A 11 6.11 -0.31 2.89
N VAL A 12 5.16 0.56 3.20
CA VAL A 12 4.83 1.68 2.31
C VAL A 12 5.18 3.01 2.95
N CYS A 13 4.64 3.25 4.15
CA CYS A 13 4.90 4.49 4.87
C CYS A 13 5.65 4.23 6.17
N GLY A 14 5.71 2.95 6.56
CA GLY A 14 6.40 2.58 7.78
C GLY A 14 5.45 2.42 8.95
N ASP A 15 4.29 3.05 8.87
CA ASP A 15 3.29 2.97 9.93
C ASP A 15 3.15 1.54 10.43
N LYS A 16 3.03 1.38 11.75
CA LYS A 16 2.88 0.07 12.36
C LYS A 16 1.84 -0.76 11.62
N SER A 17 2.29 -1.74 10.85
CA SER A 17 1.39 -2.60 10.09
C SER A 17 0.49 -3.40 11.03
N SER A 18 -0.79 -3.44 10.71
CA SER A 18 -1.77 -4.17 11.53
C SER A 18 -1.68 -5.68 11.25
N GLY A 19 -1.06 -6.03 10.13
CA GLY A 19 -0.93 -7.43 9.78
C GLY A 19 -0.56 -7.63 8.32
N LYS A 20 -0.67 -8.85 7.84
CA LYS A 20 -0.35 -9.18 6.46
C LYS A 20 -1.54 -8.92 5.54
N HIS A 21 -1.71 -7.67 5.13
CA HIS A 21 -2.82 -7.29 4.25
C HIS A 21 -2.41 -7.41 2.79
N TYR A 22 -3.11 -8.27 2.05
CA TYR A 22 -2.82 -8.47 0.64
C TYR A 22 -1.49 -9.20 0.46
N GLY A 23 -1.21 -10.14 1.35
CA GLY A 23 0.03 -10.89 1.27
C GLY A 23 1.24 -10.04 1.62
N GLN A 24 1.00 -8.90 2.26
CA GLN A 24 2.08 -8.01 2.65
C GLN A 24 1.72 -7.25 3.93
N PHE A 25 2.74 -6.87 4.68
CA PHE A 25 2.54 -6.15 5.94
C PHE A 25 2.41 -4.65 5.68
N THR A 26 1.17 -4.16 5.72
CA THR A 26 0.90 -2.75 5.50
C THR A 26 -0.11 -2.21 6.50
N CYS A 27 0.07 -0.97 6.91
CA CYS A 27 -0.82 -0.33 7.88
C CYS A 27 -2.24 -0.24 7.32
N GLU A 28 -3.18 0.20 8.16
CA GLU A 28 -4.57 0.33 7.75
C GLU A 28 -4.73 1.47 6.75
N GLY A 29 -3.91 2.50 6.88
CA GLY A 29 -3.97 3.64 5.98
C GLY A 29 -3.66 3.26 4.55
N CYS A 30 -2.68 2.39 4.36
CA CYS A 30 -2.27 1.95 3.04
C CYS A 30 -3.11 0.75 2.59
N LYS A 31 -3.44 -0.11 3.54
CA LYS A 31 -4.24 -1.31 3.25
C LYS A 31 -5.45 -0.95 2.39
N SER A 32 -6.27 -0.03 2.89
CA SER A 32 -7.46 0.39 2.16
C SER A 32 -7.10 1.24 0.95
N PHE A 33 -6.18 2.18 1.14
CA PHE A 33 -5.73 3.06 0.07
C PHE A 33 -5.33 2.24 -1.16
N PHE A 34 -4.74 1.08 -0.93
CA PHE A 34 -4.31 0.21 -2.01
C PHE A 34 -5.50 -0.40 -2.74
N LYS A 35 -6.46 -0.91 -1.97
CA LYS A 35 -7.66 -1.51 -2.55
C LYS A 35 -8.49 -0.47 -3.28
N ARG A 36 -8.92 0.56 -2.57
CA ARG A 36 -9.73 1.62 -3.16
C ARG A 36 -9.16 2.04 -4.52
N SER A 37 -7.85 1.94 -4.66
CA SER A 37 -7.19 2.31 -5.91
C SER A 37 -7.17 1.14 -6.88
N VAL A 38 -7.13 -0.07 -6.34
CA VAL A 38 -7.11 -1.28 -7.16
C VAL A 38 -8.52 -1.74 -7.50
N ARG A 39 -9.31 -2.06 -6.48
CA ARG A 39 -10.67 -2.50 -6.67
C ARG A 39 -11.40 -1.60 -7.67
N ARG A 40 -11.08 -0.31 -7.64
CA ARG A 40 -11.71 0.64 -8.54
C ARG A 40 -10.90 0.80 -9.82
N ASN A 41 -9.63 0.37 -9.78
CA ASN A 41 -8.75 0.47 -10.94
C ASN A 41 -8.37 1.92 -11.21
N LEU A 42 -8.11 2.67 -10.15
CA LEU A 42 -7.74 4.07 -10.28
C LEU A 42 -6.30 4.20 -10.77
N THR A 43 -5.90 5.43 -11.10
CA THR A 43 -4.55 5.69 -11.57
C THR A 43 -4.14 7.13 -11.32
N TYR A 44 -3.25 7.34 -10.36
CA TYR A 44 -2.78 8.67 -10.02
C TYR A 44 -1.59 9.08 -10.90
N THR A 45 -1.57 10.34 -11.31
CA THR A 45 -0.50 10.86 -12.14
C THR A 45 0.48 11.70 -11.33
N CYS A 46 1.47 11.05 -10.75
CA CYS A 46 2.48 11.73 -9.95
C CYS A 46 2.95 13.02 -10.65
N ARG A 47 2.64 14.16 -10.06
CA ARG A 47 3.03 15.44 -10.61
C ARG A 47 4.49 15.75 -10.29
N ALA A 48 5.21 14.74 -9.84
CA ALA A 48 6.62 14.91 -9.50
C ALA A 48 7.49 13.87 -10.20
N ASN A 49 8.76 13.81 -9.82
CA ASN A 49 9.69 12.85 -10.41
C ASN A 49 9.49 11.46 -9.82
N ARG A 50 8.24 11.08 -9.62
CA ARG A 50 7.91 9.77 -9.05
C ARG A 50 8.93 9.38 -7.99
N ASN A 51 9.48 10.38 -7.30
CA ASN A 51 10.47 10.15 -6.26
C ASN A 51 9.97 10.69 -4.92
N CYS A 52 8.68 10.99 -4.84
CA CYS A 52 8.09 11.51 -3.62
C CYS A 52 8.33 10.58 -2.44
N PRO A 53 8.77 11.14 -1.31
CA PRO A 53 9.05 10.38 -0.09
C PRO A 53 7.77 9.84 0.56
N ILE A 54 7.45 8.59 0.26
CA ILE A 54 6.25 7.96 0.81
C ILE A 54 6.54 7.38 2.19
N ASP A 55 6.34 8.19 3.22
CA ASP A 55 6.57 7.76 4.60
C ASP A 55 5.38 8.10 5.48
N GLN A 56 5.37 7.54 6.69
CA GLN A 56 4.28 7.80 7.63
C GLN A 56 4.45 9.15 8.31
N HIS A 57 5.56 9.32 9.03
CA HIS A 57 5.85 10.57 9.72
C HIS A 57 5.24 11.75 8.97
N HIS A 58 5.58 11.88 7.70
CA HIS A 58 5.07 12.97 6.87
C HIS A 58 3.57 12.81 6.62
N ARG A 59 2.79 13.79 7.07
CA ARG A 59 1.34 13.75 6.90
C ARG A 59 0.97 13.60 5.43
N ASN A 60 1.32 14.61 4.63
CA ASN A 60 1.03 14.59 3.20
C ASN A 60 1.93 13.61 2.47
N GLN A 61 1.35 12.85 1.55
CA GLN A 61 2.11 11.87 0.78
C GLN A 61 1.53 11.72 -0.63
N CYS A 62 2.42 11.51 -1.60
CA CYS A 62 2.00 11.35 -2.99
C CYS A 62 0.94 10.26 -3.12
N GLN A 63 0.20 10.29 -4.23
CA GLN A 63 -0.85 9.30 -4.47
C GLN A 63 -0.34 8.16 -5.33
N TYR A 64 0.28 8.50 -6.46
CA TYR A 64 0.81 7.49 -7.38
C TYR A 64 1.95 6.71 -6.72
N CYS A 65 2.97 7.43 -6.29
CA CYS A 65 4.13 6.81 -5.65
C CYS A 65 3.69 5.87 -4.54
N ARG A 66 2.79 6.34 -3.69
CA ARG A 66 2.28 5.53 -2.59
C ARG A 66 1.55 4.29 -3.11
N LEU A 67 0.50 4.52 -3.89
CA LEU A 67 -0.29 3.43 -4.45
C LEU A 67 0.61 2.39 -5.12
N LYS A 68 1.53 2.87 -5.97
CA LYS A 68 2.44 1.99 -6.67
C LYS A 68 3.38 1.28 -5.69
N LYS A 69 3.94 2.05 -4.75
CA LYS A 69 4.85 1.49 -3.76
C LYS A 69 4.36 0.13 -3.27
N CYS A 70 3.05 -0.08 -3.35
CA CYS A 70 2.44 -1.33 -2.92
C CYS A 70 2.85 -2.47 -3.85
N LEU A 71 2.61 -2.28 -5.14
CA LEU A 71 2.95 -3.29 -6.14
C LEU A 71 4.45 -3.57 -6.16
N LYS A 72 5.21 -2.65 -5.59
CA LYS A 72 6.66 -2.79 -5.53
C LYS A 72 7.10 -3.62 -4.33
N VAL A 73 6.76 -3.14 -3.13
CA VAL A 73 7.09 -3.85 -1.90
C VAL A 73 6.73 -5.32 -1.99
N GLY A 74 5.57 -5.59 -2.60
CA GLY A 74 5.12 -6.97 -2.75
C GLY A 74 3.61 -7.07 -2.92
N MET A 75 2.88 -6.16 -2.27
CA MET A 75 1.43 -6.15 -2.37
C MET A 75 0.96 -6.62 -3.74
N ARG A 76 -0.08 -7.43 -3.77
CA ARG A 76 -0.62 -7.94 -5.02
C ARG A 76 -2.06 -7.47 -5.23
N ARG A 77 -2.41 -7.19 -6.47
CA ARG A 77 -3.75 -6.72 -6.80
C ARG A 77 -4.74 -7.89 -6.81
N GLU A 78 -4.31 -9.03 -7.35
CA GLU A 78 -5.15 -10.21 -7.42
C GLU A 78 -5.84 -10.47 -6.08
N ALA A 79 -5.20 -10.03 -5.00
CA ALA A 79 -5.76 -10.22 -3.66
C ALA A 79 -6.93 -9.26 -3.42
N VAL A 80 -6.74 -7.99 -3.79
CA VAL A 80 -7.78 -6.99 -3.61
C VAL A 80 -9.15 -7.55 -3.96
N GLN A 81 -9.22 -8.29 -5.05
CA GLN A 81 -10.48 -8.89 -5.48
C GLN A 81 -10.47 -10.41 -5.28
N ARG A 82 -11.65 -10.99 -5.14
CA ARG A 82 -11.79 -12.42 -4.93
C ARG A 82 -11.31 -13.20 -6.16
N GLY A 83 -11.51 -12.61 -7.34
CA GLY A 83 -11.10 -13.25 -8.57
C GLY A 83 -11.93 -14.49 -8.89
N SER A 84 -11.31 -15.47 -9.52
CA SER A 84 -12.00 -16.70 -9.88
C SER A 84 -11.55 -17.86 -9.00
N GLY A 85 -12.43 -18.85 -8.86
CA GLY A 85 -12.10 -20.01 -8.04
C GLY A 85 -11.91 -21.27 -8.87
N PRO A 86 -11.03 -22.17 -8.40
CA PRO A 86 -10.73 -23.43 -9.08
C PRO A 86 -11.91 -24.40 -9.03
N SER A 87 -11.77 -25.52 -9.74
CA SER A 87 -12.82 -26.53 -9.77
C SER A 87 -13.24 -26.93 -8.36
N SER A 88 -12.26 -27.36 -7.56
CA SER A 88 -12.53 -27.77 -6.18
C SER A 88 -11.54 -27.12 -5.21
N GLY A 89 -12.04 -26.63 -4.10
CA GLY A 89 -11.18 -26.00 -3.11
C GLY A 89 -10.11 -25.13 -3.75
ZN ZN B . 1.17 2.67 5.47
ZN ZN C . 5.03 10.90 -6.54
N GLY A 1 6.31 6.56 19.21
CA GLY A 1 5.70 5.60 18.32
C GLY A 1 6.73 4.78 17.56
N SER A 2 7.76 5.45 17.07
CA SER A 2 8.83 4.79 16.32
C SER A 2 9.86 4.16 17.26
N SER A 3 9.36 3.46 18.28
CA SER A 3 10.23 2.83 19.25
C SER A 3 10.97 1.65 18.63
N GLY A 4 10.25 0.86 17.82
CA GLY A 4 10.85 -0.28 17.17
C GLY A 4 10.66 -1.57 17.97
N SER A 5 9.41 -1.96 18.16
CA SER A 5 9.09 -3.17 18.91
C SER A 5 8.72 -4.31 17.96
N SER A 6 8.61 -5.51 18.52
CA SER A 6 8.26 -6.69 17.72
C SER A 6 7.18 -6.35 16.70
N GLY A 7 6.23 -5.51 17.09
CA GLY A 7 5.17 -5.12 16.20
C GLY A 7 5.64 -4.96 14.77
N ILE A 8 4.77 -5.27 13.82
CA ILE A 8 5.11 -5.15 12.40
C ILE A 8 4.84 -3.74 11.90
N GLU A 9 5.70 -3.27 10.98
CA GLU A 9 5.55 -1.94 10.41
C GLU A 9 5.03 -2.02 8.98
N CYS A 10 4.65 -0.86 8.44
CA CYS A 10 4.13 -0.79 7.08
C CYS A 10 5.26 -0.72 6.06
N VAL A 11 5.24 -1.63 5.09
CA VAL A 11 6.26 -1.68 4.06
C VAL A 11 6.07 -0.56 3.03
N VAL A 12 5.15 0.34 3.33
CA VAL A 12 4.86 1.47 2.44
C VAL A 12 5.24 2.79 3.08
N CYS A 13 4.69 3.04 4.27
CA CYS A 13 4.97 4.27 4.99
C CYS A 13 5.78 4.00 6.26
N GLY A 14 5.77 2.74 6.68
CA GLY A 14 6.50 2.36 7.88
C GLY A 14 5.62 2.28 9.11
N ASP A 15 4.39 2.80 8.99
CA ASP A 15 3.45 2.79 10.10
C ASP A 15 3.16 1.36 10.53
N LYS A 16 3.02 1.17 11.85
CA LYS A 16 2.74 -0.16 12.40
C LYS A 16 1.71 -0.90 11.54
N SER A 17 2.17 -1.94 10.86
CA SER A 17 1.30 -2.73 10.00
C SER A 17 0.14 -3.32 10.80
N SER A 18 -1.05 -3.34 10.19
CA SER A 18 -2.23 -3.87 10.84
C SER A 18 -2.53 -5.29 10.37
N GLY A 19 -1.47 -6.01 10.00
CA GLY A 19 -1.64 -7.37 9.53
C GLY A 19 -1.16 -7.56 8.10
N LYS A 20 -0.97 -8.81 7.70
CA LYS A 20 -0.52 -9.13 6.35
C LYS A 20 -1.66 -9.04 5.35
N HIS A 21 -2.01 -7.82 4.96
CA HIS A 21 -3.08 -7.60 4.01
C HIS A 21 -2.56 -7.67 2.57
N TYR A 22 -3.14 -8.55 1.78
CA TYR A 22 -2.73 -8.72 0.38
C TYR A 22 -1.36 -9.38 0.29
N GLY A 23 -1.14 -10.39 1.13
CA GLY A 23 0.13 -11.09 1.11
C GLY A 23 1.29 -10.17 1.46
N GLN A 24 0.99 -9.06 2.12
CA GLN A 24 2.02 -8.11 2.50
C GLN A 24 1.64 -7.37 3.78
N PHE A 25 2.63 -7.03 4.58
CA PHE A 25 2.40 -6.33 5.84
C PHE A 25 2.29 -4.82 5.61
N THR A 26 1.08 -4.29 5.80
CA THR A 26 0.85 -2.86 5.61
C THR A 26 -0.15 -2.33 6.64
N CYS A 27 -0.01 -1.06 6.99
CA CYS A 27 -0.90 -0.43 7.96
C CYS A 27 -2.31 -0.31 7.41
N GLU A 28 -3.24 0.11 8.25
CA GLU A 28 -4.64 0.27 7.84
C GLU A 28 -4.79 1.43 6.87
N GLY A 29 -3.86 2.39 6.93
CA GLY A 29 -3.91 3.53 6.05
C GLY A 29 -3.62 3.17 4.62
N CYS A 30 -2.60 2.34 4.41
CA CYS A 30 -2.21 1.92 3.06
C CYS A 30 -3.04 0.73 2.61
N LYS A 31 -3.43 -0.12 3.57
CA LYS A 31 -4.23 -1.30 3.28
C LYS A 31 -5.47 -0.93 2.46
N SER A 32 -6.19 0.07 2.93
CA SER A 32 -7.40 0.53 2.24
C SER A 32 -7.05 1.39 1.03
N PHE A 33 -6.03 2.22 1.20
CA PHE A 33 -5.59 3.11 0.11
C PHE A 33 -5.20 2.31 -1.12
N PHE A 34 -4.64 1.12 -0.89
CA PHE A 34 -4.22 0.25 -1.99
C PHE A 34 -5.43 -0.35 -2.71
N LYS A 35 -6.39 -0.83 -1.93
CA LYS A 35 -7.60 -1.43 -2.49
C LYS A 35 -8.42 -0.38 -3.24
N ARG A 36 -8.96 0.58 -2.51
CA ARG A 36 -9.77 1.64 -3.11
C ARG A 36 -9.22 2.02 -4.48
N SER A 37 -7.91 1.87 -4.66
CA SER A 37 -7.28 2.21 -5.92
C SER A 37 -7.21 1.00 -6.85
N VAL A 38 -6.86 -0.15 -6.28
CA VAL A 38 -6.78 -1.39 -7.05
C VAL A 38 -8.16 -1.88 -7.47
N ARG A 39 -8.96 -2.26 -6.47
CA ARG A 39 -10.31 -2.76 -6.74
C ARG A 39 -11.06 -1.82 -7.68
N ARG A 40 -10.65 -0.55 -7.69
CA ARG A 40 -11.28 0.44 -8.54
C ARG A 40 -10.53 0.60 -9.85
N ASN A 41 -9.26 0.20 -9.86
CA ASN A 41 -8.43 0.28 -11.05
C ASN A 41 -8.08 1.74 -11.36
N LEU A 42 -7.88 2.53 -10.31
CA LEU A 42 -7.54 3.94 -10.47
C LEU A 42 -6.11 4.10 -10.97
N THR A 43 -5.74 5.34 -11.30
CA THR A 43 -4.40 5.63 -11.79
C THR A 43 -4.04 7.10 -11.58
N TYR A 44 -3.19 7.36 -10.60
CA TYR A 44 -2.77 8.71 -10.30
C TYR A 44 -1.53 9.10 -11.11
N THR A 45 -1.48 10.36 -11.54
CA THR A 45 -0.36 10.85 -12.33
C THR A 45 0.62 11.64 -11.47
N CYS A 46 1.60 10.94 -10.91
CA CYS A 46 2.60 11.58 -10.06
C CYS A 46 2.98 12.95 -10.59
N ARG A 47 2.73 13.99 -9.78
CA ARG A 47 3.04 15.35 -10.17
C ARG A 47 4.53 15.66 -9.96
N ALA A 48 5.33 14.60 -9.84
CA ALA A 48 6.77 14.76 -9.64
C ALA A 48 7.55 13.70 -10.41
N ASN A 49 8.86 13.68 -10.21
CA ASN A 49 9.72 12.71 -10.89
C ASN A 49 9.63 11.35 -10.23
N ARG A 50 8.41 10.95 -9.87
CA ARG A 50 8.19 9.66 -9.22
C ARG A 50 9.25 9.40 -8.15
N ASN A 51 9.63 10.45 -7.44
CA ASN A 51 10.64 10.33 -6.38
C ASN A 51 10.09 10.84 -5.06
N CYS A 52 8.79 11.00 -4.98
CA CYS A 52 8.13 11.48 -3.76
C CYS A 52 8.42 10.55 -2.59
N PRO A 53 8.84 11.13 -1.46
CA PRO A 53 9.16 10.37 -0.25
C PRO A 53 7.91 9.79 0.42
N ILE A 54 7.68 8.49 0.17
CA ILE A 54 6.53 7.82 0.74
C ILE A 54 6.85 7.23 2.11
N ASP A 55 6.66 8.04 3.15
CA ASP A 55 6.94 7.61 4.52
C ASP A 55 5.73 7.87 5.42
N GLN A 56 5.83 7.42 6.67
CA GLN A 56 4.75 7.61 7.63
C GLN A 56 4.78 9.02 8.22
N HIS A 57 5.99 9.48 8.55
CA HIS A 57 6.15 10.81 9.12
C HIS A 57 5.12 11.79 8.55
N HIS A 58 4.99 11.79 7.23
CA HIS A 58 4.05 12.68 6.57
C HIS A 58 2.65 12.06 6.54
N ARG A 59 1.65 12.90 6.74
CA ARG A 59 0.25 12.44 6.74
C ARG A 59 -0.19 12.07 5.33
N ASN A 60 -0.20 13.06 4.44
CA ASN A 60 -0.61 12.84 3.06
C ASN A 60 0.55 13.05 2.10
N GLN A 61 0.82 12.06 1.27
CA GLN A 61 1.91 12.14 0.30
C GLN A 61 1.43 11.81 -1.11
N CYS A 62 2.33 11.91 -2.08
CA CYS A 62 1.99 11.61 -3.46
C CYS A 62 0.97 10.48 -3.55
N GLN A 63 0.16 10.50 -4.61
CA GLN A 63 -0.87 9.49 -4.80
C GLN A 63 -0.32 8.32 -5.63
N TYR A 64 0.34 8.64 -6.73
CA TYR A 64 0.91 7.62 -7.61
C TYR A 64 2.01 6.85 -6.90
N CYS A 65 3.07 7.56 -6.51
CA CYS A 65 4.19 6.93 -5.82
C CYS A 65 3.71 5.98 -4.72
N ARG A 66 2.86 6.50 -3.83
CA ARG A 66 2.33 5.70 -2.74
C ARG A 66 1.63 4.45 -3.28
N LEU A 67 0.56 4.65 -4.03
CA LEU A 67 -0.19 3.53 -4.60
C LEU A 67 0.74 2.52 -5.25
N LYS A 68 1.75 3.02 -5.96
CA LYS A 68 2.73 2.16 -6.63
C LYS A 68 3.54 1.38 -5.61
N LYS A 69 4.09 2.08 -4.63
CA LYS A 69 4.89 1.44 -3.59
C LYS A 69 4.24 0.16 -3.11
N CYS A 70 2.93 0.08 -3.26
CA CYS A 70 2.17 -1.11 -2.84
C CYS A 70 2.49 -2.29 -3.73
N LEU A 71 2.46 -2.07 -5.04
CA LEU A 71 2.74 -3.12 -6.02
C LEU A 71 4.23 -3.43 -6.07
N LYS A 72 5.04 -2.53 -5.51
CA LYS A 72 6.49 -2.71 -5.49
C LYS A 72 6.91 -3.57 -4.30
N VAL A 73 6.50 -3.16 -3.11
CA VAL A 73 6.83 -3.88 -1.89
C VAL A 73 6.46 -5.36 -2.01
N GLY A 74 5.28 -5.62 -2.57
CA GLY A 74 4.82 -6.99 -2.73
C GLY A 74 3.32 -7.07 -2.93
N MET A 75 2.59 -6.19 -2.26
CA MET A 75 1.13 -6.17 -2.37
C MET A 75 0.68 -6.56 -3.77
N ARG A 76 -0.20 -7.55 -3.86
CA ARG A 76 -0.71 -8.03 -5.13
C ARG A 76 -2.16 -7.63 -5.32
N ARG A 77 -2.54 -7.31 -6.56
CA ARG A 77 -3.90 -6.91 -6.88
C ARG A 77 -4.84 -8.12 -6.84
N GLU A 78 -4.39 -9.23 -7.42
CA GLU A 78 -5.20 -10.44 -7.45
C GLU A 78 -5.88 -10.68 -6.11
N ALA A 79 -5.19 -10.33 -5.03
CA ALA A 79 -5.74 -10.50 -3.69
C ALA A 79 -6.84 -9.50 -3.40
N VAL A 80 -6.59 -8.23 -3.74
CA VAL A 80 -7.57 -7.17 -3.52
C VAL A 80 -8.98 -7.64 -3.89
N GLN A 81 -9.12 -8.13 -5.12
CA GLN A 81 -10.41 -8.60 -5.60
C GLN A 81 -10.42 -10.13 -5.71
N ARG A 82 -11.49 -10.75 -5.19
CA ARG A 82 -11.61 -12.20 -5.24
C ARG A 82 -12.47 -12.64 -6.41
N GLY A 83 -11.87 -13.39 -7.33
CA GLY A 83 -12.59 -13.86 -8.50
C GLY A 83 -11.85 -13.59 -9.79
N SER A 84 -10.72 -14.25 -9.98
CA SER A 84 -9.92 -14.07 -11.18
C SER A 84 -10.77 -14.23 -12.43
N GLY A 85 -10.16 -13.97 -13.59
CA GLY A 85 -10.87 -14.10 -14.84
C GLY A 85 -10.29 -13.22 -15.93
N PRO A 86 -11.08 -12.97 -16.99
CA PRO A 86 -10.65 -12.15 -18.13
C PRO A 86 -10.52 -10.68 -17.76
N SER A 87 -9.37 -10.08 -18.10
CA SER A 87 -9.13 -8.67 -17.80
C SER A 87 -8.97 -7.86 -19.08
N SER A 88 -9.81 -6.85 -19.24
CA SER A 88 -9.77 -6.00 -20.42
C SER A 88 -8.33 -5.67 -20.81
N GLY A 89 -7.98 -5.94 -22.06
CA GLY A 89 -6.64 -5.66 -22.53
C GLY A 89 -5.58 -6.30 -21.65
ZN ZN B . 1.15 2.53 5.57
ZN ZN C . 5.21 10.96 -6.83
N GLY A 1 -0.40 4.20 27.04
CA GLY A 1 -0.41 4.83 25.74
C GLY A 1 -0.07 3.86 24.63
N SER A 2 -0.17 4.32 23.38
CA SER A 2 0.13 3.49 22.23
C SER A 2 1.63 3.21 22.15
N SER A 3 2.07 2.14 22.79
CA SER A 3 3.49 1.77 22.79
C SER A 3 3.74 0.61 21.81
N GLY A 4 3.93 0.96 20.55
CA GLY A 4 4.18 -0.05 19.53
C GLY A 4 5.50 -0.76 19.74
N SER A 5 5.42 -2.01 20.22
CA SER A 5 6.61 -2.81 20.48
C SER A 5 6.49 -4.18 19.83
N SER A 6 7.64 -4.77 19.47
CA SER A 6 7.66 -6.08 18.85
C SER A 6 6.52 -6.23 17.84
N GLY A 7 6.34 -5.20 17.02
CA GLY A 7 5.29 -5.23 16.01
C GLY A 7 5.81 -4.96 14.62
N ILE A 8 5.01 -5.30 13.62
CA ILE A 8 5.39 -5.09 12.22
C ILE A 8 5.07 -3.68 11.76
N GLU A 9 5.89 -3.15 10.86
CA GLU A 9 5.69 -1.81 10.33
C GLU A 9 5.15 -1.86 8.91
N CYS A 10 4.73 -0.70 8.40
CA CYS A 10 4.19 -0.61 7.05
C CYS A 10 5.31 -0.49 6.02
N VAL A 11 5.32 -1.41 5.06
CA VAL A 11 6.34 -1.41 4.02
C VAL A 11 6.08 -0.32 2.99
N VAL A 12 5.09 0.54 3.28
CA VAL A 12 4.74 1.62 2.38
C VAL A 12 5.09 2.98 3.00
N CYS A 13 4.62 3.20 4.22
CA CYS A 13 4.87 4.45 4.92
C CYS A 13 5.71 4.21 6.18
N GLY A 14 5.74 2.95 6.62
CA GLY A 14 6.50 2.61 7.81
C GLY A 14 5.64 2.56 9.06
N ASP A 15 4.37 2.97 8.92
CA ASP A 15 3.44 2.96 10.05
C ASP A 15 3.20 1.55 10.54
N LYS A 16 3.04 1.41 11.86
CA LYS A 16 2.79 0.11 12.47
C LYS A 16 1.75 -0.67 11.68
N SER A 17 2.20 -1.69 10.95
CA SER A 17 1.29 -2.51 10.15
C SER A 17 0.29 -3.24 11.04
N SER A 18 -0.95 -3.32 10.57
CA SER A 18 -2.00 -3.99 11.33
C SER A 18 -1.95 -5.50 11.12
N GLY A 19 -1.30 -5.92 10.03
CA GLY A 19 -1.19 -7.34 9.73
C GLY A 19 -0.76 -7.59 8.30
N LYS A 20 -0.85 -8.85 7.88
CA LYS A 20 -0.46 -9.23 6.53
C LYS A 20 -1.63 -9.07 5.56
N HIS A 21 -1.83 -7.85 5.07
CA HIS A 21 -2.91 -7.56 4.14
C HIS A 21 -2.42 -7.64 2.70
N TYR A 22 -3.03 -8.52 1.90
CA TYR A 22 -2.65 -8.68 0.52
C TYR A 22 -1.28 -9.33 0.39
N GLY A 23 -1.01 -10.29 1.27
CA GLY A 23 0.27 -10.97 1.24
C GLY A 23 1.43 -10.06 1.58
N GLN A 24 1.13 -8.97 2.29
CA GLN A 24 2.15 -8.01 2.68
C GLN A 24 1.76 -7.30 3.98
N PHE A 25 2.76 -6.90 4.75
CA PHE A 25 2.53 -6.20 6.01
C PHE A 25 2.41 -4.70 5.79
N THR A 26 1.19 -4.20 5.89
CA THR A 26 0.93 -2.77 5.69
C THR A 26 -0.08 -2.25 6.70
N CYS A 27 -0.01 -0.95 7.00
CA CYS A 27 -0.92 -0.34 7.96
C CYS A 27 -2.32 -0.20 7.36
N GLU A 28 -3.32 -0.07 8.23
CA GLU A 28 -4.70 0.06 7.79
C GLU A 28 -4.85 1.21 6.81
N GLY A 29 -4.12 2.30 7.06
CA GLY A 29 -4.19 3.45 6.18
C GLY A 29 -3.85 3.12 4.75
N CYS A 30 -2.78 2.34 4.57
CA CYS A 30 -2.34 1.94 3.23
C CYS A 30 -3.17 0.77 2.71
N LYS A 31 -3.51 -0.15 3.61
CA LYS A 31 -4.30 -1.32 3.25
C LYS A 31 -5.51 -0.93 2.41
N SER A 32 -6.28 0.04 2.91
CA SER A 32 -7.47 0.51 2.20
C SER A 32 -7.09 1.33 0.98
N PHE A 33 -6.20 2.30 1.18
CA PHE A 33 -5.75 3.16 0.09
C PHE A 33 -5.32 2.34 -1.11
N PHE A 34 -4.72 1.18 -0.85
CA PHE A 34 -4.27 0.30 -1.92
C PHE A 34 -5.45 -0.34 -2.64
N LYS A 35 -6.42 -0.82 -1.88
CA LYS A 35 -7.61 -1.45 -2.45
C LYS A 35 -8.47 -0.42 -3.19
N ARG A 36 -8.95 0.58 -2.46
CA ARG A 36 -9.77 1.62 -3.05
C ARG A 36 -9.29 1.98 -4.45
N SER A 37 -7.99 1.79 -4.69
CA SER A 37 -7.41 2.09 -5.99
C SER A 37 -7.27 0.83 -6.83
N VAL A 38 -7.02 -0.30 -6.17
CA VAL A 38 -6.87 -1.58 -6.86
C VAL A 38 -8.23 -2.15 -7.25
N ARG A 39 -9.10 -2.31 -6.28
CA ARG A 39 -10.43 -2.86 -6.52
C ARG A 39 -11.20 -1.97 -7.50
N ARG A 40 -10.90 -0.67 -7.48
CA ARG A 40 -11.56 0.28 -8.36
C ARG A 40 -10.77 0.46 -9.66
N ASN A 41 -9.48 0.14 -9.61
CA ASN A 41 -8.62 0.27 -10.78
C ASN A 41 -8.36 1.73 -11.09
N LEU A 42 -8.08 2.51 -10.06
CA LEU A 42 -7.80 3.94 -10.23
C LEU A 42 -6.34 4.17 -10.59
N THR A 43 -6.02 5.41 -10.98
CA THR A 43 -4.66 5.76 -11.36
C THR A 43 -4.40 7.24 -11.15
N TYR A 44 -3.54 7.56 -10.21
CA TYR A 44 -3.19 8.95 -9.91
C TYR A 44 -1.95 9.38 -10.67
N THR A 45 -1.74 10.70 -10.75
CA THR A 45 -0.59 11.24 -11.45
C THR A 45 0.43 11.82 -10.47
N CYS A 46 1.69 11.45 -10.66
CA CYS A 46 2.77 11.93 -9.79
C CYS A 46 3.26 13.30 -10.24
N ARG A 47 3.05 14.31 -9.38
CA ARG A 47 3.48 15.67 -9.69
C ARG A 47 4.96 15.85 -9.40
N ALA A 48 5.71 14.76 -9.39
CA ALA A 48 7.14 14.80 -9.13
C ALA A 48 7.88 13.76 -9.97
N ASN A 49 9.18 13.65 -9.74
CA ASN A 49 10.01 12.69 -10.47
C ASN A 49 9.81 11.27 -9.94
N ARG A 50 8.55 10.92 -9.67
CA ARG A 50 8.23 9.59 -9.16
C ARG A 50 9.25 9.14 -8.14
N ASN A 51 9.76 10.09 -7.35
CA ASN A 51 10.76 9.78 -6.33
C ASN A 51 10.32 10.32 -4.97
N CYS A 52 9.04 10.65 -4.86
CA CYS A 52 8.49 11.17 -3.61
C CYS A 52 8.74 10.20 -2.45
N PRO A 53 9.34 10.72 -1.38
CA PRO A 53 9.65 9.93 -0.19
C PRO A 53 8.40 9.51 0.58
N ILE A 54 7.82 8.38 0.19
CA ILE A 54 6.62 7.88 0.84
C ILE A 54 6.92 7.39 2.25
N ASP A 55 6.65 8.25 3.25
CA ASP A 55 6.89 7.90 4.63
C ASP A 55 5.60 8.03 5.46
N GLN A 56 5.70 7.72 6.75
CA GLN A 56 4.54 7.79 7.64
C GLN A 56 4.46 9.17 8.29
N HIS A 57 5.59 9.67 8.76
CA HIS A 57 5.64 10.97 9.41
C HIS A 57 4.71 11.96 8.71
N HIS A 58 4.95 12.18 7.43
CA HIS A 58 4.13 13.10 6.64
C HIS A 58 2.80 12.46 6.25
N ARG A 59 1.75 13.25 6.22
CA ARG A 59 0.42 12.76 5.87
C ARG A 59 0.17 12.92 4.37
N ASN A 60 0.13 14.16 3.91
CA ASN A 60 -0.11 14.45 2.50
C ASN A 60 1.09 14.02 1.65
N GLN A 61 1.09 12.77 1.21
CA GLN A 61 2.17 12.25 0.39
C GLN A 61 1.67 11.92 -1.02
N CYS A 62 2.59 11.92 -1.97
CA CYS A 62 2.25 11.62 -3.36
C CYS A 62 1.22 10.50 -3.44
N GLN A 63 0.39 10.55 -4.47
CA GLN A 63 -0.65 9.54 -4.66
C GLN A 63 -0.12 8.37 -5.49
N TYR A 64 0.41 8.67 -6.66
CA TYR A 64 0.94 7.65 -7.55
C TYR A 64 2.06 6.86 -6.86
N CYS A 65 3.11 7.56 -6.47
CA CYS A 65 4.25 6.92 -5.80
C CYS A 65 3.77 5.99 -4.69
N ARG A 66 2.95 6.53 -3.79
CA ARG A 66 2.43 5.74 -2.67
C ARG A 66 1.69 4.51 -3.18
N LEU A 67 0.78 4.72 -4.13
CA LEU A 67 0.00 3.63 -4.70
C LEU A 67 0.91 2.55 -5.28
N LYS A 68 1.76 2.96 -6.22
CA LYS A 68 2.69 2.03 -6.85
C LYS A 68 3.53 1.30 -5.81
N LYS A 69 4.11 2.06 -4.88
CA LYS A 69 4.94 1.48 -3.84
C LYS A 69 4.34 0.16 -3.34
N CYS A 70 3.03 0.02 -3.47
CA CYS A 70 2.33 -1.19 -3.04
C CYS A 70 2.68 -2.36 -3.95
N LEU A 71 2.53 -2.16 -5.26
CA LEU A 71 2.83 -3.21 -6.23
C LEU A 71 4.32 -3.52 -6.26
N LYS A 72 5.11 -2.69 -5.58
CA LYS A 72 6.55 -2.88 -5.52
C LYS A 72 6.95 -3.72 -4.31
N VAL A 73 6.57 -3.25 -3.12
CA VAL A 73 6.88 -3.95 -1.89
C VAL A 73 6.47 -5.41 -1.98
N GLY A 74 5.39 -5.68 -2.69
CA GLY A 74 4.92 -7.04 -2.84
C GLY A 74 3.41 -7.12 -2.99
N MET A 75 2.71 -6.17 -2.36
CA MET A 75 1.24 -6.14 -2.44
C MET A 75 0.76 -6.53 -3.83
N ARG A 76 -0.11 -7.54 -3.88
CA ARG A 76 -0.65 -8.01 -5.15
C ARG A 76 -2.10 -7.54 -5.33
N ARG A 77 -2.45 -7.20 -6.57
CA ARG A 77 -3.79 -6.73 -6.88
C ARG A 77 -4.79 -7.89 -6.86
N GLU A 78 -4.34 -9.05 -7.31
CA GLU A 78 -5.20 -10.23 -7.34
C GLU A 78 -5.82 -10.49 -5.97
N ALA A 79 -5.14 -10.02 -4.92
CA ALA A 79 -5.63 -10.20 -3.57
C ALA A 79 -6.77 -9.24 -3.25
N VAL A 80 -6.70 -8.05 -3.83
CA VAL A 80 -7.73 -7.03 -3.62
C VAL A 80 -9.00 -7.37 -4.40
N GLN A 81 -9.64 -8.47 -4.02
CA GLN A 81 -10.87 -8.90 -4.67
C GLN A 81 -11.42 -10.17 -4.02
N ARG A 82 -12.73 -10.22 -3.85
CA ARG A 82 -13.38 -11.37 -3.24
C ARG A 82 -13.29 -12.59 -4.16
N GLY A 83 -13.06 -13.76 -3.56
CA GLY A 83 -12.95 -14.99 -4.32
C GLY A 83 -12.58 -16.18 -3.46
N SER A 84 -13.56 -16.69 -2.72
CA SER A 84 -13.33 -17.83 -1.85
C SER A 84 -12.44 -18.87 -2.53
N GLY A 85 -12.90 -19.40 -3.65
CA GLY A 85 -12.14 -20.39 -4.38
C GLY A 85 -11.40 -21.34 -3.47
N PRO A 86 -12.10 -22.39 -3.00
CA PRO A 86 -11.52 -23.39 -2.10
C PRO A 86 -10.50 -24.27 -2.80
N SER A 87 -10.31 -24.04 -4.09
CA SER A 87 -9.35 -24.82 -4.88
C SER A 87 -8.13 -23.98 -5.22
N SER A 88 -6.95 -24.57 -5.05
CA SER A 88 -5.70 -23.89 -5.34
C SER A 88 -5.38 -23.93 -6.83
N GLY A 89 -6.40 -23.70 -7.65
CA GLY A 89 -6.22 -23.71 -9.09
C GLY A 89 -7.30 -24.49 -9.80
ZN ZN B . 1.11 2.63 5.60
ZN ZN C . 5.42 10.86 -6.75
N GLY A 1 23.46 -4.46 18.75
CA GLY A 1 22.04 -4.70 18.65
C GLY A 1 21.29 -4.29 19.90
N SER A 2 20.02 -4.67 19.99
CA SER A 2 19.20 -4.34 21.15
C SER A 2 18.00 -5.28 21.26
N SER A 3 17.48 -5.42 22.47
CA SER A 3 16.34 -6.30 22.71
C SER A 3 15.07 -5.49 22.94
N GLY A 4 14.12 -5.62 22.02
CA GLY A 4 12.86 -4.89 22.15
C GLY A 4 11.76 -5.47 21.28
N SER A 5 10.81 -6.15 21.90
CA SER A 5 9.70 -6.76 21.18
C SER A 5 8.88 -5.69 20.45
N SER A 6 9.01 -5.66 19.13
CA SER A 6 8.29 -4.70 18.31
C SER A 6 7.49 -5.40 17.21
N GLY A 7 6.29 -4.90 16.94
CA GLY A 7 5.46 -5.49 15.91
C GLY A 7 5.96 -5.17 14.51
N ILE A 8 5.14 -5.47 13.51
CA ILE A 8 5.50 -5.21 12.12
C ILE A 8 5.11 -3.80 11.70
N GLU A 9 5.92 -3.20 10.83
CA GLU A 9 5.66 -1.85 10.34
C GLU A 9 5.17 -1.87 8.90
N CYS A 10 4.64 -0.74 8.45
CA CYS A 10 4.12 -0.63 7.09
C CYS A 10 5.27 -0.47 6.10
N VAL A 11 5.37 -1.39 5.15
CA VAL A 11 6.40 -1.35 4.13
C VAL A 11 6.16 -0.22 3.14
N VAL A 12 5.11 0.56 3.39
CA VAL A 12 4.77 1.67 2.51
C VAL A 12 5.09 3.01 3.16
N CYS A 13 4.57 3.21 4.37
CA CYS A 13 4.82 4.45 5.11
C CYS A 13 5.62 4.18 6.37
N GLY A 14 5.67 2.92 6.79
CA GLY A 14 6.40 2.55 7.98
C GLY A 14 5.53 2.47 9.21
N ASP A 15 4.26 2.85 9.06
CA ASP A 15 3.32 2.82 10.17
C ASP A 15 3.08 1.39 10.64
N LYS A 16 2.97 1.22 11.96
CA LYS A 16 2.75 -0.09 12.54
C LYS A 16 1.69 -0.87 11.76
N SER A 17 2.13 -1.88 11.03
CA SER A 17 1.23 -2.69 10.23
C SER A 17 0.31 -3.52 11.12
N SER A 18 -0.95 -3.64 10.71
CA SER A 18 -1.95 -4.38 11.48
C SER A 18 -1.80 -5.88 11.21
N GLY A 19 -1.20 -6.23 10.08
CA GLY A 19 -1.01 -7.63 9.74
C GLY A 19 -0.70 -7.82 8.27
N LYS A 20 -0.59 -9.08 7.85
CA LYS A 20 -0.29 -9.40 6.46
C LYS A 20 -1.50 -9.13 5.58
N HIS A 21 -1.53 -7.95 4.95
CA HIS A 21 -2.63 -7.58 4.07
C HIS A 21 -2.20 -7.64 2.61
N TYR A 22 -2.88 -8.48 1.83
CA TYR A 22 -2.56 -8.64 0.42
C TYR A 22 -1.19 -9.28 0.23
N GLY A 23 -0.84 -10.21 1.11
CA GLY A 23 0.44 -10.87 1.03
C GLY A 23 1.59 -9.98 1.46
N GLN A 24 1.26 -8.85 2.07
CA GLN A 24 2.27 -7.91 2.53
C GLN A 24 1.81 -7.20 3.80
N PHE A 25 2.77 -6.86 4.66
CA PHE A 25 2.47 -6.19 5.91
C PHE A 25 2.33 -4.68 5.71
N THR A 26 1.09 -4.20 5.79
CA THR A 26 0.82 -2.78 5.60
C THR A 26 -0.22 -2.27 6.61
N CYS A 27 -0.05 -1.03 7.05
CA CYS A 27 -0.96 -0.44 8.02
C CYS A 27 -2.38 -0.37 7.46
N GLU A 28 -3.32 0.07 8.28
CA GLU A 28 -4.71 0.19 7.86
C GLU A 28 -4.89 1.37 6.91
N GLY A 29 -4.06 2.39 7.07
CA GLY A 29 -4.13 3.55 6.21
C GLY A 29 -3.81 3.25 4.76
N CYS A 30 -2.81 2.38 4.57
CA CYS A 30 -2.40 2.00 3.22
C CYS A 30 -3.22 0.82 2.71
N LYS A 31 -3.48 -0.13 3.60
CA LYS A 31 -4.27 -1.31 3.24
C LYS A 31 -5.47 -0.94 2.38
N SER A 32 -6.22 0.07 2.82
CA SER A 32 -7.39 0.52 2.09
C SER A 32 -6.99 1.35 0.87
N PHE A 33 -6.07 2.28 1.08
CA PHE A 33 -5.59 3.14 0.01
C PHE A 33 -5.22 2.32 -1.23
N PHE A 34 -4.76 1.09 -0.99
CA PHE A 34 -4.36 0.20 -2.09
C PHE A 34 -5.59 -0.38 -2.78
N LYS A 35 -6.49 -0.96 -1.99
CA LYS A 35 -7.70 -1.56 -2.53
C LYS A 35 -8.56 -0.51 -3.22
N ARG A 36 -8.95 0.53 -2.47
CA ARG A 36 -9.78 1.59 -3.01
C ARG A 36 -9.27 2.02 -4.39
N SER A 37 -8.00 1.76 -4.66
CA SER A 37 -7.39 2.13 -5.93
C SER A 37 -7.36 0.93 -6.88
N VAL A 38 -7.16 -0.26 -6.31
CA VAL A 38 -7.11 -1.48 -7.10
C VAL A 38 -8.51 -1.95 -7.48
N ARG A 39 -9.35 -2.15 -6.48
CA ARG A 39 -10.72 -2.59 -6.70
C ARG A 39 -11.43 -1.69 -7.70
N ARG A 40 -11.12 -0.40 -7.65
CA ARG A 40 -11.72 0.57 -8.55
C ARG A 40 -10.85 0.80 -9.78
N ASN A 41 -9.59 0.39 -9.69
CA ASN A 41 -8.65 0.55 -10.79
C ASN A 41 -8.37 2.02 -11.06
N LEU A 42 -8.20 2.79 -9.99
CA LEU A 42 -7.92 4.21 -10.10
C LEU A 42 -6.49 4.46 -10.58
N THR A 43 -6.32 5.48 -11.41
CA THR A 43 -5.01 5.82 -11.95
C THR A 43 -4.61 7.24 -11.56
N TYR A 44 -3.57 7.35 -10.74
CA TYR A 44 -3.08 8.65 -10.28
C TYR A 44 -1.95 9.14 -11.18
N THR A 45 -1.82 10.46 -11.28
CA THR A 45 -0.78 11.07 -12.10
C THR A 45 0.21 11.85 -11.24
N CYS A 46 1.21 11.14 -10.71
CA CYS A 46 2.23 11.76 -9.88
C CYS A 46 2.57 13.17 -10.38
N ARG A 47 2.25 14.18 -9.59
CA ARG A 47 2.53 15.56 -9.96
C ARG A 47 4.00 15.89 -9.74
N ALA A 48 4.81 14.87 -9.51
CA ALA A 48 6.24 15.06 -9.29
C ALA A 48 7.05 14.08 -10.13
N ASN A 49 8.37 14.07 -9.90
CA ASN A 49 9.26 13.18 -10.63
C ASN A 49 9.22 11.77 -10.05
N ARG A 50 8.03 11.32 -9.68
CA ARG A 50 7.85 9.99 -9.11
C ARG A 50 8.93 9.70 -8.07
N ASN A 51 9.31 10.74 -7.32
CA ASN A 51 10.33 10.59 -6.29
C ASN A 51 9.81 11.09 -4.94
N CYS A 52 8.49 11.20 -4.83
CA CYS A 52 7.87 11.67 -3.59
C CYS A 52 8.16 10.71 -2.44
N PRO A 53 8.65 11.26 -1.32
CA PRO A 53 8.97 10.47 -0.13
C PRO A 53 7.74 9.93 0.57
N ILE A 54 7.41 8.68 0.31
CA ILE A 54 6.25 8.04 0.91
C ILE A 54 6.56 7.53 2.32
N ASP A 55 6.42 8.42 3.29
CA ASP A 55 6.69 8.06 4.69
C ASP A 55 5.47 8.35 5.57
N GLN A 56 5.36 7.62 6.67
CA GLN A 56 4.24 7.80 7.59
C GLN A 56 4.29 9.17 8.25
N HIS A 57 5.46 9.54 8.75
CA HIS A 57 5.65 10.83 9.41
C HIS A 57 4.82 11.91 8.73
N HIS A 58 4.91 11.96 7.41
CA HIS A 58 4.15 12.96 6.64
C HIS A 58 2.71 12.51 6.43
N ARG A 59 1.78 13.44 6.52
CA ARG A 59 0.37 13.14 6.35
C ARG A 59 0.01 13.07 4.87
N ASN A 60 0.54 14.02 4.08
CA ASN A 60 0.27 14.06 2.65
C ASN A 60 1.32 13.26 1.88
N GLN A 61 0.86 12.18 1.25
CA GLN A 61 1.76 11.32 0.47
C GLN A 61 1.26 11.18 -0.96
N CYS A 62 2.14 11.44 -1.92
CA CYS A 62 1.79 11.34 -3.33
C CYS A 62 0.89 10.13 -3.58
N GLN A 63 -0.17 10.34 -4.36
CA GLN A 63 -1.10 9.28 -4.68
C GLN A 63 -0.42 8.17 -5.47
N TYR A 64 0.06 8.51 -6.66
CA TYR A 64 0.73 7.55 -7.52
C TYR A 64 1.85 6.83 -6.77
N CYS A 65 2.94 7.56 -6.51
CA CYS A 65 4.08 6.99 -5.80
C CYS A 65 3.62 6.04 -4.71
N ARG A 66 2.85 6.55 -3.75
CA ARG A 66 2.34 5.74 -2.65
C ARG A 66 1.74 4.44 -3.17
N LEU A 67 0.80 4.56 -4.10
CA LEU A 67 0.13 3.39 -4.68
C LEU A 67 1.15 2.42 -5.25
N LYS A 68 1.99 2.90 -6.17
CA LYS A 68 3.01 2.07 -6.78
C LYS A 68 3.82 1.32 -5.72
N LYS A 69 4.29 2.06 -4.72
CA LYS A 69 5.08 1.47 -3.65
C LYS A 69 4.47 0.15 -3.19
N CYS A 70 3.16 0.02 -3.36
CA CYS A 70 2.46 -1.21 -2.98
C CYS A 70 2.80 -2.36 -3.91
N LEU A 71 2.62 -2.15 -5.21
CA LEU A 71 2.91 -3.16 -6.21
C LEU A 71 4.40 -3.46 -6.25
N LYS A 72 5.19 -2.67 -5.53
CA LYS A 72 6.63 -2.85 -5.49
C LYS A 72 7.04 -3.69 -4.28
N VAL A 73 6.70 -3.21 -3.09
CA VAL A 73 7.03 -3.91 -1.86
C VAL A 73 6.63 -5.38 -1.94
N GLY A 74 5.48 -5.65 -2.55
CA GLY A 74 5.02 -7.01 -2.69
C GLY A 74 3.51 -7.10 -2.82
N MET A 75 2.80 -6.12 -2.26
CA MET A 75 1.35 -6.08 -2.32
C MET A 75 0.85 -6.48 -3.70
N ARG A 76 -0.06 -7.44 -3.75
CA ARG A 76 -0.62 -7.90 -5.03
C ARG A 76 -2.05 -7.41 -5.20
N ARG A 77 -2.43 -7.13 -6.45
CA ARG A 77 -3.77 -6.66 -6.74
C ARG A 77 -4.78 -7.80 -6.70
N GLU A 78 -4.45 -8.90 -7.37
CA GLU A 78 -5.33 -10.06 -7.40
C GLU A 78 -6.02 -10.26 -6.06
N ALA A 79 -5.26 -10.12 -4.98
CA ALA A 79 -5.81 -10.28 -3.63
C ALA A 79 -7.01 -9.36 -3.42
N VAL A 80 -6.82 -8.08 -3.67
CA VAL A 80 -7.90 -7.10 -3.51
C VAL A 80 -9.21 -7.64 -4.05
N GLN A 81 -9.14 -8.34 -5.17
CA GLN A 81 -10.33 -8.91 -5.80
C GLN A 81 -10.14 -10.40 -6.08
N ARG A 82 -10.46 -11.24 -5.10
CA ARG A 82 -10.31 -12.67 -5.25
C ARG A 82 -10.92 -13.15 -6.57
N GLY A 83 -10.73 -14.43 -6.88
CA GLY A 83 -11.27 -14.99 -8.11
C GLY A 83 -11.83 -16.38 -7.92
N SER A 84 -11.08 -17.23 -7.24
CA SER A 84 -11.50 -18.60 -6.99
C SER A 84 -12.88 -18.63 -6.34
N GLY A 85 -12.97 -18.05 -5.14
CA GLY A 85 -14.24 -18.02 -4.43
C GLY A 85 -14.37 -19.15 -3.43
N PRO A 86 -15.03 -18.87 -2.30
CA PRO A 86 -15.23 -19.86 -1.24
C PRO A 86 -16.20 -20.97 -1.65
N SER A 87 -17.24 -20.60 -2.41
CA SER A 87 -18.23 -21.56 -2.87
C SER A 87 -19.20 -20.91 -3.85
N SER A 88 -19.22 -21.42 -5.08
CA SER A 88 -20.10 -20.89 -6.12
C SER A 88 -21.56 -20.99 -5.69
N GLY A 89 -21.94 -22.15 -5.17
CA GLY A 89 -23.32 -22.36 -4.73
C GLY A 89 -24.20 -22.94 -5.84
ZN ZN B . 1.02 2.61 5.68
ZN ZN C . 4.97 10.97 -6.79
#